data_2MYY
#
_entry.id   2MYY
#
_entity_poly.entity_id   1
_entity_poly.type   'polypeptide(L)'
_entity_poly.pdbx_seq_one_letter_code
;GPGSMKIMSDNPFDDEDGMFFVLINDEEQHSLWPTFADVPAGWRVVFGEASRASCVEYVDQHWTDIRPKSLREKLASGQG
;
_entity_poly.pdbx_strand_id   A
#
# COMPACT_ATOMS: atom_id res chain seq x y z
N GLY A 1 6.32 7.21 -26.99
CA GLY A 1 6.69 6.91 -25.58
C GLY A 1 5.47 6.77 -24.69
N PRO A 2 5.65 6.79 -23.36
CA PRO A 2 4.54 6.70 -22.41
C PRO A 2 3.81 8.04 -22.27
N GLY A 3 2.64 8.02 -21.63
CA GLY A 3 1.88 9.24 -21.44
C GLY A 3 0.65 9.02 -20.57
N SER A 4 0.45 9.93 -19.63
CA SER A 4 -0.72 9.88 -18.75
C SER A 4 -1.92 10.51 -19.45
N MET A 5 -3.12 10.02 -19.13
CA MET A 5 -4.35 10.57 -19.69
C MET A 5 -4.79 11.80 -18.90
N LYS A 6 -4.20 11.97 -17.71
CA LYS A 6 -4.52 13.10 -16.85
C LYS A 6 -3.24 13.74 -16.31
N ILE A 7 -3.10 15.04 -16.53
CA ILE A 7 -1.92 15.80 -16.09
C ILE A 7 -2.08 16.30 -14.66
N MET A 8 -3.19 15.94 -14.02
CA MET A 8 -3.51 16.43 -12.69
C MET A 8 -2.56 15.85 -11.64
N SER A 9 -1.98 16.73 -10.84
CA SER A 9 -1.12 16.33 -9.72
C SER A 9 -1.93 16.33 -8.41
N ASP A 10 -3.23 16.07 -8.55
CA ASP A 10 -4.15 16.07 -7.42
C ASP A 10 -3.90 14.85 -6.52
N ASN A 11 -4.51 14.85 -5.34
CA ASN A 11 -4.41 13.75 -4.38
C ASN A 11 -5.73 12.96 -4.32
N PRO A 12 -5.96 12.01 -5.25
CA PRO A 12 -7.14 11.15 -5.25
C PRO A 12 -6.86 9.74 -4.71
N PHE A 13 -5.59 9.43 -4.48
CA PHE A 13 -5.18 8.06 -4.15
C PHE A 13 -5.08 7.86 -2.64
N ASP A 14 -5.11 8.96 -1.90
CA ASP A 14 -4.95 8.92 -0.45
C ASP A 14 -6.22 9.40 0.26
N ASP A 15 -7.34 9.40 -0.47
CA ASP A 15 -8.65 9.69 0.12
C ASP A 15 -9.19 8.44 0.81
N GLU A 16 -9.29 8.48 2.13
CA GLU A 16 -9.85 7.34 2.88
C GLU A 16 -11.32 7.13 2.53
N ASP A 17 -11.90 8.12 1.85
CA ASP A 17 -13.27 8.03 1.35
C ASP A 17 -13.34 7.05 0.18
N GLY A 18 -12.19 6.76 -0.40
CA GLY A 18 -12.12 5.77 -1.47
C GLY A 18 -11.75 4.40 -0.92
N MET A 19 -12.10 3.36 -1.67
CA MET A 19 -11.81 1.99 -1.26
C MET A 19 -10.55 1.50 -1.95
N PHE A 20 -9.61 0.95 -1.18
CA PHE A 20 -8.33 0.51 -1.70
C PHE A 20 -8.12 -0.98 -1.46
N PHE A 21 -7.21 -1.59 -2.20
CA PHE A 21 -6.84 -2.99 -1.98
C PHE A 21 -5.40 -3.10 -1.51
N VAL A 22 -5.12 -4.14 -0.72
CA VAL A 22 -3.78 -4.36 -0.19
C VAL A 22 -3.08 -5.41 -1.04
N LEU A 23 -1.91 -5.04 -1.54
CA LEU A 23 -1.14 -5.91 -2.43
C LEU A 23 0.10 -6.44 -1.71
N ILE A 24 0.76 -7.43 -2.32
CA ILE A 24 2.03 -7.94 -1.80
C ILE A 24 2.94 -8.37 -2.95
N ASN A 25 4.23 -8.23 -2.74
CA ASN A 25 5.24 -8.83 -3.62
C ASN A 25 5.98 -9.89 -2.81
N ASP A 26 6.46 -10.92 -3.48
CA ASP A 26 6.97 -12.13 -2.83
C ASP A 26 8.06 -11.84 -1.79
N GLU A 27 8.67 -10.67 -1.86
CA GLU A 27 9.63 -10.26 -0.83
C GLU A 27 8.89 -9.69 0.38
N GLU A 28 7.67 -10.19 0.61
CA GLU A 28 6.77 -9.70 1.65
C GLU A 28 6.64 -8.18 1.59
N GLN A 29 6.65 -7.64 0.37
CA GLN A 29 6.49 -6.22 0.17
C GLN A 29 5.00 -5.88 0.15
N HIS A 30 4.56 -5.09 1.12
CA HIS A 30 3.15 -4.74 1.22
C HIS A 30 2.94 -3.29 0.81
N SER A 31 1.82 -3.02 0.16
CA SER A 31 1.50 -1.70 -0.34
C SER A 31 -0.01 -1.55 -0.46
N LEU A 32 -0.48 -0.31 -0.56
CA LEU A 32 -1.90 -0.03 -0.63
C LEU A 32 -2.22 0.67 -1.95
N TRP A 33 -3.04 0.03 -2.78
CA TRP A 33 -3.29 0.49 -4.13
C TRP A 33 -4.75 0.92 -4.28
N PRO A 34 -5.01 2.08 -4.92
CA PRO A 34 -6.36 2.61 -5.09
C PRO A 34 -7.09 2.01 -6.31
N THR A 35 -8.42 2.00 -6.24
CA THR A 35 -9.26 1.49 -7.33
C THR A 35 -9.10 2.35 -8.59
N PHE A 36 -8.51 3.54 -8.43
CA PHE A 36 -8.29 4.46 -9.53
C PHE A 36 -7.06 4.06 -10.36
N ALA A 37 -6.42 2.96 -9.96
CA ALA A 37 -5.23 2.46 -10.65
C ALA A 37 -5.30 0.94 -10.79
N ASP A 38 -4.64 0.42 -11.82
CA ASP A 38 -4.61 -1.02 -12.07
C ASP A 38 -3.52 -1.67 -11.25
N VAL A 39 -3.73 -2.92 -10.85
CA VAL A 39 -2.78 -3.65 -10.02
C VAL A 39 -1.45 -3.84 -10.76
N PRO A 40 -0.34 -3.32 -10.21
CA PRO A 40 0.98 -3.39 -10.85
C PRO A 40 1.51 -4.82 -10.94
N ALA A 41 1.93 -5.21 -12.15
CA ALA A 41 2.46 -6.55 -12.39
C ALA A 41 3.61 -6.85 -11.43
N GLY A 42 3.51 -8.00 -10.77
CA GLY A 42 4.49 -8.36 -9.75
C GLY A 42 3.89 -8.31 -8.36
N TRP A 43 2.79 -7.57 -8.23
CA TRP A 43 2.08 -7.45 -6.95
C TRP A 43 0.73 -8.16 -7.03
N ARG A 44 0.44 -9.00 -6.05
CA ARG A 44 -0.85 -9.72 -6.00
C ARG A 44 -1.74 -9.14 -4.90
N VAL A 45 -3.03 -9.12 -5.16
CA VAL A 45 -4.00 -8.55 -4.21
C VAL A 45 -4.23 -9.52 -3.04
N VAL A 46 -3.81 -9.12 -1.85
CA VAL A 46 -4.02 -9.93 -0.65
C VAL A 46 -5.36 -9.57 -0.01
N PHE A 47 -5.73 -8.30 -0.14
CA PHE A 47 -7.00 -7.81 0.40
C PHE A 47 -7.72 -7.02 -0.68
N GLY A 48 -8.93 -7.44 -1.02
CA GLY A 48 -9.70 -6.78 -2.06
C GLY A 48 -10.04 -5.34 -1.70
N GLU A 49 -10.64 -4.63 -2.66
CA GLU A 49 -11.04 -3.24 -2.44
C GLU A 49 -11.95 -3.11 -1.23
N ALA A 50 -11.47 -2.41 -0.21
CA ALA A 50 -12.19 -2.19 1.04
C ALA A 50 -11.95 -0.77 1.54
N SER A 51 -12.75 -0.34 2.51
CA SER A 51 -12.60 0.98 3.11
C SER A 51 -11.18 1.14 3.66
N ARG A 52 -10.60 2.33 3.47
CA ARG A 52 -9.17 2.56 3.77
C ARG A 52 -8.76 2.04 5.15
N ALA A 53 -9.68 2.11 6.11
CA ALA A 53 -9.37 1.72 7.48
C ALA A 53 -9.11 0.21 7.60
N SER A 54 -9.95 -0.59 6.94
CA SER A 54 -9.80 -2.05 6.97
C SER A 54 -8.48 -2.43 6.31
N CYS A 55 -8.19 -1.78 5.19
CA CYS A 55 -6.95 -1.97 4.47
C CYS A 55 -5.75 -1.71 5.39
N VAL A 56 -5.74 -0.53 6.02
CA VAL A 56 -4.65 -0.14 6.91
C VAL A 56 -4.53 -1.09 8.09
N GLU A 57 -5.68 -1.48 8.65
CA GLU A 57 -5.70 -2.39 9.79
C GLU A 57 -5.01 -3.71 9.42
N TYR A 58 -5.31 -4.20 8.22
CA TYR A 58 -4.70 -5.44 7.73
C TYR A 58 -3.19 -5.26 7.53
N VAL A 59 -2.80 -4.24 6.76
CA VAL A 59 -1.39 -3.95 6.48
C VAL A 59 -0.61 -3.82 7.79
N ASP A 60 -1.21 -3.13 8.75
CA ASP A 60 -0.57 -2.83 10.03
C ASP A 60 -0.26 -4.10 10.80
N GLN A 61 -1.01 -5.16 10.54
CA GLN A 61 -0.79 -6.44 11.20
C GLN A 61 0.07 -7.37 10.33
N HIS A 62 0.07 -7.12 9.03
CA HIS A 62 0.68 -8.04 8.07
C HIS A 62 2.15 -7.70 7.77
N TRP A 63 2.76 -6.84 8.58
CA TRP A 63 4.20 -6.58 8.45
C TRP A 63 4.97 -7.90 8.48
N THR A 64 4.69 -8.71 9.51
CA THR A 64 5.19 -10.09 9.64
C THR A 64 6.71 -10.20 9.42
N ASP A 65 7.43 -9.09 9.58
CA ASP A 65 8.89 -9.04 9.43
C ASP A 65 9.29 -9.25 7.97
N ILE A 66 9.90 -8.23 7.37
CA ILE A 66 10.20 -8.20 5.95
C ILE A 66 11.40 -9.09 5.61
N ARG A 67 11.39 -9.67 4.40
CA ARG A 67 12.45 -10.59 3.97
C ARG A 67 13.76 -9.85 3.63
N PRO A 68 13.77 -8.94 2.62
CA PRO A 68 14.98 -8.22 2.23
C PRO A 68 15.43 -7.21 3.29
N LYS A 69 16.70 -7.27 3.66
CA LYS A 69 17.26 -6.37 4.66
C LYS A 69 17.67 -5.04 4.03
N SER A 70 16.90 -3.99 4.28
CA SER A 70 17.19 -2.68 3.73
C SER A 70 17.62 -1.73 4.85
N LEU A 71 18.50 -0.80 4.50
CA LEU A 71 18.96 0.24 5.43
C LEU A 71 18.67 1.61 4.85
N ARG A 72 18.05 1.64 3.67
CA ARG A 72 17.71 2.89 3.00
C ARG A 72 16.28 3.29 3.37
N GLU A 73 16.10 4.52 3.83
CA GLU A 73 14.80 4.98 4.32
C GLU A 73 14.46 6.37 3.79
N LYS A 74 13.19 6.74 3.89
CA LYS A 74 12.72 8.08 3.59
C LYS A 74 12.62 8.87 4.90
N LEU A 75 11.77 8.38 5.80
CA LEU A 75 11.61 8.94 7.13
C LEU A 75 10.84 7.97 8.01
N ALA A 76 11.16 7.93 9.29
CA ALA A 76 10.55 6.98 10.22
C ALA A 76 9.15 7.43 10.66
N SER A 77 8.74 8.61 10.21
CA SER A 77 7.44 9.17 10.58
C SER A 77 6.93 10.10 9.47
N GLY A 78 5.79 10.73 9.74
CA GLY A 78 5.20 11.66 8.78
C GLY A 78 4.01 12.38 9.34
N GLN A 79 3.80 13.62 8.89
CA GLN A 79 2.66 14.42 9.33
C GLN A 79 2.10 15.22 8.18
N GLY A 80 0.90 15.75 8.36
CA GLY A 80 0.24 16.51 7.33
C GLY A 80 -1.07 17.09 7.81
N GLY A 1 16.60 9.74 -11.50
CA GLY A 1 15.46 9.71 -12.45
C GLY A 1 14.59 10.94 -12.33
N PRO A 2 13.56 11.07 -13.19
CA PRO A 2 12.67 12.24 -13.21
C PRO A 2 11.62 12.20 -12.09
N GLY A 3 11.81 11.30 -11.13
CA GLY A 3 10.88 11.17 -10.01
C GLY A 3 11.48 11.67 -8.71
N SER A 4 12.13 12.83 -8.79
CA SER A 4 12.76 13.43 -7.62
C SER A 4 11.71 14.06 -6.70
N MET A 5 11.16 13.26 -5.80
CA MET A 5 10.15 13.73 -4.86
C MET A 5 10.79 14.57 -3.75
N LYS A 6 10.76 15.88 -3.93
CA LYS A 6 11.32 16.81 -2.95
C LYS A 6 10.21 17.33 -2.03
N ILE A 7 9.02 17.48 -2.60
CA ILE A 7 7.87 17.98 -1.85
C ILE A 7 6.91 16.84 -1.53
N MET A 8 6.55 16.71 -0.26
CA MET A 8 5.62 15.68 0.18
C MET A 8 4.18 16.10 -0.12
N SER A 9 3.81 16.04 -1.40
CA SER A 9 2.45 16.36 -1.82
C SER A 9 1.49 15.22 -1.48
N ASP A 10 0.20 15.51 -1.48
CA ASP A 10 -0.82 14.51 -1.17
C ASP A 10 -1.33 13.84 -2.44
N ASN A 11 -2.11 12.77 -2.28
CA ASN A 11 -2.77 12.12 -3.40
C ASN A 11 -4.26 12.46 -3.39
N PRO A 12 -4.81 12.97 -4.51
CA PRO A 12 -6.22 13.35 -4.61
C PRO A 12 -7.16 12.15 -4.61
N PHE A 13 -6.57 10.96 -4.59
CA PHE A 13 -7.33 9.70 -4.59
C PHE A 13 -7.05 8.90 -3.33
N ASP A 14 -6.45 9.54 -2.32
CA ASP A 14 -6.01 8.85 -1.10
C ASP A 14 -6.91 9.21 0.09
N ASP A 15 -8.18 9.52 -0.20
CA ASP A 15 -9.13 9.85 0.86
C ASP A 15 -9.72 8.57 1.47
N GLU A 16 -10.11 8.66 2.74
CA GLU A 16 -10.62 7.50 3.49
C GLU A 16 -11.84 6.88 2.82
N ASP A 17 -12.63 7.72 2.15
CA ASP A 17 -13.87 7.28 1.51
C ASP A 17 -13.59 6.42 0.28
N GLY A 18 -12.40 6.57 -0.29
CA GLY A 18 -12.03 5.78 -1.44
C GLY A 18 -11.68 4.35 -1.04
N MET A 19 -12.38 3.39 -1.61
CA MET A 19 -12.10 1.98 -1.32
C MET A 19 -10.81 1.56 -2.02
N PHE A 20 -9.89 0.98 -1.26
CA PHE A 20 -8.58 0.58 -1.79
C PHE A 20 -8.33 -0.90 -1.48
N PHE A 21 -7.28 -1.47 -2.07
CA PHE A 21 -6.86 -2.84 -1.80
C PHE A 21 -5.43 -2.88 -1.28
N VAL A 22 -5.08 -3.98 -0.60
CA VAL A 22 -3.74 -4.18 -0.09
C VAL A 22 -3.06 -5.25 -0.93
N LEU A 23 -1.87 -4.93 -1.43
CA LEU A 23 -1.15 -5.84 -2.33
C LEU A 23 0.03 -6.50 -1.61
N ILE A 24 0.68 -7.44 -2.29
CA ILE A 24 1.88 -8.08 -1.76
C ILE A 24 2.81 -8.50 -2.90
N ASN A 25 4.10 -8.60 -2.59
CA ASN A 25 5.08 -9.21 -3.47
C ASN A 25 5.79 -10.30 -2.68
N ASP A 26 6.24 -11.34 -3.38
CA ASP A 26 6.70 -12.61 -2.75
C ASP A 26 7.85 -12.40 -1.77
N GLU A 27 8.45 -11.22 -1.82
CA GLU A 27 9.40 -10.78 -0.79
C GLU A 27 8.64 -10.04 0.30
N GLU A 28 7.42 -10.52 0.55
CA GLU A 28 6.58 -10.05 1.65
C GLU A 28 6.35 -8.56 1.59
N GLN A 29 6.47 -7.99 0.39
CA GLN A 29 6.31 -6.56 0.21
C GLN A 29 4.84 -6.19 0.40
N HIS A 30 4.58 -4.95 0.75
CA HIS A 30 3.21 -4.49 1.00
C HIS A 30 3.05 -3.06 0.53
N SER A 31 1.82 -2.71 0.17
CA SER A 31 1.51 -1.40 -0.37
C SER A 31 0.00 -1.27 -0.52
N LEU A 32 -0.49 -0.06 -0.32
CA LEU A 32 -1.92 0.22 -0.39
C LEU A 32 -2.23 0.86 -1.76
N TRP A 33 -3.02 0.16 -2.57
CA TRP A 33 -3.26 0.58 -3.95
C TRP A 33 -4.75 0.94 -4.13
N PRO A 34 -5.05 2.09 -4.79
CA PRO A 34 -6.41 2.58 -4.97
C PRO A 34 -7.14 1.92 -6.15
N THR A 35 -8.47 1.90 -6.06
CA THR A 35 -9.33 1.36 -7.12
C THR A 35 -9.17 2.17 -8.41
N PHE A 36 -8.68 3.41 -8.26
CA PHE A 36 -8.52 4.34 -9.37
C PHE A 36 -7.26 4.04 -10.17
N ALA A 37 -6.59 2.93 -9.84
CA ALA A 37 -5.40 2.50 -10.54
C ALA A 37 -5.38 0.98 -10.66
N ASP A 38 -4.70 0.47 -11.69
CA ASP A 38 -4.60 -0.98 -11.91
C ASP A 38 -3.46 -1.56 -11.09
N VAL A 39 -3.60 -2.83 -10.71
CA VAL A 39 -2.59 -3.54 -9.94
C VAL A 39 -1.33 -3.76 -10.78
N PRO A 40 -0.18 -3.22 -10.33
CA PRO A 40 1.08 -3.34 -11.07
C PRO A 40 1.56 -4.80 -11.16
N ALA A 41 1.97 -5.20 -12.37
CA ALA A 41 2.47 -6.56 -12.60
C ALA A 41 3.62 -6.88 -11.66
N GLY A 42 3.51 -8.00 -10.96
CA GLY A 42 4.49 -8.36 -9.94
C GLY A 42 3.91 -8.26 -8.55
N TRP A 43 2.80 -7.53 -8.42
CA TRP A 43 2.09 -7.44 -7.15
C TRP A 43 0.75 -8.15 -7.25
N ARG A 44 0.30 -8.79 -6.18
CA ARG A 44 -1.00 -9.45 -6.16
C ARG A 44 -1.86 -8.88 -5.03
N VAL A 45 -3.17 -8.88 -5.23
CA VAL A 45 -4.10 -8.33 -4.26
C VAL A 45 -4.34 -9.33 -3.13
N VAL A 46 -3.99 -8.95 -1.91
CA VAL A 46 -4.25 -9.79 -0.75
C VAL A 46 -5.55 -9.39 -0.09
N PHE A 47 -5.85 -8.10 -0.12
CA PHE A 47 -7.07 -7.56 0.46
C PHE A 47 -7.82 -6.78 -0.59
N GLY A 48 -9.01 -7.27 -0.97
CA GLY A 48 -9.79 -6.64 -2.01
C GLY A 48 -10.28 -5.24 -1.64
N GLU A 49 -11.03 -4.62 -2.55
CA GLU A 49 -11.51 -3.25 -2.38
C GLU A 49 -12.29 -3.12 -1.06
N ALA A 50 -11.80 -2.26 -0.18
CA ALA A 50 -12.42 -2.05 1.14
C ALA A 50 -12.12 -0.65 1.64
N SER A 51 -12.84 -0.23 2.68
CA SER A 51 -12.64 1.08 3.29
C SER A 51 -11.21 1.22 3.81
N ARG A 52 -10.74 2.47 3.92
CA ARG A 52 -9.36 2.75 4.31
C ARG A 52 -8.97 2.05 5.61
N ALA A 53 -9.82 2.19 6.63
CA ALA A 53 -9.55 1.61 7.95
C ALA A 53 -9.30 0.10 7.87
N SER A 54 -10.02 -0.56 6.98
CA SER A 54 -9.89 -2.00 6.80
C SER A 54 -8.51 -2.33 6.20
N CYS A 55 -8.18 -1.60 5.14
CA CYS A 55 -6.90 -1.77 4.46
C CYS A 55 -5.75 -1.50 5.43
N VAL A 56 -5.82 -0.38 6.16
CA VAL A 56 -4.81 0.00 7.12
C VAL A 56 -4.67 -1.06 8.21
N GLU A 57 -5.82 -1.59 8.65
CA GLU A 57 -5.83 -2.62 9.68
C GLU A 57 -5.06 -3.84 9.21
N TYR A 58 -5.33 -4.28 7.98
CA TYR A 58 -4.64 -5.44 7.43
C TYR A 58 -3.14 -5.18 7.28
N VAL A 59 -2.79 -3.99 6.79
CA VAL A 59 -1.38 -3.61 6.66
C VAL A 59 -0.67 -3.77 7.99
N ASP A 60 -1.34 -3.35 9.07
CA ASP A 60 -0.81 -3.49 10.43
C ASP A 60 -0.70 -4.98 10.80
N GLN A 61 -1.70 -5.76 10.39
CA GLN A 61 -1.70 -7.21 10.65
C GLN A 61 -0.57 -7.91 9.88
N HIS A 62 -0.14 -7.30 8.78
CA HIS A 62 0.91 -7.88 7.94
C HIS A 62 2.29 -7.43 8.43
N TRP A 63 2.34 -6.83 9.62
CA TRP A 63 3.59 -6.35 10.23
C TRP A 63 4.59 -7.48 10.45
N THR A 64 4.13 -8.73 10.29
CA THR A 64 4.98 -9.90 10.47
C THR A 64 5.76 -10.22 9.19
N ASP A 65 5.85 -9.25 8.27
CA ASP A 65 6.57 -9.44 7.01
C ASP A 65 8.07 -9.29 7.22
N ILE A 66 8.85 -10.17 6.60
CA ILE A 66 10.30 -10.16 6.75
C ILE A 66 10.99 -9.41 5.63
N ARG A 67 10.56 -9.69 4.43
CA ARG A 67 11.08 -9.02 3.23
C ARG A 67 12.55 -9.38 3.00
N PRO A 68 12.81 -10.52 2.32
CA PRO A 68 14.18 -10.97 2.03
C PRO A 68 14.91 -10.02 1.09
N LYS A 69 14.16 -9.13 0.44
CA LYS A 69 14.73 -8.20 -0.52
C LYS A 69 13.85 -6.95 -0.67
N SER A 70 14.50 -5.81 -0.90
CA SER A 70 13.83 -4.57 -1.26
C SER A 70 14.67 -3.84 -2.30
N LEU A 71 14.03 -3.33 -3.36
CA LEU A 71 14.76 -2.77 -4.50
C LEU A 71 14.87 -1.26 -4.41
N ARG A 72 15.85 -0.71 -5.13
CA ARG A 72 16.12 0.74 -5.16
C ARG A 72 14.85 1.54 -5.47
N GLU A 73 14.07 1.07 -6.43
CA GLU A 73 12.85 1.77 -6.84
C GLU A 73 11.60 1.01 -6.40
N LYS A 74 11.76 0.23 -5.33
CA LYS A 74 10.64 -0.44 -4.68
C LYS A 74 10.69 -0.14 -3.19
N LEU A 75 10.15 1.01 -2.81
CA LEU A 75 10.14 1.45 -1.42
C LEU A 75 8.96 2.38 -1.16
N ALA A 76 8.28 2.17 -0.04
CA ALA A 76 7.12 2.98 0.31
C ALA A 76 7.37 3.75 1.61
N SER A 77 7.63 5.04 1.50
CA SER A 77 7.81 5.90 2.66
C SER A 77 6.45 6.34 3.20
N GLY A 78 5.86 5.50 4.04
CA GLY A 78 4.56 5.81 4.61
C GLY A 78 3.94 4.58 5.25
N GLN A 79 2.67 4.70 5.62
CA GLN A 79 1.95 3.62 6.26
C GLN A 79 1.24 2.77 5.22
N GLY A 80 1.96 1.80 4.66
CA GLY A 80 1.40 0.91 3.67
C GLY A 80 2.25 -0.34 3.52
N GLY A 1 12.07 20.18 -17.50
CA GLY A 1 10.92 19.25 -17.67
C GLY A 1 10.73 18.38 -16.44
N PRO A 2 9.90 18.82 -15.48
CA PRO A 2 9.65 18.07 -14.23
C PRO A 2 8.65 16.92 -14.43
N GLY A 3 8.75 16.24 -15.57
CA GLY A 3 7.84 15.16 -15.89
C GLY A 3 8.01 13.96 -14.99
N SER A 4 9.23 13.74 -14.51
CA SER A 4 9.53 12.61 -13.64
C SER A 4 9.31 12.97 -12.17
N MET A 5 9.14 14.27 -11.90
CA MET A 5 8.92 14.75 -10.54
C MET A 5 7.48 14.43 -10.11
N LYS A 6 7.27 13.18 -9.74
CA LYS A 6 5.95 12.71 -9.31
C LYS A 6 5.93 12.51 -7.79
N ILE A 7 6.58 13.43 -7.08
CA ILE A 7 6.58 13.45 -5.62
C ILE A 7 6.11 14.82 -5.13
N MET A 8 5.66 14.88 -3.88
CA MET A 8 5.12 16.12 -3.30
C MET A 8 3.80 16.50 -3.97
N SER A 9 3.23 15.56 -4.71
CA SER A 9 1.95 15.75 -5.38
C SER A 9 0.83 15.05 -4.61
N ASP A 10 -0.38 15.58 -4.71
CA ASP A 10 -1.54 14.97 -4.05
C ASP A 10 -1.78 13.58 -4.63
N ASN A 11 -2.40 12.70 -3.85
CA ASN A 11 -2.56 11.30 -4.24
C ASN A 11 -3.97 10.81 -3.92
N PRO A 12 -4.54 9.95 -4.79
CA PRO A 12 -5.91 9.45 -4.63
C PRO A 12 -6.01 8.22 -3.73
N PHE A 13 -4.98 7.96 -2.93
CA PHE A 13 -5.01 6.85 -1.96
C PHE A 13 -4.86 7.37 -0.53
N ASP A 14 -4.91 8.70 -0.39
CA ASP A 14 -4.90 9.33 0.93
C ASP A 14 -6.31 9.35 1.51
N ASP A 15 -7.29 9.30 0.61
CA ASP A 15 -8.70 9.34 0.98
C ASP A 15 -9.03 8.22 1.96
N GLU A 16 -9.78 8.56 3.01
CA GLU A 16 -10.15 7.59 4.04
C GLU A 16 -11.46 6.89 3.67
N ASP A 17 -12.25 7.55 2.82
CA ASP A 17 -13.56 7.03 2.43
C ASP A 17 -13.46 6.18 1.16
N GLY A 18 -12.39 6.38 0.41
CA GLY A 18 -12.16 5.59 -0.78
C GLY A 18 -11.82 4.15 -0.43
N MET A 19 -12.36 3.21 -1.19
CA MET A 19 -12.07 1.80 -0.97
C MET A 19 -10.86 1.39 -1.79
N PHE A 20 -9.88 0.78 -1.14
CA PHE A 20 -8.63 0.40 -1.80
C PHE A 20 -8.32 -1.07 -1.52
N PHE A 21 -7.46 -1.68 -2.32
CA PHE A 21 -7.09 -3.09 -2.15
C PHE A 21 -5.65 -3.21 -1.66
N VAL A 22 -5.38 -4.24 -0.86
CA VAL A 22 -4.06 -4.45 -0.31
C VAL A 22 -3.31 -5.47 -1.17
N LEU A 23 -2.10 -5.11 -1.57
CA LEU A 23 -1.29 -5.93 -2.46
C LEU A 23 -0.06 -6.46 -1.72
N ILE A 24 0.66 -7.39 -2.36
CA ILE A 24 1.92 -7.89 -1.81
C ILE A 24 2.88 -8.28 -2.93
N ASN A 25 4.17 -8.11 -2.67
CA ASN A 25 5.23 -8.62 -3.54
C ASN A 25 6.07 -9.61 -2.74
N ASP A 26 6.73 -10.54 -3.44
CA ASP A 26 7.33 -11.74 -2.84
C ASP A 26 8.21 -11.43 -1.64
N GLU A 27 8.86 -10.27 -1.62
CA GLU A 27 9.68 -9.85 -0.48
C GLU A 27 8.80 -9.41 0.70
N GLU A 28 7.61 -9.99 0.80
CA GLU A 28 6.61 -9.57 1.76
C GLU A 28 6.40 -8.06 1.71
N GLN A 29 6.54 -7.49 0.52
CA GLN A 29 6.28 -6.06 0.37
C GLN A 29 4.79 -5.85 0.46
N HIS A 30 4.35 -5.15 1.49
CA HIS A 30 2.93 -4.95 1.74
C HIS A 30 2.57 -3.49 1.42
N SER A 31 1.51 -3.30 0.67
CA SER A 31 1.15 -1.97 0.19
C SER A 31 -0.35 -1.88 -0.08
N LEU A 32 -0.78 -0.69 -0.48
CA LEU A 32 -2.19 -0.38 -0.66
C LEU A 32 -2.38 0.34 -2.00
N TRP A 33 -3.40 -0.04 -2.75
CA TRP A 33 -3.61 0.49 -4.09
C TRP A 33 -5.07 0.92 -4.27
N PRO A 34 -5.30 2.14 -4.79
CA PRO A 34 -6.65 2.68 -4.96
C PRO A 34 -7.38 2.10 -6.18
N THR A 35 -8.72 2.14 -6.12
CA THR A 35 -9.57 1.65 -7.21
C THR A 35 -9.38 2.49 -8.48
N PHE A 36 -8.75 3.65 -8.33
CA PHE A 36 -8.52 4.57 -9.43
C PHE A 36 -7.38 4.11 -10.34
N ALA A 37 -6.54 3.20 -9.84
CA ALA A 37 -5.36 2.77 -10.57
C ALA A 37 -5.41 1.27 -10.86
N ASP A 38 -4.42 0.78 -11.61
CA ASP A 38 -4.31 -0.64 -11.96
C ASP A 38 -3.18 -1.32 -11.18
N VAL A 39 -3.33 -2.61 -10.96
CA VAL A 39 -2.36 -3.38 -10.18
C VAL A 39 -1.01 -3.46 -10.90
N PRO A 40 0.07 -3.01 -10.24
CA PRO A 40 1.41 -3.03 -10.83
C PRO A 40 1.94 -4.46 -11.00
N ALA A 41 2.49 -4.74 -12.17
CA ALA A 41 3.01 -6.07 -12.49
C ALA A 41 3.98 -6.55 -11.43
N GLY A 42 3.74 -7.76 -10.91
CA GLY A 42 4.58 -8.32 -9.87
C GLY A 42 3.87 -8.35 -8.53
N TRP A 43 2.93 -7.41 -8.34
CA TRP A 43 2.17 -7.33 -7.10
C TRP A 43 0.85 -8.07 -7.24
N ARG A 44 0.51 -8.88 -6.25
CA ARG A 44 -0.77 -9.60 -6.26
C ARG A 44 -1.70 -9.02 -5.20
N VAL A 45 -3.00 -9.10 -5.46
CA VAL A 45 -4.01 -8.57 -4.56
C VAL A 45 -4.29 -9.55 -3.42
N VAL A 46 -3.94 -9.17 -2.19
CA VAL A 46 -4.19 -10.02 -1.03
C VAL A 46 -5.56 -9.70 -0.44
N PHE A 47 -5.96 -8.45 -0.56
CA PHE A 47 -7.25 -7.99 -0.03
C PHE A 47 -7.93 -7.13 -1.07
N GLY A 48 -9.16 -7.48 -1.43
CA GLY A 48 -9.92 -6.71 -2.41
C GLY A 48 -10.25 -5.32 -1.93
N GLU A 49 -10.86 -4.51 -2.79
CA GLU A 49 -11.23 -3.14 -2.44
C GLU A 49 -12.09 -3.10 -1.17
N ALA A 50 -11.51 -2.57 -0.10
CA ALA A 50 -12.16 -2.45 1.20
C ALA A 50 -11.99 -1.03 1.73
N SER A 51 -12.76 -0.70 2.76
CA SER A 51 -12.64 0.59 3.42
C SER A 51 -11.18 0.83 3.85
N ARG A 52 -10.67 2.03 3.54
CA ARG A 52 -9.26 2.36 3.73
C ARG A 52 -8.77 1.95 5.12
N ALA A 53 -9.62 2.13 6.14
CA ALA A 53 -9.28 1.77 7.50
C ALA A 53 -9.00 0.27 7.64
N SER A 54 -9.87 -0.56 7.08
CA SER A 54 -9.71 -2.01 7.14
C SER A 54 -8.40 -2.40 6.47
N CYS A 55 -8.14 -1.73 5.35
CA CYS A 55 -6.94 -1.97 4.56
C CYS A 55 -5.69 -1.65 5.38
N VAL A 56 -5.69 -0.49 6.03
CA VAL A 56 -4.55 -0.07 6.84
C VAL A 56 -4.35 -1.01 8.02
N GLU A 57 -5.45 -1.40 8.65
CA GLU A 57 -5.40 -2.36 9.76
C GLU A 57 -4.73 -3.66 9.32
N TYR A 58 -5.16 -4.18 8.18
CA TYR A 58 -4.62 -5.43 7.66
C TYR A 58 -3.11 -5.30 7.41
N VAL A 59 -2.73 -4.32 6.59
CA VAL A 59 -1.32 -4.08 6.28
C VAL A 59 -0.51 -3.92 7.56
N ASP A 60 -0.96 -3.01 8.42
CA ASP A 60 -0.23 -2.64 9.64
C ASP A 60 0.18 -3.86 10.46
N GLN A 61 -0.77 -4.76 10.68
CA GLN A 61 -0.52 -5.94 11.51
C GLN A 61 0.48 -6.89 10.87
N HIS A 62 0.28 -7.20 9.60
CA HIS A 62 1.10 -8.19 8.90
C HIS A 62 2.31 -7.55 8.24
N TRP A 63 2.48 -6.24 8.43
CA TRP A 63 3.59 -5.51 7.83
C TRP A 63 4.91 -5.87 8.49
N THR A 64 4.85 -6.21 9.77
CA THR A 64 6.04 -6.53 10.55
C THR A 64 6.76 -7.79 10.01
N ASP A 65 5.99 -8.67 9.38
CA ASP A 65 6.55 -9.91 8.83
C ASP A 65 7.14 -9.67 7.45
N ILE A 66 8.42 -9.30 7.41
CA ILE A 66 9.15 -9.10 6.16
C ILE A 66 10.54 -9.73 6.25
N ARG A 67 10.88 -10.55 5.25
CA ARG A 67 12.19 -11.22 5.16
C ARG A 67 12.12 -12.33 4.10
N PRO A 68 12.36 -11.98 2.83
CA PRO A 68 12.38 -12.95 1.74
C PRO A 68 13.66 -13.78 1.70
N LYS A 69 13.57 -15.00 2.24
CA LYS A 69 14.62 -16.04 2.12
C LYS A 69 15.87 -15.75 2.96
N SER A 70 16.37 -14.52 2.88
CA SER A 70 17.71 -14.19 3.31
C SER A 70 17.83 -14.01 4.84
N LEU A 71 18.98 -13.50 5.25
CA LEU A 71 19.39 -13.43 6.65
C LEU A 71 18.60 -12.37 7.44
N ARG A 72 18.60 -11.13 6.93
CA ARG A 72 18.05 -9.99 7.66
C ARG A 72 16.61 -9.72 7.25
N GLU A 73 15.80 -9.23 8.19
CA GLU A 73 14.39 -8.95 7.93
C GLU A 73 14.25 -7.68 7.08
N LYS A 74 14.50 -6.54 7.70
CA LYS A 74 14.38 -5.23 7.06
C LYS A 74 15.70 -4.46 7.19
N LEU A 75 15.84 -3.42 6.39
CA LEU A 75 16.97 -2.51 6.54
C LEU A 75 16.85 -1.80 7.89
N ALA A 76 17.97 -1.64 8.57
CA ALA A 76 17.96 -1.10 9.93
C ALA A 76 19.21 -0.28 10.19
N SER A 77 19.08 1.03 10.07
CA SER A 77 20.13 1.97 10.41
C SER A 77 20.23 2.09 11.93
N GLY A 78 19.08 2.32 12.55
CA GLY A 78 19.00 2.40 14.00
C GLY A 78 17.99 3.43 14.45
N GLN A 79 17.76 3.50 15.76
CA GLN A 79 16.87 4.51 16.33
C GLN A 79 17.68 5.51 17.16
N GLY A 80 18.78 5.04 17.72
CA GLY A 80 19.66 5.89 18.51
C GLY A 80 20.75 6.52 17.66
N GLY A 1 27.25 -4.28 2.36
CA GLY A 1 26.62 -4.18 1.03
C GLY A 1 25.11 -4.12 1.12
N PRO A 2 24.51 -2.93 1.32
CA PRO A 2 23.07 -2.76 1.33
C PRO A 2 22.44 -3.12 -0.03
N GLY A 3 21.93 -4.35 -0.12
CA GLY A 3 21.29 -4.80 -1.34
C GLY A 3 19.87 -4.29 -1.46
N SER A 4 19.25 -4.06 -0.31
CA SER A 4 17.90 -3.52 -0.26
C SER A 4 17.96 -1.99 -0.29
N MET A 5 16.99 -1.36 -0.95
CA MET A 5 16.93 0.09 -1.07
C MET A 5 15.49 0.58 -1.07
N LYS A 6 15.21 1.61 -0.27
CA LYS A 6 13.86 2.17 -0.19
C LYS A 6 13.94 3.69 -0.27
N ILE A 7 13.05 4.27 -1.07
CA ILE A 7 13.03 5.72 -1.28
C ILE A 7 12.05 6.39 -0.33
N MET A 8 12.48 7.49 0.29
CA MET A 8 11.61 8.29 1.14
C MET A 8 10.70 9.15 0.28
N SER A 9 9.50 8.65 -0.01
CA SER A 9 8.56 9.36 -0.85
C SER A 9 7.13 9.16 -0.33
N ASP A 10 6.34 10.24 -0.38
CA ASP A 10 4.96 10.21 0.09
C ASP A 10 4.11 9.26 -0.75
N ASN A 11 3.16 8.61 -0.10
CA ASN A 11 2.27 7.66 -0.76
C ASN A 11 0.92 8.34 -1.04
N PRO A 12 0.57 8.56 -2.31
CA PRO A 12 -0.63 9.34 -2.70
C PRO A 12 -1.94 8.70 -2.24
N PHE A 13 -1.86 7.45 -1.79
CA PHE A 13 -3.04 6.71 -1.34
C PHE A 13 -3.19 6.80 0.19
N ASP A 14 -2.48 7.75 0.80
CA ASP A 14 -2.53 7.93 2.25
C ASP A 14 -3.83 8.61 2.68
N ASP A 15 -4.70 8.92 1.71
CA ASP A 15 -6.01 9.52 1.99
C ASP A 15 -7.03 8.42 2.28
N GLU A 16 -8.30 8.79 2.48
CA GLU A 16 -9.34 7.82 2.84
C GLU A 16 -10.62 8.00 2.04
N ASP A 17 -10.55 8.93 1.13
CA ASP A 17 -11.72 9.33 0.32
C ASP A 17 -12.11 8.24 -0.68
N GLY A 18 -11.20 7.31 -0.94
CA GLY A 18 -11.48 6.22 -1.86
C GLY A 18 -11.30 4.86 -1.21
N MET A 19 -11.83 3.82 -1.83
CA MET A 19 -11.64 2.45 -1.35
C MET A 19 -10.35 1.91 -1.94
N PHE A 20 -9.62 1.13 -1.16
CA PHE A 20 -8.31 0.64 -1.60
C PHE A 20 -8.21 -0.87 -1.42
N PHE A 21 -7.39 -1.51 -2.24
CA PHE A 21 -7.08 -2.94 -2.04
C PHE A 21 -5.66 -3.09 -1.52
N VAL A 22 -5.45 -4.11 -0.70
CA VAL A 22 -4.14 -4.36 -0.12
C VAL A 22 -3.42 -5.42 -0.94
N LEU A 23 -2.24 -5.06 -1.43
CA LEU A 23 -1.43 -5.94 -2.28
C LEU A 23 -0.20 -6.40 -1.51
N ILE A 24 0.41 -7.49 -1.96
CA ILE A 24 1.67 -7.95 -1.42
C ILE A 24 2.62 -8.33 -2.55
N ASN A 25 3.82 -7.78 -2.51
CA ASN A 25 4.87 -8.15 -3.45
C ASN A 25 5.43 -9.49 -3.02
N ASP A 26 5.86 -10.29 -3.99
CA ASP A 26 6.31 -11.67 -3.73
C ASP A 26 7.39 -11.69 -2.66
N GLU A 27 8.11 -10.57 -2.55
CA GLU A 27 9.09 -10.36 -1.48
C GLU A 27 8.39 -10.09 -0.13
N GLU A 28 7.13 -10.54 -0.01
CA GLU A 28 6.34 -10.37 1.21
C GLU A 28 6.15 -8.89 1.54
N GLN A 29 6.15 -8.06 0.50
CA GLN A 29 6.09 -6.60 0.72
C GLN A 29 4.64 -6.12 0.75
N HIS A 30 4.26 -5.43 1.83
CA HIS A 30 2.89 -4.97 2.01
C HIS A 30 2.68 -3.64 1.28
N SER A 31 1.51 -3.46 0.69
CA SER A 31 1.21 -2.23 -0.03
C SER A 31 -0.30 -1.99 -0.09
N LEU A 32 -0.67 -0.75 -0.39
CA LEU A 32 -2.07 -0.35 -0.54
C LEU A 32 -2.24 0.37 -1.87
N TRP A 33 -3.22 -0.04 -2.66
CA TRP A 33 -3.38 0.47 -4.01
C TRP A 33 -4.82 0.95 -4.24
N PRO A 34 -5.01 2.13 -4.86
CA PRO A 34 -6.34 2.69 -5.08
C PRO A 34 -7.07 2.07 -6.27
N THR A 35 -8.40 2.08 -6.20
CA THR A 35 -9.26 1.48 -7.22
C THR A 35 -9.04 2.11 -8.60
N PHE A 36 -8.66 3.38 -8.60
CA PHE A 36 -8.45 4.12 -9.84
C PHE A 36 -7.22 3.59 -10.59
N ALA A 37 -6.31 2.99 -9.85
CA ALA A 37 -5.07 2.47 -10.42
C ALA A 37 -5.16 0.96 -10.62
N ASP A 38 -4.50 0.46 -11.66
CA ASP A 38 -4.47 -0.98 -11.93
C ASP A 38 -3.34 -1.65 -11.16
N VAL A 39 -3.55 -2.91 -10.81
CA VAL A 39 -2.57 -3.68 -10.04
C VAL A 39 -1.30 -3.93 -10.85
N PRO A 40 -0.13 -3.47 -10.35
CA PRO A 40 1.16 -3.66 -11.04
C PRO A 40 1.65 -5.12 -10.99
N ALA A 41 2.05 -5.64 -12.15
CA ALA A 41 2.54 -7.01 -12.26
C ALA A 41 3.69 -7.27 -11.27
N GLY A 42 3.54 -8.34 -10.50
CA GLY A 42 4.51 -8.67 -9.47
C GLY A 42 3.94 -8.45 -8.08
N TRP A 43 2.92 -7.60 -8.01
CA TRP A 43 2.19 -7.38 -6.78
C TRP A 43 0.85 -8.11 -6.85
N ARG A 44 0.59 -9.00 -5.90
CA ARG A 44 -0.64 -9.78 -5.91
C ARG A 44 -1.64 -9.20 -4.91
N VAL A 45 -2.91 -9.25 -5.27
CA VAL A 45 -3.97 -8.74 -4.40
C VAL A 45 -4.22 -9.71 -3.24
N VAL A 46 -4.12 -9.21 -2.02
CA VAL A 46 -4.41 -10.02 -0.84
C VAL A 46 -5.78 -9.67 -0.30
N PHE A 47 -6.13 -8.39 -0.42
CA PHE A 47 -7.40 -7.87 0.07
C PHE A 47 -8.01 -6.98 -1.01
N GLY A 48 -9.19 -7.33 -1.47
CA GLY A 48 -9.86 -6.58 -2.51
C GLY A 48 -10.22 -5.16 -2.07
N GLU A 49 -10.86 -4.41 -2.97
CA GLU A 49 -11.24 -3.03 -2.68
C GLU A 49 -12.10 -2.97 -1.42
N ALA A 50 -11.55 -2.30 -0.40
CA ALA A 50 -12.18 -2.23 0.91
C ALA A 50 -12.00 -0.84 1.51
N SER A 51 -12.75 -0.55 2.57
CA SER A 51 -12.67 0.72 3.27
C SER A 51 -11.28 0.94 3.87
N ARG A 52 -10.92 2.21 4.01
CA ARG A 52 -9.61 2.65 4.49
C ARG A 52 -9.17 1.90 5.75
N ALA A 53 -10.02 1.89 6.78
CA ALA A 53 -9.63 1.35 8.08
C ALA A 53 -9.25 -0.14 8.00
N SER A 54 -10.10 -0.93 7.36
CA SER A 54 -9.85 -2.36 7.20
C SER A 54 -8.49 -2.58 6.52
N CYS A 55 -8.29 -1.85 5.43
CA CYS A 55 -7.07 -1.94 4.64
C CYS A 55 -5.85 -1.56 5.48
N VAL A 56 -5.91 -0.40 6.13
CA VAL A 56 -4.80 0.11 6.95
C VAL A 56 -4.46 -0.89 8.04
N GLU A 57 -5.49 -1.41 8.69
CA GLU A 57 -5.32 -2.38 9.76
C GLU A 57 -4.59 -3.63 9.25
N TYR A 58 -5.04 -4.15 8.11
CA TYR A 58 -4.45 -5.35 7.54
C TYR A 58 -2.98 -5.10 7.17
N VAL A 59 -2.73 -3.97 6.50
CA VAL A 59 -1.36 -3.57 6.17
C VAL A 59 -0.50 -3.49 7.43
N ASP A 60 -1.05 -2.89 8.49
CA ASP A 60 -0.34 -2.70 9.75
C ASP A 60 0.09 -4.04 10.34
N GLN A 61 -0.78 -5.05 10.21
CA GLN A 61 -0.47 -6.40 10.70
C GLN A 61 0.74 -6.97 9.95
N HIS A 62 0.82 -6.66 8.66
CA HIS A 62 1.89 -7.18 7.81
C HIS A 62 3.05 -6.18 7.71
N TRP A 63 3.06 -5.18 8.61
CA TRP A 63 4.15 -4.20 8.66
C TRP A 63 5.51 -4.94 8.66
N THR A 64 5.73 -5.75 9.69
CA THR A 64 6.91 -6.60 9.75
C THR A 64 6.56 -8.00 9.24
N ASP A 65 6.79 -8.22 7.95
CA ASP A 65 6.43 -9.49 7.29
C ASP A 65 7.28 -9.72 6.04
N ILE A 66 8.20 -8.80 5.76
CA ILE A 66 8.99 -8.82 4.53
C ILE A 66 10.32 -9.54 4.74
N ARG A 67 10.54 -10.66 4.03
CA ARG A 67 11.81 -11.40 4.06
C ARG A 67 11.83 -12.49 2.97
N PRO A 68 11.92 -12.09 1.69
CA PRO A 68 12.02 -13.04 0.56
C PRO A 68 13.27 -13.92 0.67
N LYS A 69 14.37 -13.32 1.16
CA LYS A 69 15.63 -14.03 1.38
C LYS A 69 16.32 -14.43 0.08
N SER A 70 15.64 -14.28 -1.05
CA SER A 70 16.17 -14.67 -2.36
C SER A 70 17.05 -13.57 -2.96
N LEU A 71 17.47 -12.63 -2.11
CA LEU A 71 18.28 -11.48 -2.52
C LEU A 71 17.50 -10.57 -3.47
N ARG A 72 16.19 -10.79 -3.55
CA ARG A 72 15.30 -9.94 -4.31
C ARG A 72 14.65 -8.91 -3.40
N GLU A 73 14.60 -7.67 -3.86
CA GLU A 73 13.96 -6.59 -3.12
C GLU A 73 13.44 -5.56 -4.11
N LYS A 74 12.20 -5.73 -4.54
CA LYS A 74 11.60 -4.87 -5.55
C LYS A 74 11.15 -3.55 -4.94
N LEU A 75 11.66 -2.44 -5.46
CA LEU A 75 11.30 -1.12 -4.99
C LEU A 75 9.87 -0.77 -5.43
N ALA A 76 9.11 -0.20 -4.51
CA ALA A 76 7.74 0.20 -4.78
C ALA A 76 7.71 1.58 -5.45
N SER A 77 7.11 1.66 -6.63
CA SER A 77 7.00 2.90 -7.36
C SER A 77 5.74 2.88 -8.23
N GLY A 78 5.32 4.05 -8.71
CA GLY A 78 4.12 4.14 -9.52
C GLY A 78 3.49 5.52 -9.46
N GLN A 79 3.29 6.02 -8.23
CA GLN A 79 2.67 7.34 -8.01
C GLN A 79 1.25 7.39 -8.59
N GLY A 80 0.59 6.23 -8.59
CA GLY A 80 -0.76 6.14 -9.14
C GLY A 80 -1.78 6.86 -8.28
N GLY A 1 2.30 24.60 -12.36
CA GLY A 1 3.36 25.14 -11.47
C GLY A 1 3.77 24.13 -10.41
N PRO A 2 3.31 24.29 -9.16
CA PRO A 2 3.60 23.35 -8.08
C PRO A 2 2.80 22.05 -8.23
N GLY A 3 3.48 20.91 -8.11
CA GLY A 3 2.82 19.63 -8.22
C GLY A 3 3.71 18.50 -7.74
N SER A 4 4.52 17.97 -8.64
CA SER A 4 5.47 16.92 -8.30
C SER A 4 6.64 17.51 -7.50
N MET A 5 6.68 17.19 -6.22
CA MET A 5 7.77 17.63 -5.35
C MET A 5 8.02 16.57 -4.27
N LYS A 6 9.18 16.65 -3.62
CA LYS A 6 9.56 15.66 -2.63
C LYS A 6 9.05 16.07 -1.25
N ILE A 7 8.17 15.26 -0.68
CA ILE A 7 7.58 15.49 0.63
C ILE A 7 6.60 16.68 0.58
N MET A 8 5.31 16.36 0.57
CA MET A 8 4.27 17.38 0.48
C MET A 8 3.03 16.89 1.22
N SER A 9 1.90 17.57 0.99
CA SER A 9 0.62 17.17 1.57
C SER A 9 0.28 15.73 1.16
N ASP A 10 -0.68 15.14 1.86
CA ASP A 10 -1.07 13.75 1.62
C ASP A 10 -1.43 13.52 0.15
N ASN A 11 -0.90 12.43 -0.40
CA ASN A 11 -1.17 12.03 -1.77
C ASN A 11 -2.68 11.84 -1.98
N PRO A 12 -3.23 12.31 -3.12
CA PRO A 12 -4.69 12.33 -3.35
C PRO A 12 -5.36 10.95 -3.40
N PHE A 13 -4.68 9.92 -2.91
CA PHE A 13 -5.27 8.59 -2.77
C PHE A 13 -5.43 8.24 -1.28
N ASP A 14 -5.26 9.24 -0.42
CA ASP A 14 -5.35 9.05 1.04
C ASP A 14 -6.80 9.07 1.51
N ASP A 15 -7.72 9.08 0.55
CA ASP A 15 -9.17 9.15 0.83
C ASP A 15 -9.60 8.13 1.86
N GLU A 16 -9.86 8.58 3.08
CA GLU A 16 -10.33 7.70 4.14
C GLU A 16 -11.68 7.09 3.78
N ASP A 17 -12.39 7.76 2.87
CA ASP A 17 -13.69 7.29 2.39
C ASP A 17 -13.52 6.29 1.24
N GLY A 18 -12.36 6.30 0.60
CA GLY A 18 -12.14 5.49 -0.57
C GLY A 18 -11.90 4.03 -0.25
N MET A 19 -12.16 3.17 -1.23
CA MET A 19 -11.93 1.74 -1.09
C MET A 19 -10.66 1.38 -1.87
N PHE A 20 -9.73 0.72 -1.21
CA PHE A 20 -8.45 0.36 -1.82
C PHE A 20 -8.13 -1.09 -1.50
N PHE A 21 -7.35 -1.73 -2.36
CA PHE A 21 -6.95 -3.12 -2.13
C PHE A 21 -5.49 -3.18 -1.69
N VAL A 22 -5.20 -4.11 -0.78
CA VAL A 22 -3.85 -4.26 -0.26
C VAL A 22 -3.13 -5.33 -1.05
N LEU A 23 -1.98 -4.96 -1.61
CA LEU A 23 -1.18 -5.85 -2.44
C LEU A 23 0.07 -6.30 -1.69
N ILE A 24 0.74 -7.30 -2.22
CA ILE A 24 2.03 -7.73 -1.70
C ILE A 24 2.91 -8.25 -2.83
N ASN A 25 4.17 -7.85 -2.83
CA ASN A 25 5.15 -8.41 -3.75
C ASN A 25 5.84 -9.58 -3.07
N ASP A 26 6.28 -10.55 -3.87
CA ASP A 26 6.80 -11.83 -3.37
C ASP A 26 8.03 -11.65 -2.49
N GLU A 27 8.54 -10.43 -2.43
CA GLU A 27 9.57 -10.05 -1.46
C GLU A 27 8.92 -9.71 -0.11
N GLU A 28 7.67 -10.15 0.04
CA GLU A 28 6.87 -9.87 1.24
C GLU A 28 6.75 -8.37 1.46
N GLN A 29 6.57 -7.64 0.36
CA GLN A 29 6.43 -6.18 0.41
C GLN A 29 4.97 -5.78 0.27
N HIS A 30 4.44 -5.16 1.32
CA HIS A 30 3.03 -4.75 1.34
C HIS A 30 2.85 -3.38 0.72
N SER A 31 1.74 -3.18 0.03
CA SER A 31 1.43 -1.90 -0.59
C SER A 31 -0.09 -1.70 -0.62
N LEU A 32 -0.53 -0.49 -0.89
CA LEU A 32 -1.95 -0.16 -0.92
C LEU A 32 -2.28 0.51 -2.24
N TRP A 33 -3.16 -0.12 -3.02
CA TRP A 33 -3.44 0.33 -4.37
C TRP A 33 -4.91 0.75 -4.48
N PRO A 34 -5.17 2.00 -4.95
CA PRO A 34 -6.53 2.51 -5.10
C PRO A 34 -7.22 1.98 -6.36
N THR A 35 -8.55 1.97 -6.35
CA THR A 35 -9.35 1.50 -7.47
C THR A 35 -9.12 2.36 -8.72
N PHE A 36 -8.51 3.53 -8.53
CA PHE A 36 -8.24 4.46 -9.62
C PHE A 36 -7.15 3.95 -10.56
N ALA A 37 -6.45 2.89 -10.16
CA ALA A 37 -5.37 2.33 -10.96
C ALA A 37 -5.46 0.80 -11.04
N ASP A 38 -4.64 0.20 -11.90
CA ASP A 38 -4.65 -1.24 -12.09
C ASP A 38 -3.48 -1.90 -11.36
N VAL A 39 -3.65 -3.16 -10.98
CA VAL A 39 -2.67 -3.90 -10.19
C VAL A 39 -1.41 -4.20 -11.02
N PRO A 40 -0.22 -3.72 -10.58
CA PRO A 40 1.04 -3.95 -11.28
C PRO A 40 1.55 -5.39 -11.13
N ALA A 41 1.98 -5.97 -12.26
CA ALA A 41 2.50 -7.33 -12.28
C ALA A 41 3.63 -7.49 -11.26
N GLY A 42 3.53 -8.52 -10.44
CA GLY A 42 4.50 -8.74 -9.37
C GLY A 42 3.88 -8.49 -8.02
N TRP A 43 2.82 -7.68 -7.99
CA TRP A 43 2.10 -7.39 -6.76
C TRP A 43 0.75 -8.10 -6.79
N ARG A 44 0.53 -8.99 -5.84
CA ARG A 44 -0.71 -9.77 -5.77
C ARG A 44 -1.66 -9.17 -4.73
N VAL A 45 -2.94 -9.18 -5.05
CA VAL A 45 -3.95 -8.62 -4.14
C VAL A 45 -4.18 -9.54 -2.96
N VAL A 46 -3.79 -9.10 -1.77
CA VAL A 46 -4.03 -9.86 -0.55
C VAL A 46 -5.41 -9.52 0.01
N PHE A 47 -5.77 -8.25 -0.12
CA PHE A 47 -7.03 -7.75 0.41
C PHE A 47 -7.75 -6.97 -0.67
N GLY A 48 -8.99 -7.36 -0.97
CA GLY A 48 -9.77 -6.68 -1.99
C GLY A 48 -10.08 -5.24 -1.62
N GLU A 49 -10.76 -4.53 -2.52
CA GLU A 49 -11.11 -3.13 -2.30
C GLU A 49 -11.89 -2.97 -0.98
N ALA A 50 -11.25 -2.33 -0.01
CA ALA A 50 -11.85 -2.13 1.31
C ALA A 50 -11.60 -0.70 1.80
N SER A 51 -12.33 -0.30 2.82
CA SER A 51 -12.19 1.04 3.38
C SER A 51 -10.77 1.27 3.91
N ARG A 52 -10.34 2.54 3.89
CA ARG A 52 -8.99 2.93 4.30
C ARG A 52 -8.60 2.30 5.64
N ALA A 53 -9.47 2.40 6.63
CA ALA A 53 -9.18 1.88 7.97
C ALA A 53 -8.94 0.38 7.94
N SER A 54 -9.82 -0.35 7.26
CA SER A 54 -9.71 -1.80 7.16
C SER A 54 -8.40 -2.19 6.50
N CYS A 55 -8.03 -1.47 5.44
CA CYS A 55 -6.79 -1.71 4.72
C CYS A 55 -5.59 -1.50 5.64
N VAL A 56 -5.58 -0.37 6.35
CA VAL A 56 -4.47 -0.03 7.24
C VAL A 56 -4.29 -1.10 8.32
N GLU A 57 -5.39 -1.47 8.96
CA GLU A 57 -5.37 -2.49 10.01
C GLU A 57 -4.84 -3.82 9.46
N TYR A 58 -5.34 -4.19 8.29
CA TYR A 58 -4.96 -5.45 7.65
C TYR A 58 -3.46 -5.49 7.39
N VAL A 59 -2.93 -4.40 6.81
CA VAL A 59 -1.50 -4.25 6.59
C VAL A 59 -0.73 -4.38 7.92
N ASP A 60 -1.22 -3.68 8.94
CA ASP A 60 -0.60 -3.69 10.27
C ASP A 60 -0.47 -5.13 10.79
N GLN A 61 -1.54 -5.91 10.61
CA GLN A 61 -1.53 -7.31 11.00
C GLN A 61 -0.46 -8.10 10.25
N HIS A 62 -0.33 -7.82 8.96
CA HIS A 62 0.58 -8.56 8.08
C HIS A 62 1.94 -7.87 7.97
N TRP A 63 2.21 -6.92 8.85
CA TRP A 63 3.48 -6.19 8.85
C TRP A 63 4.57 -7.01 9.56
N THR A 64 4.30 -8.29 9.80
CA THR A 64 5.19 -9.16 10.56
C THR A 64 6.58 -9.27 9.89
N ASP A 65 6.65 -9.94 8.74
CA ASP A 65 7.94 -10.25 8.11
C ASP A 65 8.04 -9.64 6.71
N ILE A 66 9.25 -9.18 6.36
CA ILE A 66 9.56 -8.64 5.03
C ILE A 66 10.96 -9.13 4.63
N ARG A 67 11.12 -9.58 3.38
CA ARG A 67 12.38 -10.18 2.93
C ARG A 67 13.48 -9.14 2.72
N PRO A 68 13.23 -8.04 1.96
CA PRO A 68 14.21 -6.95 1.83
C PRO A 68 14.32 -6.15 3.12
N LYS A 69 15.54 -5.76 3.49
CA LYS A 69 15.76 -5.03 4.72
C LYS A 69 15.15 -3.63 4.62
N SER A 70 13.98 -3.47 5.22
CA SER A 70 13.32 -2.17 5.31
C SER A 70 14.26 -1.15 5.97
N LEU A 71 14.52 -0.05 5.28
CA LEU A 71 15.40 0.99 5.79
C LEU A 71 14.65 1.81 6.84
N ARG A 72 13.55 2.42 6.41
CA ARG A 72 12.67 3.17 7.30
C ARG A 72 11.27 3.24 6.69
N GLU A 73 10.42 2.30 7.09
CA GLU A 73 9.07 2.21 6.56
C GLU A 73 8.07 2.66 7.64
N LYS A 74 7.35 3.73 7.37
CA LYS A 74 6.43 4.31 8.34
C LYS A 74 4.99 3.86 8.08
N LEU A 75 4.43 3.12 9.02
CA LEU A 75 3.02 2.74 8.98
C LEU A 75 2.36 3.13 10.29
N ALA A 76 1.17 3.70 10.20
CA ALA A 76 0.43 4.14 11.37
C ALA A 76 -0.79 3.25 11.59
N SER A 77 -1.59 3.55 12.60
CA SER A 77 -2.78 2.79 12.93
C SER A 77 -4.01 3.34 12.21
N GLY A 78 -3.78 4.24 11.24
CA GLY A 78 -4.86 4.87 10.52
C GLY A 78 -5.51 5.98 11.34
N GLN A 79 -6.14 5.60 12.44
CA GLN A 79 -6.77 6.54 13.35
C GLN A 79 -6.27 6.35 14.78
N GLY A 80 -6.71 7.20 15.68
CA GLY A 80 -6.29 7.12 17.06
C GLY A 80 -6.31 8.47 17.73
N GLY A 1 -23.55 16.81 -24.52
CA GLY A 1 -24.06 17.05 -23.14
C GLY A 1 -23.01 17.66 -22.25
N PRO A 2 -23.26 17.73 -20.92
CA PRO A 2 -22.31 18.30 -19.97
C PRO A 2 -20.95 17.59 -20.01
N GLY A 3 -19.98 18.22 -20.67
CA GLY A 3 -18.64 17.67 -20.77
C GLY A 3 -17.61 18.78 -20.78
N SER A 4 -17.18 19.19 -19.60
CA SER A 4 -16.21 20.27 -19.45
C SER A 4 -14.89 19.91 -20.13
N MET A 5 -14.53 20.66 -21.17
CA MET A 5 -13.27 20.45 -21.88
C MET A 5 -12.13 21.03 -21.06
N LYS A 6 -11.95 20.48 -19.87
CA LYS A 6 -10.95 20.92 -18.91
C LYS A 6 -11.07 20.06 -17.65
N ILE A 7 -9.97 19.43 -17.25
CA ILE A 7 -9.99 18.57 -16.07
C ILE A 7 -8.58 18.48 -15.48
N MET A 8 -8.52 18.39 -14.16
CA MET A 8 -7.25 18.25 -13.45
C MET A 8 -7.34 17.06 -12.51
N SER A 9 -6.21 16.39 -12.27
CA SER A 9 -6.18 15.22 -11.41
C SER A 9 -5.87 15.61 -9.97
N ASP A 10 -6.71 15.16 -9.05
CA ASP A 10 -6.49 15.36 -7.62
C ASP A 10 -5.77 14.12 -7.07
N ASN A 11 -5.70 13.97 -5.74
CA ASN A 11 -5.08 12.81 -5.12
C ASN A 11 -6.14 11.79 -4.73
N PRO A 12 -6.43 10.80 -5.60
CA PRO A 12 -7.49 9.81 -5.38
C PRO A 12 -7.08 8.73 -4.39
N PHE A 13 -5.86 8.85 -3.87
CA PHE A 13 -5.34 7.91 -2.89
C PHE A 13 -5.23 8.56 -1.52
N ASP A 14 -5.59 9.84 -1.45
CA ASP A 14 -5.56 10.58 -0.19
C ASP A 14 -6.93 10.53 0.48
N ASP A 15 -7.97 10.54 -0.35
CA ASP A 15 -9.35 10.42 0.12
C ASP A 15 -9.59 9.07 0.75
N GLU A 16 -9.61 9.04 2.08
CA GLU A 16 -9.83 7.81 2.84
C GLU A 16 -11.27 7.33 2.70
N ASP A 17 -12.10 8.15 2.08
CA ASP A 17 -13.49 7.81 1.80
C ASP A 17 -13.58 6.73 0.72
N GLY A 18 -12.52 6.62 -0.09
CA GLY A 18 -12.50 5.66 -1.17
C GLY A 18 -12.19 4.25 -0.67
N MET A 19 -12.26 3.28 -1.58
CA MET A 19 -11.96 1.89 -1.24
C MET A 19 -10.67 1.47 -1.95
N PHE A 20 -9.74 0.88 -1.21
CA PHE A 20 -8.45 0.48 -1.76
C PHE A 20 -8.19 -0.99 -1.47
N PHE A 21 -7.31 -1.61 -2.23
CA PHE A 21 -6.94 -3.02 -2.01
C PHE A 21 -5.50 -3.12 -1.53
N VAL A 22 -5.22 -4.15 -0.73
CA VAL A 22 -3.89 -4.35 -0.16
C VAL A 22 -3.17 -5.42 -0.97
N LEU A 23 -1.97 -5.10 -1.43
CA LEU A 23 -1.21 -6.00 -2.30
C LEU A 23 0.05 -6.49 -1.61
N ILE A 24 0.68 -7.50 -2.22
CA ILE A 24 1.95 -8.02 -1.74
C ILE A 24 2.87 -8.33 -2.92
N ASN A 25 4.16 -8.05 -2.75
CA ASN A 25 5.18 -8.47 -3.69
C ASN A 25 5.91 -9.66 -3.08
N ASP A 26 6.44 -10.51 -3.95
CA ASP A 26 7.03 -11.80 -3.56
C ASP A 26 8.00 -11.65 -2.39
N GLU A 27 8.63 -10.49 -2.30
CA GLU A 27 9.52 -10.16 -1.18
C GLU A 27 8.72 -9.77 0.08
N GLU A 28 7.55 -10.37 0.24
CA GLU A 28 6.66 -10.08 1.37
C GLU A 28 6.34 -8.59 1.46
N GLN A 29 6.42 -7.88 0.34
CA GLN A 29 6.25 -6.43 0.38
C GLN A 29 4.76 -6.08 0.39
N HIS A 30 4.30 -5.47 1.46
CA HIS A 30 2.89 -5.13 1.63
C HIS A 30 2.65 -3.64 1.37
N SER A 31 1.65 -3.33 0.55
CA SER A 31 1.35 -1.95 0.17
C SER A 31 -0.15 -1.82 -0.13
N LEU A 32 -0.56 -0.62 -0.54
CA LEU A 32 -1.97 -0.32 -0.73
C LEU A 32 -2.19 0.40 -2.06
N TRP A 33 -3.02 -0.20 -2.92
CA TRP A 33 -3.28 0.34 -4.24
C TRP A 33 -4.74 0.79 -4.37
N PRO A 34 -4.98 1.99 -4.95
CA PRO A 34 -6.34 2.54 -5.09
C PRO A 34 -7.10 1.94 -6.28
N THR A 35 -8.44 1.96 -6.19
CA THR A 35 -9.32 1.44 -7.25
C THR A 35 -9.12 2.18 -8.57
N PHE A 36 -8.69 3.43 -8.47
CA PHE A 36 -8.55 4.32 -9.62
C PHE A 36 -7.26 4.03 -10.40
N ALA A 37 -6.49 3.02 -9.96
CA ALA A 37 -5.23 2.68 -10.60
C ALA A 37 -5.18 1.19 -10.94
N ASP A 38 -4.34 0.84 -11.91
CA ASP A 38 -4.21 -0.54 -12.37
C ASP A 38 -3.24 -1.31 -11.50
N VAL A 39 -3.60 -2.55 -11.19
CA VAL A 39 -2.74 -3.43 -10.39
C VAL A 39 -1.41 -3.67 -11.11
N PRO A 40 -0.28 -3.24 -10.51
CA PRO A 40 1.04 -3.37 -11.13
C PRO A 40 1.52 -4.83 -11.15
N ALA A 41 1.92 -5.28 -12.34
CA ALA A 41 2.43 -6.65 -12.51
C ALA A 41 3.60 -6.89 -11.56
N GLY A 42 3.52 -7.97 -10.81
CA GLY A 42 4.52 -8.25 -9.79
C GLY A 42 3.95 -8.10 -8.39
N TRP A 43 2.84 -7.37 -8.28
CA TRP A 43 2.13 -7.23 -7.01
C TRP A 43 0.75 -7.88 -7.11
N ARG A 44 0.45 -8.80 -6.18
CA ARG A 44 -0.84 -9.47 -6.19
C ARG A 44 -1.74 -8.89 -5.09
N VAL A 45 -3.05 -8.86 -5.34
CA VAL A 45 -4.01 -8.31 -4.40
C VAL A 45 -4.33 -9.34 -3.32
N VAL A 46 -3.95 -9.05 -2.08
CA VAL A 46 -4.18 -9.94 -0.95
C VAL A 46 -5.50 -9.61 -0.25
N PHE A 47 -5.89 -8.34 -0.34
CA PHE A 47 -7.13 -7.87 0.24
C PHE A 47 -7.87 -7.03 -0.80
N GLY A 48 -9.09 -7.43 -1.13
CA GLY A 48 -9.87 -6.74 -2.16
C GLY A 48 -10.22 -5.31 -1.79
N GLU A 49 -10.97 -4.65 -2.67
CA GLU A 49 -11.36 -3.26 -2.46
C GLU A 49 -12.10 -3.13 -1.13
N ALA A 50 -11.47 -2.46 -0.17
CA ALA A 50 -12.01 -2.33 1.17
C ALA A 50 -11.86 -0.91 1.69
N SER A 51 -12.56 -0.61 2.77
CA SER A 51 -12.50 0.68 3.43
C SER A 51 -11.08 0.95 3.97
N ARG A 52 -10.73 2.23 4.04
CA ARG A 52 -9.39 2.68 4.43
C ARG A 52 -8.89 2.01 5.70
N ALA A 53 -9.68 2.05 6.76
CA ALA A 53 -9.25 1.52 8.06
C ALA A 53 -8.97 0.03 7.98
N SER A 54 -9.84 -0.69 7.27
CA SER A 54 -9.67 -2.14 7.10
C SER A 54 -8.36 -2.45 6.38
N CYS A 55 -8.11 -1.72 5.29
CA CYS A 55 -6.89 -1.87 4.50
C CYS A 55 -5.65 -1.59 5.37
N VAL A 56 -5.66 -0.44 6.03
CA VAL A 56 -4.54 -0.03 6.88
C VAL A 56 -4.34 -1.02 8.02
N GLU A 57 -5.46 -1.51 8.57
CA GLU A 57 -5.44 -2.47 9.66
C GLU A 57 -4.75 -3.76 9.25
N TYR A 58 -5.07 -4.24 8.05
CA TYR A 58 -4.46 -5.45 7.53
C TYR A 58 -2.96 -5.26 7.36
N VAL A 59 -2.58 -4.16 6.73
CA VAL A 59 -1.17 -3.79 6.59
C VAL A 59 -0.51 -3.66 7.97
N ASP A 60 -1.26 -3.16 8.93
CA ASP A 60 -0.78 -2.95 10.30
C ASP A 60 -0.43 -4.29 10.97
N GLN A 61 -1.31 -5.27 10.78
CA GLN A 61 -1.11 -6.60 11.36
C GLN A 61 0.05 -7.32 10.66
N HIS A 62 0.16 -7.12 9.35
CA HIS A 62 1.22 -7.73 8.54
C HIS A 62 2.41 -6.78 8.39
N TRP A 63 2.44 -5.72 9.21
CA TRP A 63 3.51 -4.72 9.16
C TRP A 63 4.89 -5.38 9.17
N THR A 64 5.02 -6.41 9.98
CA THR A 64 6.29 -7.12 10.16
C THR A 64 6.66 -7.98 8.94
N ASP A 65 5.64 -8.37 8.18
CA ASP A 65 5.83 -9.23 7.00
C ASP A 65 6.64 -8.51 5.93
N ILE A 66 7.97 -8.60 6.01
CA ILE A 66 8.86 -8.09 4.98
C ILE A 66 10.12 -8.96 4.92
N ARG A 67 10.35 -9.62 3.78
CA ARG A 67 11.50 -10.53 3.65
C ARG A 67 12.81 -9.74 3.65
N PRO A 68 12.96 -8.70 2.79
CA PRO A 68 14.08 -7.76 2.88
C PRO A 68 14.01 -6.92 4.15
N LYS A 69 15.12 -6.32 4.55
CA LYS A 69 15.15 -5.39 5.69
C LYS A 69 15.77 -4.07 5.26
N SER A 70 15.27 -2.98 5.82
CA SER A 70 15.72 -1.64 5.47
C SER A 70 15.76 -0.74 6.70
N LEU A 71 16.80 0.09 6.80
CA LEU A 71 16.95 1.00 7.92
C LEU A 71 15.96 2.16 7.77
N ARG A 72 14.79 2.01 8.39
CA ARG A 72 13.76 3.04 8.36
C ARG A 72 14.05 4.13 9.39
N GLU A 73 14.05 3.74 10.66
CA GLU A 73 14.27 4.68 11.76
C GLU A 73 15.32 4.14 12.72
N LYS A 74 15.90 5.03 13.52
CA LYS A 74 16.77 4.63 14.62
C LYS A 74 15.91 4.30 15.84
N LEU A 75 16.08 3.10 16.38
CA LEU A 75 15.31 2.67 17.56
C LEU A 75 15.58 3.59 18.75
N ALA A 76 16.74 4.24 18.72
CA ALA A 76 17.12 5.22 19.73
C ALA A 76 17.82 6.40 19.06
N SER A 77 17.25 7.59 19.19
CA SER A 77 17.81 8.78 18.59
C SER A 77 19.12 9.15 19.30
N GLY A 78 20.23 8.99 18.59
CA GLY A 78 21.54 9.19 19.18
C GLY A 78 22.50 8.11 18.72
N GLN A 79 23.33 7.62 19.64
CA GLN A 79 24.29 6.57 19.32
C GLN A 79 24.64 5.77 20.58
N GLY A 80 24.20 4.52 20.60
CA GLY A 80 24.47 3.64 21.72
C GLY A 80 25.43 2.53 21.34
N GLY A 1 2.59 6.33 -19.80
CA GLY A 1 1.56 6.46 -18.73
C GLY A 1 0.77 7.74 -18.85
N PRO A 2 -0.30 7.90 -18.04
CA PRO A 2 -1.16 9.10 -18.08
C PRO A 2 -0.38 10.39 -17.85
N GLY A 3 -0.86 11.47 -18.47
CA GLY A 3 -0.19 12.77 -18.37
C GLY A 3 -0.82 13.65 -17.31
N SER A 4 -1.35 13.04 -16.25
CA SER A 4 -1.95 13.77 -15.15
C SER A 4 -0.93 13.92 -14.01
N MET A 5 -0.24 15.06 -13.98
CA MET A 5 0.74 15.32 -12.93
C MET A 5 0.05 15.84 -11.68
N LYS A 6 0.37 15.26 -10.53
CA LYS A 6 -0.14 15.73 -9.26
C LYS A 6 0.97 16.45 -8.51
N ILE A 7 0.61 17.52 -7.80
CA ILE A 7 1.56 18.26 -6.98
C ILE A 7 2.09 17.35 -5.86
N MET A 8 3.28 17.65 -5.34
CA MET A 8 3.84 16.88 -4.23
C MET A 8 2.86 16.90 -3.05
N SER A 9 2.57 18.10 -2.56
CA SER A 9 1.56 18.27 -1.52
C SER A 9 0.17 18.29 -2.17
N ASP A 10 -0.28 17.13 -2.60
CA ASP A 10 -1.58 16.97 -3.23
C ASP A 10 -2.17 15.61 -2.86
N ASN A 11 -3.45 15.59 -2.53
CA ASN A 11 -4.09 14.39 -1.99
C ASN A 11 -5.32 14.01 -2.83
N PRO A 12 -5.11 13.38 -3.99
CA PRO A 12 -6.20 12.91 -4.86
C PRO A 12 -6.70 11.52 -4.49
N PHE A 13 -5.79 10.55 -4.38
CA PHE A 13 -6.15 9.16 -4.12
C PHE A 13 -5.53 8.68 -2.81
N ASP A 14 -5.05 9.62 -2.01
CA ASP A 14 -4.32 9.32 -0.78
C ASP A 14 -5.22 9.47 0.45
N ASP A 15 -6.49 9.79 0.21
CA ASP A 15 -7.45 10.04 1.29
C ASP A 15 -8.10 8.74 1.78
N GLU A 16 -9.27 8.86 2.40
CA GLU A 16 -9.93 7.73 3.05
C GLU A 16 -11.24 7.38 2.37
N ASP A 17 -11.73 8.28 1.53
CA ASP A 17 -13.06 8.13 0.91
C ASP A 17 -13.00 7.10 -0.22
N GLY A 18 -11.81 6.89 -0.76
CA GLY A 18 -11.62 5.91 -1.80
C GLY A 18 -11.37 4.53 -1.24
N MET A 19 -12.00 3.51 -1.83
CA MET A 19 -11.78 2.13 -1.41
C MET A 19 -10.50 1.60 -2.05
N PHE A 20 -9.62 1.07 -1.21
CA PHE A 20 -8.31 0.61 -1.68
C PHE A 20 -8.15 -0.88 -1.44
N PHE A 21 -7.34 -1.53 -2.26
CA PHE A 21 -6.99 -2.94 -2.04
C PHE A 21 -5.55 -3.04 -1.55
N VAL A 22 -5.28 -4.06 -0.73
CA VAL A 22 -3.96 -4.28 -0.19
C VAL A 22 -3.26 -5.34 -1.01
N LEU A 23 -2.09 -4.98 -1.54
CA LEU A 23 -1.34 -5.84 -2.44
C LEU A 23 -0.17 -6.48 -1.70
N ILE A 24 0.50 -7.42 -2.38
CA ILE A 24 1.67 -8.09 -1.80
C ILE A 24 2.62 -8.55 -2.89
N ASN A 25 3.86 -8.83 -2.49
CA ASN A 25 4.82 -9.55 -3.30
C ASN A 25 5.42 -10.66 -2.43
N ASP A 26 5.91 -11.71 -3.07
CA ASP A 26 6.32 -12.96 -2.38
C ASP A 26 7.35 -12.69 -1.28
N GLU A 27 7.96 -11.52 -1.34
CA GLU A 27 8.87 -11.06 -0.30
C GLU A 27 8.08 -10.48 0.89
N GLU A 28 6.81 -10.93 1.03
CA GLU A 28 5.88 -10.38 2.01
C GLU A 28 5.82 -8.87 1.91
N GLN A 29 6.04 -8.37 0.70
CA GLN A 29 6.08 -6.94 0.46
C GLN A 29 4.65 -6.44 0.27
N HIS A 30 4.18 -5.57 1.17
CA HIS A 30 2.79 -5.14 1.17
C HIS A 30 2.65 -3.66 0.86
N SER A 31 1.58 -3.31 0.13
CA SER A 31 1.32 -1.94 -0.29
C SER A 31 -0.19 -1.74 -0.45
N LEU A 32 -0.58 -0.54 -0.88
CA LEU A 32 -1.99 -0.17 -0.98
C LEU A 32 -2.26 0.52 -2.31
N TRP A 33 -3.34 0.13 -3.00
CA TRP A 33 -3.61 0.61 -4.35
C TRP A 33 -5.09 1.00 -4.51
N PRO A 34 -5.37 2.12 -5.22
CA PRO A 34 -6.75 2.57 -5.44
C PRO A 34 -7.43 1.89 -6.63
N THR A 35 -8.76 1.81 -6.56
CA THR A 35 -9.57 1.17 -7.60
C THR A 35 -9.43 1.87 -8.95
N PHE A 36 -9.13 3.16 -8.89
CA PHE A 36 -9.01 4.01 -10.07
C PHE A 36 -7.80 3.61 -10.92
N ALA A 37 -6.92 2.79 -10.37
CA ALA A 37 -5.73 2.33 -11.07
C ALA A 37 -5.62 0.82 -11.02
N ASP A 38 -4.95 0.23 -12.02
CA ASP A 38 -4.76 -1.22 -12.08
C ASP A 38 -3.52 -1.64 -11.32
N VAL A 39 -3.54 -2.88 -10.82
CA VAL A 39 -2.45 -3.42 -10.00
C VAL A 39 -1.10 -3.34 -10.74
N PRO A 40 -0.07 -2.76 -10.10
CA PRO A 40 1.26 -2.61 -10.71
C PRO A 40 2.00 -3.95 -10.86
N ALA A 41 2.72 -4.07 -11.98
CA ALA A 41 3.45 -5.30 -12.30
C ALA A 41 4.34 -5.73 -11.14
N GLY A 42 4.23 -7.01 -10.78
CA GLY A 42 4.99 -7.55 -9.67
C GLY A 42 4.16 -7.74 -8.43
N TRP A 43 3.11 -6.93 -8.28
CA TRP A 43 2.27 -6.98 -7.09
C TRP A 43 1.00 -7.80 -7.36
N ARG A 44 0.40 -8.32 -6.29
CA ARG A 44 -0.86 -9.07 -6.39
C ARG A 44 -1.78 -8.68 -5.25
N VAL A 45 -3.08 -8.73 -5.50
CA VAL A 45 -4.07 -8.34 -4.50
C VAL A 45 -4.23 -9.43 -3.44
N VAL A 46 -4.24 -9.02 -2.18
CA VAL A 46 -4.54 -9.93 -1.07
C VAL A 46 -5.86 -9.53 -0.43
N PHE A 47 -6.05 -8.22 -0.32
CA PHE A 47 -7.25 -7.67 0.28
C PHE A 47 -7.97 -6.83 -0.78
N GLY A 48 -9.22 -7.17 -1.07
CA GLY A 48 -9.97 -6.49 -2.12
C GLY A 48 -10.26 -5.05 -1.77
N GLU A 49 -10.91 -4.33 -2.70
CA GLU A 49 -11.27 -2.94 -2.46
C GLU A 49 -12.09 -2.80 -1.18
N ALA A 50 -11.49 -2.18 -0.18
CA ALA A 50 -12.11 -2.01 1.12
C ALA A 50 -11.88 -0.61 1.65
N SER A 51 -12.62 -0.26 2.68
CA SER A 51 -12.47 1.03 3.36
C SER A 51 -11.05 1.20 3.89
N ARG A 52 -10.65 2.46 4.09
CA ARG A 52 -9.31 2.81 4.53
C ARG A 52 -8.91 2.04 5.79
N ALA A 53 -9.75 2.12 6.82
CA ALA A 53 -9.44 1.54 8.13
C ALA A 53 -9.13 0.05 8.04
N SER A 54 -9.97 -0.69 7.32
CA SER A 54 -9.77 -2.14 7.13
C SER A 54 -8.41 -2.42 6.48
N CYS A 55 -8.14 -1.69 5.39
CA CYS A 55 -6.90 -1.83 4.64
C CYS A 55 -5.69 -1.55 5.54
N VAL A 56 -5.77 -0.43 6.27
CA VAL A 56 -4.70 -0.01 7.17
C VAL A 56 -4.50 -1.04 8.28
N GLU A 57 -5.60 -1.60 8.77
CA GLU A 57 -5.55 -2.58 9.85
C GLU A 57 -4.82 -3.83 9.40
N TYR A 58 -5.12 -4.29 8.18
CA TYR A 58 -4.46 -5.47 7.63
C TYR A 58 -2.95 -5.22 7.50
N VAL A 59 -2.60 -4.15 6.77
CA VAL A 59 -1.20 -3.78 6.57
C VAL A 59 -0.47 -3.63 7.91
N ASP A 60 -1.12 -2.99 8.88
CA ASP A 60 -0.52 -2.73 10.18
C ASP A 60 -0.11 -4.02 10.88
N GLN A 61 -1.02 -4.98 10.92
CA GLN A 61 -0.78 -6.25 11.61
C GLN A 61 0.40 -7.01 11.00
N HIS A 62 0.41 -7.09 9.68
CA HIS A 62 1.45 -7.84 8.97
C HIS A 62 2.59 -6.91 8.54
N TRP A 63 2.61 -5.70 9.09
CA TRP A 63 3.63 -4.71 8.77
C TRP A 63 5.02 -5.27 9.07
N THR A 64 5.24 -5.67 10.32
CA THR A 64 6.54 -6.17 10.76
C THR A 64 6.72 -7.65 10.41
N ASP A 65 6.83 -7.91 9.10
CA ASP A 65 7.09 -9.26 8.61
C ASP A 65 7.73 -9.20 7.21
N ILE A 66 8.43 -8.10 6.95
CA ILE A 66 9.15 -7.96 5.69
C ILE A 66 10.22 -9.04 5.58
N ARG A 67 10.06 -9.93 4.61
CA ARG A 67 10.94 -11.09 4.49
C ARG A 67 12.39 -10.66 4.18
N PRO A 68 12.64 -9.85 3.12
CA PRO A 68 13.98 -9.37 2.79
C PRO A 68 14.32 -8.09 3.54
N LYS A 69 14.92 -8.23 4.72
CA LYS A 69 15.28 -7.07 5.52
C LYS A 69 16.58 -6.44 5.01
N SER A 70 16.47 -5.65 3.94
CA SER A 70 17.59 -4.87 3.45
C SER A 70 18.12 -3.97 4.56
N LEU A 71 17.20 -3.43 5.35
CA LEU A 71 17.52 -2.64 6.53
C LEU A 71 16.93 -3.32 7.77
N ARG A 72 17.59 -3.14 8.90
CA ARG A 72 17.12 -3.75 10.15
C ARG A 72 16.75 -2.67 11.16
N GLU A 73 16.17 -3.08 12.27
CA GLU A 73 15.66 -2.13 13.27
C GLU A 73 16.48 -2.18 14.55
N LYS A 74 16.00 -1.44 15.55
CA LYS A 74 16.57 -1.43 16.89
C LYS A 74 15.61 -0.68 17.81
N LEU A 75 14.54 -1.36 18.21
CA LEU A 75 13.51 -0.77 19.05
C LEU A 75 12.72 -1.86 19.75
N ALA A 76 12.33 -2.88 18.99
CA ALA A 76 11.56 -4.00 19.51
C ALA A 76 12.32 -4.71 20.62
N SER A 77 12.07 -4.29 21.85
CA SER A 77 12.71 -4.86 23.03
C SER A 77 12.05 -6.18 23.41
N GLY A 78 10.89 -6.44 22.80
CA GLY A 78 10.15 -7.67 23.05
C GLY A 78 9.46 -7.66 24.39
N GLN A 79 10.25 -7.88 25.45
CA GLN A 79 9.75 -7.91 26.82
C GLN A 79 10.93 -8.04 27.78
N GLY A 80 12.00 -8.66 27.28
CA GLY A 80 13.23 -8.78 28.03
C GLY A 80 14.42 -8.98 27.12
N GLY A 1 13.63 17.21 -6.50
CA GLY A 1 14.68 16.25 -6.90
C GLY A 1 14.27 15.46 -8.15
N PRO A 2 15.20 15.23 -9.10
CA PRO A 2 14.90 14.52 -10.34
C PRO A 2 14.31 13.12 -10.08
N GLY A 3 13.20 12.82 -10.74
CA GLY A 3 12.56 11.53 -10.60
C GLY A 3 11.77 11.40 -9.30
N SER A 4 12.49 11.16 -8.22
CA SER A 4 11.87 10.93 -6.91
C SER A 4 11.19 12.20 -6.39
N MET A 5 9.87 12.29 -6.59
CA MET A 5 9.09 13.43 -6.13
C MET A 5 7.63 13.02 -5.93
N LYS A 6 6.98 13.64 -4.95
CA LYS A 6 5.56 13.40 -4.67
C LYS A 6 5.32 11.94 -4.30
N ILE A 7 6.30 11.34 -3.63
CA ILE A 7 6.20 9.97 -3.13
C ILE A 7 6.04 10.01 -1.61
N MET A 8 5.03 9.30 -1.11
CA MET A 8 4.74 9.23 0.33
C MET A 8 4.27 10.60 0.85
N SER A 9 4.03 11.53 -0.07
CA SER A 9 3.63 12.89 0.28
C SER A 9 2.12 13.06 0.13
N ASP A 10 1.68 14.31 0.06
CA ASP A 10 0.28 14.62 -0.16
C ASP A 10 -0.17 14.14 -1.55
N ASN A 11 -0.70 12.93 -1.58
CA ASN A 11 -1.22 12.35 -2.82
C ASN A 11 -2.74 12.40 -2.80
N PRO A 12 -3.37 12.92 -3.88
CA PRO A 12 -4.83 13.16 -3.91
C PRO A 12 -5.68 11.89 -3.91
N PHE A 13 -5.06 10.76 -3.60
CA PHE A 13 -5.77 9.48 -3.55
C PHE A 13 -5.72 8.87 -2.15
N ASP A 14 -5.29 9.67 -1.16
CA ASP A 14 -5.10 9.18 0.20
C ASP A 14 -6.34 9.44 1.06
N ASP A 15 -7.49 9.64 0.41
CA ASP A 15 -8.74 9.94 1.12
C ASP A 15 -9.28 8.69 1.83
N GLU A 16 -10.35 8.88 2.61
CA GLU A 16 -10.96 7.80 3.39
C GLU A 16 -12.05 7.09 2.58
N ASP A 17 -12.74 7.87 1.76
CA ASP A 17 -13.90 7.38 1.00
C ASP A 17 -13.48 6.42 -0.10
N GLY A 18 -12.23 6.54 -0.54
CA GLY A 18 -11.73 5.67 -1.58
C GLY A 18 -11.54 4.25 -1.09
N MET A 19 -12.11 3.29 -1.80
CA MET A 19 -11.97 1.89 -1.45
C MET A 19 -10.64 1.37 -2.02
N PHE A 20 -9.83 0.76 -1.18
CA PHE A 20 -8.48 0.36 -1.58
C PHE A 20 -8.29 -1.14 -1.44
N PHE A 21 -7.33 -1.69 -2.17
CA PHE A 21 -6.93 -3.08 -2.02
C PHE A 21 -5.49 -3.16 -1.53
N VAL A 22 -5.18 -4.20 -0.76
CA VAL A 22 -3.84 -4.39 -0.23
C VAL A 22 -3.15 -5.52 -1.01
N LEU A 23 -1.94 -5.24 -1.49
CA LEU A 23 -1.22 -6.15 -2.37
C LEU A 23 -0.05 -6.81 -1.63
N ILE A 24 0.61 -7.76 -2.30
CA ILE A 24 1.84 -8.35 -1.78
C ILE A 24 2.78 -8.74 -2.92
N ASN A 25 4.08 -8.66 -2.63
CA ASN A 25 5.11 -9.19 -3.50
C ASN A 25 5.86 -10.28 -2.73
N ASP A 26 6.47 -11.21 -3.48
CA ASP A 26 7.02 -12.47 -2.93
C ASP A 26 7.90 -12.22 -1.71
N GLU A 27 8.55 -11.07 -1.66
CA GLU A 27 9.37 -10.67 -0.53
C GLU A 27 8.49 -10.23 0.65
N GLU A 28 7.30 -10.84 0.77
CA GLU A 28 6.31 -10.47 1.78
C GLU A 28 6.05 -8.97 1.80
N GLN A 29 6.27 -8.32 0.67
CA GLN A 29 6.13 -6.87 0.59
C GLN A 29 4.66 -6.50 0.46
N HIS A 30 4.12 -5.81 1.45
CA HIS A 30 2.71 -5.42 1.45
C HIS A 30 2.59 -3.93 1.19
N SER A 31 1.54 -3.53 0.49
CA SER A 31 1.34 -2.15 0.09
C SER A 31 -0.15 -1.91 -0.15
N LEU A 32 -0.52 -0.66 -0.36
CA LEU A 32 -1.91 -0.29 -0.49
C LEU A 32 -2.12 0.43 -1.82
N TRP A 33 -3.12 0.00 -2.58
CA TRP A 33 -3.35 0.51 -3.92
C TRP A 33 -4.82 0.92 -4.10
N PRO A 34 -5.07 2.10 -4.71
CA PRO A 34 -6.43 2.59 -4.92
C PRO A 34 -7.09 2.00 -6.17
N THR A 35 -8.41 1.95 -6.16
CA THR A 35 -9.19 1.43 -7.29
C THR A 35 -9.03 2.31 -8.53
N PHE A 36 -8.45 3.49 -8.33
CA PHE A 36 -8.32 4.49 -9.40
C PHE A 36 -7.10 4.20 -10.29
N ALA A 37 -6.29 3.22 -9.90
CA ALA A 37 -5.05 2.91 -10.63
C ALA A 37 -4.95 1.42 -10.94
N ASP A 38 -4.13 1.09 -11.94
CA ASP A 38 -3.89 -0.30 -12.32
C ASP A 38 -2.98 -0.99 -11.30
N VAL A 39 -3.27 -2.26 -11.02
CA VAL A 39 -2.46 -3.05 -10.09
C VAL A 39 -1.08 -3.32 -10.71
N PRO A 40 0.01 -2.93 -10.01
CA PRO A 40 1.37 -3.09 -10.53
C PRO A 40 1.73 -4.57 -10.70
N ALA A 41 2.16 -4.93 -11.91
CA ALA A 41 2.52 -6.31 -12.23
C ALA A 41 3.56 -6.82 -11.25
N GLY A 42 3.28 -7.99 -10.66
CA GLY A 42 4.15 -8.57 -9.66
C GLY A 42 3.52 -8.52 -8.28
N TRP A 43 2.65 -7.55 -8.06
CA TRP A 43 1.96 -7.39 -6.78
C TRP A 43 0.56 -7.99 -6.89
N ARG A 44 0.29 -9.04 -6.11
CA ARG A 44 -1.01 -9.70 -6.14
C ARG A 44 -1.90 -9.14 -5.04
N VAL A 45 -3.20 -9.06 -5.32
CA VAL A 45 -4.16 -8.52 -4.38
C VAL A 45 -4.47 -9.53 -3.29
N VAL A 46 -4.07 -9.22 -2.05
CA VAL A 46 -4.35 -10.10 -0.93
C VAL A 46 -5.66 -9.69 -0.26
N PHE A 47 -5.94 -8.39 -0.32
CA PHE A 47 -7.14 -7.83 0.27
C PHE A 47 -7.86 -7.05 -0.81
N GLY A 48 -8.99 -7.57 -1.28
CA GLY A 48 -9.73 -6.93 -2.35
C GLY A 48 -10.19 -5.54 -1.98
N GLU A 49 -10.80 -4.84 -2.95
CA GLU A 49 -11.23 -3.46 -2.72
C GLU A 49 -12.15 -3.39 -1.50
N ALA A 50 -11.72 -2.63 -0.51
CA ALA A 50 -12.40 -2.57 0.77
C ALA A 50 -12.22 -1.21 1.42
N SER A 51 -13.01 -0.96 2.45
CA SER A 51 -12.96 0.29 3.19
C SER A 51 -11.56 0.57 3.75
N ARG A 52 -11.23 1.85 3.83
CA ARG A 52 -9.94 2.33 4.30
C ARG A 52 -9.52 1.64 5.60
N ALA A 53 -10.42 1.61 6.58
CA ALA A 53 -10.11 1.06 7.90
C ALA A 53 -9.65 -0.40 7.81
N SER A 54 -10.33 -1.20 7.00
CA SER A 54 -9.98 -2.61 6.83
C SER A 54 -8.57 -2.72 6.23
N CYS A 55 -8.36 -2.01 5.14
CA CYS A 55 -7.08 -2.01 4.44
C CYS A 55 -5.97 -1.59 5.39
N VAL A 56 -6.20 -0.52 6.16
CA VAL A 56 -5.21 0.00 7.10
C VAL A 56 -4.91 -1.02 8.19
N GLU A 57 -5.94 -1.69 8.68
CA GLU A 57 -5.79 -2.70 9.73
C GLU A 57 -4.92 -3.84 9.24
N TYR A 58 -5.13 -4.28 8.02
CA TYR A 58 -4.30 -5.35 7.44
C TYR A 58 -2.88 -4.83 7.17
N VAL A 59 -2.79 -3.64 6.57
CA VAL A 59 -1.49 -3.02 6.30
C VAL A 59 -0.69 -2.82 7.58
N ASP A 60 -1.39 -2.56 8.69
CA ASP A 60 -0.74 -2.37 9.99
C ASP A 60 0.10 -3.59 10.35
N GLN A 61 -0.38 -4.75 9.92
CA GLN A 61 0.30 -6.04 10.16
C GLN A 61 1.65 -6.13 9.42
N HIS A 62 2.00 -5.08 8.66
CA HIS A 62 3.25 -5.08 7.87
C HIS A 62 4.48 -5.12 8.77
N TRP A 63 4.28 -5.12 10.09
CA TRP A 63 5.38 -5.22 11.04
C TRP A 63 5.77 -6.69 11.25
N THR A 64 5.23 -7.55 10.40
CA THR A 64 5.58 -8.97 10.39
C THR A 64 6.98 -9.19 9.78
N ASP A 65 7.36 -10.45 9.59
CA ASP A 65 8.70 -10.79 9.11
C ASP A 65 8.92 -10.33 7.67
N ILE A 66 9.51 -9.15 7.51
CA ILE A 66 9.88 -8.65 6.19
C ILE A 66 11.09 -9.44 5.68
N ARG A 67 10.83 -10.31 4.70
CA ARG A 67 11.83 -11.26 4.20
C ARG A 67 13.14 -10.56 3.75
N PRO A 68 13.07 -9.58 2.83
CA PRO A 68 14.27 -8.92 2.30
C PRO A 68 14.92 -7.97 3.32
N LYS A 69 14.50 -6.71 3.33
CA LYS A 69 15.05 -5.70 4.22
C LYS A 69 13.92 -4.98 4.95
N SER A 70 14.04 -4.85 6.27
CA SER A 70 13.04 -4.12 7.04
C SER A 70 12.98 -2.67 6.55
N LEU A 71 11.76 -2.13 6.50
CA LEU A 71 11.53 -0.81 5.90
C LEU A 71 11.88 0.32 6.89
N ARG A 72 13.04 0.19 7.54
CA ARG A 72 13.48 1.18 8.53
C ARG A 72 13.86 2.50 7.85
N GLU A 73 13.94 2.47 6.52
CA GLU A 73 14.28 3.66 5.73
C GLU A 73 13.12 4.66 5.72
N LYS A 74 11.92 4.17 6.03
CA LYS A 74 10.74 5.03 6.03
C LYS A 74 10.70 5.88 7.30
N LEU A 75 11.27 7.08 7.18
CA LEU A 75 11.25 8.05 8.28
C LEU A 75 9.87 8.69 8.35
N ALA A 76 9.36 8.77 9.56
CA ALA A 76 8.07 9.38 9.83
C ALA A 76 8.12 10.08 11.19
N SER A 77 8.58 9.33 12.18
CA SER A 77 8.84 9.87 13.51
C SER A 77 10.35 10.02 13.69
N GLY A 78 10.85 11.23 13.50
CA GLY A 78 12.27 11.49 13.66
C GLY A 78 12.63 11.80 15.10
N GLN A 79 13.29 12.92 15.31
CA GLN A 79 13.63 13.36 16.66
C GLN A 79 12.41 14.08 17.25
N GLY A 80 11.48 13.29 17.77
CA GLY A 80 10.23 13.84 18.30
C GLY A 80 9.16 13.89 17.23
N GLY A 1 9.66 -2.05 -8.71
CA GLY A 1 10.46 -0.81 -8.77
C GLY A 1 10.41 -0.05 -7.47
N PRO A 2 10.88 1.21 -7.44
CA PRO A 2 10.90 2.04 -6.23
C PRO A 2 9.61 2.84 -6.04
N GLY A 3 8.59 2.50 -6.82
CA GLY A 3 7.34 3.23 -6.76
C GLY A 3 7.45 4.63 -7.33
N SER A 4 7.83 5.58 -6.46
CA SER A 4 7.99 6.98 -6.85
C SER A 4 6.68 7.55 -7.43
N MET A 5 5.57 6.88 -7.11
CA MET A 5 4.27 7.25 -7.66
C MET A 5 3.79 8.58 -7.11
N LYS A 6 4.01 8.81 -5.81
CA LYS A 6 3.54 10.03 -5.15
C LYS A 6 4.66 10.65 -4.31
N ILE A 7 4.78 11.97 -4.42
CA ILE A 7 5.76 12.73 -3.65
C ILE A 7 5.10 13.29 -2.39
N MET A 8 3.91 13.85 -2.57
CA MET A 8 3.17 14.45 -1.45
C MET A 8 2.37 13.38 -0.71
N SER A 9 2.40 13.46 0.62
CA SER A 9 1.74 12.47 1.48
C SER A 9 0.23 12.47 1.25
N ASP A 10 -0.36 13.65 1.07
CA ASP A 10 -1.81 13.79 0.95
C ASP A 10 -2.22 13.96 -0.51
N ASN A 11 -2.84 12.92 -1.07
CA ASN A 11 -3.38 12.95 -2.43
C ASN A 11 -4.87 12.60 -2.41
N PRO A 12 -5.62 12.90 -3.50
CA PRO A 12 -7.08 12.64 -3.55
C PRO A 12 -7.45 11.15 -3.48
N PHE A 13 -6.46 10.29 -3.29
CA PHE A 13 -6.71 8.85 -3.11
C PHE A 13 -6.23 8.40 -1.73
N ASP A 14 -5.97 9.36 -0.85
CA ASP A 14 -5.52 9.07 0.51
C ASP A 14 -6.61 9.38 1.52
N ASP A 15 -7.83 9.59 1.02
CA ASP A 15 -8.96 9.88 1.88
C ASP A 15 -9.54 8.58 2.45
N GLU A 16 -9.91 8.61 3.72
CA GLU A 16 -10.44 7.41 4.40
C GLU A 16 -11.72 6.92 3.75
N ASP A 17 -12.37 7.82 3.01
CA ASP A 17 -13.63 7.51 2.33
C ASP A 17 -13.38 6.64 1.11
N GLY A 18 -12.15 6.68 0.59
CA GLY A 18 -11.81 5.92 -0.60
C GLY A 18 -11.61 4.46 -0.29
N MET A 19 -12.05 3.59 -1.21
CA MET A 19 -11.85 2.15 -1.06
C MET A 19 -10.61 1.73 -1.85
N PHE A 20 -9.70 1.02 -1.19
CA PHE A 20 -8.45 0.60 -1.79
C PHE A 20 -8.24 -0.89 -1.57
N PHE A 21 -7.47 -1.52 -2.45
CA PHE A 21 -7.13 -2.94 -2.29
C PHE A 21 -5.70 -3.09 -1.81
N VAL A 22 -5.46 -4.07 -0.95
CA VAL A 22 -4.13 -4.29 -0.39
C VAL A 22 -3.43 -5.37 -1.21
N LEU A 23 -2.21 -5.04 -1.63
CA LEU A 23 -1.40 -5.93 -2.46
C LEU A 23 -0.17 -6.37 -1.68
N ILE A 24 0.53 -7.38 -2.19
CA ILE A 24 1.79 -7.82 -1.58
C ILE A 24 2.69 -8.43 -2.64
N ASN A 25 4.00 -8.26 -2.46
CA ASN A 25 4.99 -8.97 -3.27
C ASN A 25 5.70 -9.99 -2.39
N ASP A 26 6.24 -11.02 -3.03
CA ASP A 26 6.75 -12.21 -2.34
C ASP A 26 7.84 -11.89 -1.33
N GLU A 27 8.44 -10.71 -1.43
CA GLU A 27 9.36 -10.21 -0.40
C GLU A 27 8.57 -9.56 0.75
N GLU A 28 7.39 -10.10 1.03
CA GLU A 28 6.48 -9.57 2.05
C GLU A 28 6.30 -8.07 1.86
N GLN A 29 6.38 -7.61 0.63
CA GLN A 29 6.28 -6.17 0.36
C GLN A 29 4.83 -5.74 0.38
N HIS A 30 4.49 -4.87 1.33
CA HIS A 30 3.11 -4.42 1.52
C HIS A 30 2.83 -3.20 0.65
N SER A 31 1.66 -3.17 0.02
CA SER A 31 1.26 -2.06 -0.82
C SER A 31 -0.23 -1.81 -0.70
N LEU A 32 -0.65 -0.58 -0.97
CA LEU A 32 -2.05 -0.19 -0.92
C LEU A 32 -2.40 0.57 -2.19
N TRP A 33 -3.29 -0.01 -2.99
CA TRP A 33 -3.56 0.50 -4.33
C TRP A 33 -5.00 0.98 -4.45
N PRO A 34 -5.22 2.22 -4.92
CA PRO A 34 -6.57 2.79 -5.07
C PRO A 34 -7.30 2.24 -6.29
N THR A 35 -8.62 2.32 -6.26
CA THR A 35 -9.48 1.83 -7.33
C THR A 35 -9.23 2.57 -8.66
N PHE A 36 -8.54 3.69 -8.57
CA PHE A 36 -8.28 4.55 -9.72
C PHE A 36 -7.16 4.01 -10.61
N ALA A 37 -6.57 2.88 -10.23
CA ALA A 37 -5.47 2.30 -10.98
C ALA A 37 -5.55 0.77 -11.01
N ASP A 38 -4.81 0.16 -11.93
CA ASP A 38 -4.77 -1.30 -12.07
C ASP A 38 -3.61 -1.86 -11.27
N VAL A 39 -3.77 -3.11 -10.82
CA VAL A 39 -2.77 -3.78 -10.00
C VAL A 39 -1.41 -3.86 -10.71
N PRO A 40 -0.35 -3.34 -10.08
CA PRO A 40 1.01 -3.35 -10.66
C PRO A 40 1.57 -4.77 -10.81
N ALA A 41 2.06 -5.06 -12.01
CA ALA A 41 2.60 -6.38 -12.34
C ALA A 41 3.62 -6.83 -11.30
N GLY A 42 3.43 -8.03 -10.78
CA GLY A 42 4.31 -8.57 -9.77
C GLY A 42 3.66 -8.63 -8.40
N TRP A 43 2.70 -7.73 -8.18
CA TRP A 43 2.02 -7.64 -6.89
C TRP A 43 0.70 -8.43 -6.93
N ARG A 44 0.44 -9.20 -5.89
CA ARG A 44 -0.78 -10.00 -5.81
C ARG A 44 -1.76 -9.32 -4.87
N VAL A 45 -3.06 -9.38 -5.21
CA VAL A 45 -4.10 -8.74 -4.40
C VAL A 45 -4.44 -9.61 -3.20
N VAL A 46 -4.11 -9.13 -2.01
CA VAL A 46 -4.38 -9.87 -0.78
C VAL A 46 -5.76 -9.49 -0.24
N PHE A 47 -6.14 -8.24 -0.46
CA PHE A 47 -7.41 -7.73 0.04
C PHE A 47 -8.07 -6.87 -1.04
N GLY A 48 -9.32 -7.17 -1.37
CA GLY A 48 -10.04 -6.41 -2.37
C GLY A 48 -10.34 -4.99 -1.91
N GLU A 49 -10.89 -4.19 -2.81
CA GLU A 49 -11.18 -2.78 -2.50
C GLU A 49 -12.07 -2.65 -1.26
N ALA A 50 -11.48 -2.13 -0.19
CA ALA A 50 -12.17 -1.91 1.07
C ALA A 50 -11.80 -0.56 1.64
N SER A 51 -12.54 -0.09 2.64
CA SER A 51 -12.31 1.23 3.23
C SER A 51 -10.92 1.31 3.87
N ARG A 52 -10.47 2.52 4.15
CA ARG A 52 -9.13 2.79 4.68
C ARG A 52 -8.81 1.92 5.90
N ALA A 53 -9.71 1.93 6.89
CA ALA A 53 -9.47 1.27 8.17
C ALA A 53 -9.22 -0.23 7.98
N SER A 54 -10.11 -0.88 7.23
CA SER A 54 -9.99 -2.31 6.98
C SER A 54 -8.61 -2.62 6.37
N CYS A 55 -8.25 -1.84 5.37
CA CYS A 55 -7.00 -2.00 4.66
C CYS A 55 -5.81 -1.82 5.61
N VAL A 56 -5.82 -0.73 6.38
CA VAL A 56 -4.73 -0.42 7.29
C VAL A 56 -4.54 -1.53 8.31
N GLU A 57 -5.65 -2.00 8.87
CA GLU A 57 -5.62 -3.06 9.86
C GLU A 57 -5.02 -4.33 9.27
N TYR A 58 -5.50 -4.69 8.08
CA TYR A 58 -5.05 -5.89 7.39
C TYR A 58 -3.56 -5.82 7.10
N VAL A 59 -3.11 -4.67 6.58
CA VAL A 59 -1.70 -4.42 6.32
C VAL A 59 -0.86 -4.55 7.60
N ASP A 60 -1.38 -4.03 8.72
CA ASP A 60 -0.65 -4.02 9.99
C ASP A 60 -0.33 -5.44 10.45
N GLN A 61 -1.20 -6.38 10.09
CA GLN A 61 -1.06 -7.80 10.46
C GLN A 61 0.26 -8.41 9.96
N HIS A 62 1.05 -7.62 9.23
CA HIS A 62 2.34 -8.06 8.67
C HIS A 62 3.41 -8.38 9.74
N TRP A 63 3.01 -8.47 11.00
CA TRP A 63 3.98 -8.67 12.09
C TRP A 63 4.50 -10.12 12.13
N THR A 64 4.01 -10.96 11.24
CA THR A 64 4.41 -12.36 11.20
C THR A 64 5.80 -12.53 10.59
N ASP A 65 5.98 -12.05 9.35
CA ASP A 65 7.24 -12.23 8.64
C ASP A 65 7.54 -11.05 7.70
N ILE A 66 8.83 -10.74 7.57
CA ILE A 66 9.33 -9.76 6.60
C ILE A 66 10.63 -10.31 6.01
N ARG A 67 10.62 -10.66 4.72
CA ARG A 67 11.80 -11.28 4.08
C ARG A 67 12.99 -10.31 4.02
N PRO A 68 12.80 -9.07 3.49
CA PRO A 68 13.85 -8.04 3.54
C PRO A 68 14.33 -7.78 4.97
N LYS A 69 15.44 -8.42 5.34
CA LYS A 69 16.00 -8.27 6.68
C LYS A 69 16.52 -6.85 6.87
N SER A 70 16.95 -6.23 5.78
CA SER A 70 17.26 -4.80 5.77
C SER A 70 15.95 -4.03 5.63
N LEU A 71 15.15 -4.08 6.68
CA LEU A 71 13.79 -3.58 6.65
C LEU A 71 13.75 -2.06 6.40
N ARG A 72 13.40 -1.69 5.18
CA ARG A 72 13.16 -0.29 4.83
C ARG A 72 11.75 0.07 5.25
N GLU A 73 11.55 1.32 5.69
CA GLU A 73 10.31 1.77 6.33
C GLU A 73 10.23 1.23 7.76
N LYS A 74 9.83 2.07 8.70
CA LYS A 74 9.74 1.67 10.10
C LYS A 74 8.68 2.47 10.86
N LEU A 75 7.55 1.83 11.12
CA LEU A 75 6.52 2.38 11.98
C LEU A 75 6.72 1.90 13.40
N ALA A 76 7.42 0.76 13.52
CA ALA A 76 7.66 0.11 14.81
C ALA A 76 6.36 -0.38 15.44
N SER A 77 6.46 -0.98 16.62
CA SER A 77 5.30 -1.52 17.31
C SER A 77 5.33 -1.13 18.79
N GLY A 78 4.47 -0.19 19.17
CA GLY A 78 4.35 0.19 20.56
C GLY A 78 3.53 -0.82 21.33
N GLN A 79 4.03 -2.04 21.42
CA GLN A 79 3.30 -3.14 22.03
C GLN A 79 3.30 -2.99 23.55
N GLY A 80 4.40 -2.44 24.08
CA GLY A 80 4.54 -2.24 25.51
C GLY A 80 5.28 -3.40 26.15
N GLY A 1 7.85 2.76 -18.34
CA GLY A 1 9.29 2.99 -18.57
C GLY A 1 9.99 3.55 -17.35
N PRO A 2 11.31 3.81 -17.44
CA PRO A 2 12.09 4.38 -16.33
C PRO A 2 11.69 5.83 -16.04
N GLY A 3 10.82 6.01 -15.05
CA GLY A 3 10.36 7.32 -14.68
C GLY A 3 9.20 7.26 -13.71
N SER A 4 9.51 7.14 -12.43
CA SER A 4 8.49 7.02 -11.40
C SER A 4 7.69 8.31 -11.25
N MET A 5 6.56 8.38 -11.96
CA MET A 5 5.66 9.52 -11.88
C MET A 5 4.64 9.32 -10.76
N LYS A 6 3.93 10.39 -10.38
CA LYS A 6 2.92 10.35 -9.32
C LYS A 6 3.58 10.30 -7.93
N ILE A 7 4.83 10.75 -7.86
CA ILE A 7 5.56 10.83 -6.59
C ILE A 7 4.90 11.85 -5.65
N MET A 8 4.09 12.73 -6.22
CA MET A 8 3.37 13.74 -5.46
C MET A 8 2.21 13.09 -4.69
N SER A 9 2.20 13.26 -3.38
CA SER A 9 1.14 12.72 -2.53
C SER A 9 -0.15 13.54 -2.70
N ASP A 10 -0.01 14.73 -3.26
CA ASP A 10 -1.15 15.64 -3.48
C ASP A 10 -2.09 15.09 -4.55
N ASN A 11 -2.87 14.09 -4.17
CA ASN A 11 -3.84 13.45 -5.06
C ASN A 11 -5.07 13.05 -4.26
N PRO A 12 -6.28 13.38 -4.75
CA PRO A 12 -7.54 13.09 -4.03
C PRO A 12 -7.82 11.58 -3.93
N PHE A 13 -6.91 10.79 -4.49
CA PHE A 13 -7.08 9.35 -4.56
C PHE A 13 -6.55 8.67 -3.29
N ASP A 14 -5.85 9.43 -2.44
CA ASP A 14 -5.30 8.90 -1.20
C ASP A 14 -6.25 9.17 -0.03
N ASP A 15 -7.52 9.40 -0.38
CA ASP A 15 -8.57 9.71 0.60
C ASP A 15 -8.77 8.54 1.55
N GLU A 16 -9.59 8.72 2.58
CA GLU A 16 -9.92 7.65 3.52
C GLU A 16 -11.31 7.09 3.22
N ASP A 17 -12.07 7.81 2.42
CA ASP A 17 -13.45 7.44 2.10
C ASP A 17 -13.52 6.47 0.94
N GLY A 18 -12.48 6.46 0.11
CA GLY A 18 -12.45 5.57 -1.04
C GLY A 18 -12.11 4.14 -0.66
N MET A 19 -12.53 3.20 -1.49
CA MET A 19 -12.25 1.79 -1.26
C MET A 19 -10.96 1.41 -1.96
N PHE A 20 -10.02 0.82 -1.23
CA PHE A 20 -8.71 0.46 -1.79
C PHE A 20 -8.37 -0.98 -1.43
N PHE A 21 -7.55 -1.62 -2.27
CA PHE A 21 -7.12 -2.99 -2.01
C PHE A 21 -5.68 -3.02 -1.54
N VAL A 22 -5.32 -4.06 -0.80
CA VAL A 22 -3.95 -4.21 -0.34
C VAL A 22 -3.29 -5.33 -1.11
N LEU A 23 -2.17 -5.00 -1.74
CA LEU A 23 -1.43 -5.93 -2.57
C LEU A 23 -0.23 -6.50 -1.80
N ILE A 24 0.43 -7.47 -2.40
CA ILE A 24 1.64 -8.02 -1.82
C ILE A 24 2.62 -8.40 -2.92
N ASN A 25 3.89 -8.07 -2.71
CA ASN A 25 4.96 -8.61 -3.54
C ASN A 25 5.61 -9.75 -2.80
N ASP A 26 6.19 -10.69 -3.54
CA ASP A 26 6.60 -11.99 -3.01
C ASP A 26 7.66 -11.89 -1.91
N GLU A 27 8.11 -10.67 -1.65
CA GLU A 27 8.99 -10.40 -0.51
C GLU A 27 8.13 -10.02 0.71
N GLU A 28 6.88 -10.49 0.70
CA GLU A 28 5.87 -10.14 1.72
C GLU A 28 5.67 -8.63 1.82
N GLN A 29 5.92 -7.93 0.71
CA GLN A 29 5.82 -6.48 0.69
C GLN A 29 4.37 -6.05 0.61
N HIS A 30 3.89 -5.34 1.65
CA HIS A 30 2.54 -4.82 1.66
C HIS A 30 2.49 -3.46 0.95
N SER A 31 1.33 -3.12 0.40
CA SER A 31 1.15 -1.86 -0.28
C SER A 31 -0.33 -1.60 -0.50
N LEU A 32 -0.78 -0.37 -0.24
CA LEU A 32 -2.17 0.00 -0.42
C LEU A 32 -2.36 0.62 -1.81
N TRP A 33 -3.26 0.04 -2.59
CA TRP A 33 -3.46 0.45 -3.98
C TRP A 33 -4.93 0.84 -4.20
N PRO A 34 -5.18 2.03 -4.77
CA PRO A 34 -6.54 2.54 -4.98
C PRO A 34 -7.22 1.93 -6.21
N THR A 35 -8.56 1.92 -6.19
CA THR A 35 -9.36 1.41 -7.30
C THR A 35 -9.12 2.20 -8.59
N PHE A 36 -8.61 3.42 -8.42
CA PHE A 36 -8.39 4.33 -9.55
C PHE A 36 -7.12 3.97 -10.32
N ALA A 37 -6.37 2.99 -9.84
CA ALA A 37 -5.11 2.59 -10.46
C ALA A 37 -5.13 1.11 -10.87
N ASP A 38 -4.07 0.69 -11.56
CA ASP A 38 -3.96 -0.70 -12.03
C ASP A 38 -2.99 -1.48 -11.15
N VAL A 39 -3.34 -2.72 -10.85
CA VAL A 39 -2.47 -3.60 -10.05
C VAL A 39 -1.17 -3.87 -10.80
N PRO A 40 -0.02 -3.42 -10.25
CA PRO A 40 1.29 -3.58 -10.91
C PRO A 40 1.73 -5.05 -10.97
N ALA A 41 2.26 -5.45 -12.13
CA ALA A 41 2.70 -6.82 -12.35
C ALA A 41 3.71 -7.25 -11.29
N GLY A 42 3.45 -8.39 -10.67
CA GLY A 42 4.29 -8.88 -9.60
C GLY A 42 3.61 -8.76 -8.26
N TRP A 43 2.71 -7.79 -8.14
CA TRP A 43 1.94 -7.59 -6.92
C TRP A 43 0.57 -8.24 -7.07
N ARG A 44 0.16 -9.03 -6.08
CA ARG A 44 -1.14 -9.69 -6.11
C ARG A 44 -2.03 -9.13 -5.00
N VAL A 45 -3.33 -9.05 -5.28
CA VAL A 45 -4.30 -8.52 -4.33
C VAL A 45 -4.54 -9.52 -3.19
N VAL A 46 -4.20 -9.12 -1.98
CA VAL A 46 -4.48 -9.95 -0.80
C VAL A 46 -5.78 -9.49 -0.15
N PHE A 47 -6.02 -8.19 -0.19
CA PHE A 47 -7.18 -7.60 0.44
C PHE A 47 -7.97 -6.85 -0.62
N GLY A 48 -9.23 -7.24 -0.81
CA GLY A 48 -10.07 -6.62 -1.81
C GLY A 48 -10.34 -5.15 -1.52
N GLU A 49 -10.87 -4.43 -2.51
CA GLU A 49 -11.17 -3.02 -2.35
C GLU A 49 -12.09 -2.81 -1.14
N ALA A 50 -11.55 -2.19 -0.10
CA ALA A 50 -12.25 -2.01 1.16
C ALA A 50 -11.94 -0.66 1.78
N SER A 51 -12.72 -0.28 2.79
CA SER A 51 -12.54 0.98 3.49
C SER A 51 -11.10 1.13 4.02
N ARG A 52 -10.61 2.36 3.99
CA ARG A 52 -9.23 2.68 4.36
C ARG A 52 -8.82 2.01 5.67
N ALA A 53 -9.70 2.06 6.67
CA ALA A 53 -9.40 1.57 8.01
C ALA A 53 -9.08 0.08 7.99
N SER A 54 -9.88 -0.70 7.26
CA SER A 54 -9.67 -2.14 7.17
C SER A 54 -8.31 -2.45 6.53
N CYS A 55 -8.03 -1.71 5.46
CA CYS A 55 -6.78 -1.87 4.72
C CYS A 55 -5.59 -1.58 5.64
N VAL A 56 -5.67 -0.46 6.37
CA VAL A 56 -4.63 -0.08 7.34
C VAL A 56 -4.50 -1.15 8.41
N GLU A 57 -5.66 -1.66 8.86
CA GLU A 57 -5.71 -2.69 9.88
C GLU A 57 -4.90 -3.92 9.44
N TYR A 58 -5.04 -4.31 8.17
CA TYR A 58 -4.27 -5.41 7.64
C TYR A 58 -2.79 -5.05 7.48
N VAL A 59 -2.52 -3.95 6.79
CA VAL A 59 -1.15 -3.49 6.56
C VAL A 59 -0.37 -3.38 7.87
N ASP A 60 -1.08 -3.04 8.93
CA ASP A 60 -0.48 -2.92 10.27
C ASP A 60 0.10 -4.26 10.74
N GLN A 61 -0.71 -5.32 10.65
CA GLN A 61 -0.34 -6.63 11.18
C GLN A 61 0.71 -7.32 10.28
N HIS A 62 0.63 -7.09 8.98
CA HIS A 62 1.50 -7.76 8.01
C HIS A 62 2.88 -7.06 7.92
N TRP A 63 3.16 -6.18 8.87
CA TRP A 63 4.42 -5.44 8.88
C TRP A 63 5.59 -6.34 9.31
N THR A 64 5.29 -7.41 10.05
CA THR A 64 6.33 -8.26 10.63
C THR A 64 6.65 -9.49 9.75
N ASP A 65 6.14 -9.50 8.53
CA ASP A 65 6.44 -10.59 7.58
C ASP A 65 7.70 -10.25 6.78
N ILE A 66 8.70 -11.12 6.83
CA ILE A 66 10.01 -10.83 6.25
C ILE A 66 10.54 -12.01 5.41
N ARG A 67 10.94 -11.72 4.17
CA ARG A 67 11.64 -12.69 3.31
C ARG A 67 13.04 -12.18 2.93
N PRO A 68 13.15 -10.98 2.29
CA PRO A 68 14.41 -10.51 1.69
C PRO A 68 15.58 -10.47 2.67
N LYS A 69 15.57 -9.52 3.60
CA LYS A 69 16.67 -9.35 4.53
C LYS A 69 16.15 -8.92 5.89
N SER A 70 15.91 -7.62 6.06
CA SER A 70 15.42 -7.07 7.33
C SER A 70 14.69 -5.75 7.07
N LEU A 71 13.51 -5.61 7.66
CA LEU A 71 12.70 -4.40 7.48
C LEU A 71 12.93 -3.44 8.65
N ARG A 72 13.60 -2.32 8.36
CA ARG A 72 13.83 -1.27 9.34
C ARG A 72 13.36 0.06 8.78
N GLU A 73 12.57 0.80 9.56
CA GLU A 73 12.06 2.09 9.12
C GLU A 73 11.82 2.99 10.34
N LYS A 74 11.69 4.29 10.08
CA LYS A 74 11.54 5.30 11.12
C LYS A 74 10.06 5.55 11.40
N LEU A 75 9.74 5.87 12.65
CA LEU A 75 8.37 6.15 13.06
C LEU A 75 7.98 7.57 12.65
N ALA A 76 6.78 7.72 12.08
CA ALA A 76 6.27 9.01 11.66
C ALA A 76 5.55 9.69 12.81
N SER A 77 6.05 10.84 13.24
CA SER A 77 5.46 11.59 14.34
C SER A 77 4.20 12.34 13.87
N GLY A 78 3.04 11.74 14.14
CA GLY A 78 1.77 12.35 13.77
C GLY A 78 1.37 12.02 12.34
N GLN A 79 0.16 12.41 11.97
CA GLN A 79 -0.34 12.20 10.62
C GLN A 79 -0.40 13.53 9.86
N GLY A 80 -0.08 14.60 10.57
CA GLY A 80 -0.04 15.92 9.97
C GLY A 80 0.13 16.99 11.03
N GLY A 1 -2.53 6.24 -16.54
CA GLY A 1 -2.39 7.27 -15.48
C GLY A 1 -1.91 8.60 -16.02
N PRO A 2 -2.08 9.69 -15.26
CA PRO A 2 -1.67 11.03 -15.70
C PRO A 2 -0.16 11.27 -15.55
N GLY A 3 0.62 10.45 -16.26
CA GLY A 3 2.08 10.60 -16.23
C GLY A 3 2.67 10.47 -14.85
N SER A 4 2.81 9.23 -14.38
CA SER A 4 3.38 8.97 -13.06
C SER A 4 4.79 9.54 -12.95
N MET A 5 4.89 10.73 -12.34
CA MET A 5 6.16 11.44 -12.20
C MET A 5 7.01 10.81 -11.11
N LYS A 6 6.50 10.86 -9.87
CA LYS A 6 7.24 10.36 -8.72
C LYS A 6 6.28 10.23 -7.53
N ILE A 7 6.60 9.34 -6.59
CA ILE A 7 5.85 9.23 -5.35
C ILE A 7 6.11 10.46 -4.48
N MET A 8 5.04 11.06 -3.97
CA MET A 8 5.13 12.27 -3.16
C MET A 8 4.53 12.02 -1.78
N SER A 9 5.11 12.65 -0.77
CA SER A 9 4.65 12.50 0.61
C SER A 9 3.20 12.94 0.77
N ASP A 10 2.76 13.84 -0.11
CA ASP A 10 1.39 14.34 -0.08
C ASP A 10 0.62 13.87 -1.32
N ASN A 11 -0.45 13.12 -1.09
CA ASN A 11 -1.30 12.61 -2.18
C ASN A 11 -2.67 12.22 -1.64
N PRO A 12 -3.75 12.46 -2.42
CA PRO A 12 -5.13 12.18 -1.98
C PRO A 12 -5.54 10.73 -2.18
N PHE A 13 -4.57 9.84 -2.32
CA PHE A 13 -4.84 8.42 -2.57
C PHE A 13 -4.67 7.59 -1.29
N ASP A 14 -4.30 8.26 -0.21
CA ASP A 14 -4.10 7.59 1.09
C ASP A 14 -5.25 7.94 2.05
N ASP A 15 -6.12 8.85 1.61
CA ASP A 15 -7.21 9.34 2.45
C ASP A 15 -8.23 8.26 2.75
N GLU A 16 -8.89 8.41 3.90
CA GLU A 16 -9.77 7.38 4.45
C GLU A 16 -11.05 7.19 3.64
N ASP A 17 -11.39 8.18 2.82
CA ASP A 17 -12.67 8.18 2.12
C ASP A 17 -12.69 7.19 0.96
N GLY A 18 -11.51 6.84 0.46
CA GLY A 18 -11.42 5.95 -0.68
C GLY A 18 -11.38 4.48 -0.29
N MET A 19 -11.88 3.63 -1.16
CA MET A 19 -11.79 2.19 -0.98
C MET A 19 -10.58 1.69 -1.78
N PHE A 20 -9.69 0.95 -1.13
CA PHE A 20 -8.46 0.47 -1.76
C PHE A 20 -8.27 -1.02 -1.49
N PHE A 21 -7.42 -1.65 -2.27
CA PHE A 21 -7.08 -3.06 -2.06
C PHE A 21 -5.65 -3.19 -1.56
N VAL A 22 -5.38 -4.22 -0.76
CA VAL A 22 -4.05 -4.42 -0.17
C VAL A 22 -3.28 -5.45 -0.98
N LEU A 23 -2.08 -5.10 -1.41
CA LEU A 23 -1.26 -5.95 -2.25
C LEU A 23 0.00 -6.39 -1.53
N ILE A 24 0.68 -7.36 -2.12
CA ILE A 24 1.91 -7.88 -1.56
C ILE A 24 2.85 -8.29 -2.69
N ASN A 25 4.14 -8.16 -2.44
CA ASN A 25 5.15 -8.72 -3.34
C ASN A 25 5.72 -9.97 -2.69
N ASP A 26 6.18 -10.89 -3.52
CA ASP A 26 6.53 -12.26 -3.09
C ASP A 26 7.51 -12.26 -1.91
N GLU A 27 8.29 -11.19 -1.81
CA GLU A 27 9.20 -11.00 -0.66
C GLU A 27 8.42 -10.62 0.60
N GLU A 28 7.10 -10.86 0.57
CA GLU A 28 6.19 -10.52 1.66
C GLU A 28 6.17 -9.01 1.88
N GLN A 29 6.31 -8.27 0.79
CA GLN A 29 6.31 -6.81 0.86
C GLN A 29 4.88 -6.28 0.78
N HIS A 30 4.44 -5.59 1.84
CA HIS A 30 3.07 -5.10 1.94
C HIS A 30 2.90 -3.75 1.23
N SER A 31 1.78 -3.60 0.53
CA SER A 31 1.49 -2.38 -0.22
C SER A 31 -0.02 -2.12 -0.30
N LEU A 32 -0.40 -0.99 -0.87
CA LEU A 32 -1.80 -0.59 -0.99
C LEU A 32 -2.03 0.08 -2.34
N TRP A 33 -3.09 -0.33 -3.04
CA TRP A 33 -3.40 0.22 -4.36
C TRP A 33 -4.86 0.72 -4.42
N PRO A 34 -5.10 1.93 -4.96
CA PRO A 34 -6.44 2.51 -5.08
C PRO A 34 -7.24 1.93 -6.26
N THR A 35 -8.56 1.98 -6.14
CA THR A 35 -9.47 1.44 -7.17
C THR A 35 -9.32 2.18 -8.50
N PHE A 36 -8.86 3.42 -8.42
CA PHE A 36 -8.76 4.29 -9.59
C PHE A 36 -7.63 3.85 -10.53
N ALA A 37 -6.81 2.92 -10.07
CA ALA A 37 -5.68 2.43 -10.86
C ALA A 37 -5.73 0.92 -10.98
N ASP A 38 -5.20 0.40 -12.09
CA ASP A 38 -5.15 -1.04 -12.34
C ASP A 38 -4.00 -1.67 -11.56
N VAL A 39 -4.15 -2.94 -11.24
CA VAL A 39 -3.16 -3.67 -10.45
C VAL A 39 -1.78 -3.61 -11.11
N PRO A 40 -0.76 -3.10 -10.39
CA PRO A 40 0.60 -2.94 -10.93
C PRO A 40 1.30 -4.29 -11.10
N ALA A 41 1.74 -4.55 -12.33
CA ALA A 41 2.46 -5.77 -12.65
C ALA A 41 3.62 -5.99 -11.67
N GLY A 42 3.68 -7.17 -11.09
CA GLY A 42 4.69 -7.48 -10.10
C GLY A 42 4.10 -7.62 -8.71
N TRP A 43 2.94 -7.00 -8.47
CA TRP A 43 2.27 -7.08 -7.19
C TRP A 43 1.01 -7.94 -7.28
N ARG A 44 0.64 -8.59 -6.18
CA ARG A 44 -0.56 -9.43 -6.15
C ARG A 44 -1.52 -8.91 -5.08
N VAL A 45 -2.81 -8.91 -5.39
CA VAL A 45 -3.83 -8.36 -4.48
C VAL A 45 -4.24 -9.40 -3.43
N VAL A 46 -3.92 -9.11 -2.16
CA VAL A 46 -4.22 -10.04 -1.06
C VAL A 46 -5.59 -9.74 -0.48
N PHE A 47 -5.95 -8.47 -0.49
CA PHE A 47 -7.22 -8.00 0.07
C PHE A 47 -7.92 -7.16 -0.99
N GLY A 48 -9.12 -7.57 -1.39
CA GLY A 48 -9.89 -6.82 -2.37
C GLY A 48 -10.24 -5.43 -1.87
N GLU A 49 -11.01 -4.68 -2.67
CA GLU A 49 -11.39 -3.32 -2.30
C GLU A 49 -12.06 -3.27 -0.93
N ALA A 50 -11.58 -2.35 -0.09
CA ALA A 50 -12.11 -2.15 1.24
C ALA A 50 -11.82 -0.71 1.69
N SER A 51 -12.52 -0.26 2.73
CA SER A 51 -12.29 1.06 3.28
C SER A 51 -10.83 1.22 3.71
N ARG A 52 -10.29 2.41 3.45
CA ARG A 52 -8.88 2.72 3.71
C ARG A 52 -8.44 2.25 5.11
N ALA A 53 -9.31 2.46 6.10
CA ALA A 53 -9.01 2.08 7.47
C ALA A 53 -8.78 0.57 7.59
N SER A 54 -9.70 -0.21 7.03
CA SER A 54 -9.59 -1.67 7.06
C SER A 54 -8.30 -2.10 6.34
N CYS A 55 -8.02 -1.42 5.23
CA CYS A 55 -6.81 -1.67 4.46
C CYS A 55 -5.57 -1.47 5.33
N VAL A 56 -5.51 -0.30 5.98
CA VAL A 56 -4.38 0.06 6.83
C VAL A 56 -4.27 -0.90 8.01
N GLU A 57 -5.42 -1.32 8.55
CA GLU A 57 -5.44 -2.25 9.66
C GLU A 57 -4.80 -3.58 9.25
N TYR A 58 -5.15 -4.06 8.06
CA TYR A 58 -4.60 -5.31 7.56
C TYR A 58 -3.10 -5.18 7.33
N VAL A 59 -2.70 -4.13 6.62
CA VAL A 59 -1.28 -3.85 6.37
C VAL A 59 -0.51 -3.80 7.69
N ASP A 60 -1.05 -3.04 8.65
CA ASP A 60 -0.42 -2.82 9.94
C ASP A 60 -0.19 -4.14 10.67
N GLN A 61 -1.25 -4.94 10.79
CA GLN A 61 -1.17 -6.21 11.51
C GLN A 61 -0.31 -7.22 10.74
N HIS A 62 -0.19 -7.03 9.42
CA HIS A 62 0.58 -7.94 8.59
C HIS A 62 2.02 -7.43 8.38
N TRP A 63 2.44 -6.45 9.18
CA TRP A 63 3.82 -5.99 9.15
C TRP A 63 4.77 -7.16 9.42
N THR A 64 4.48 -7.91 10.48
CA THR A 64 5.24 -9.09 10.89
C THR A 64 6.75 -8.90 10.71
N ASP A 65 7.26 -9.29 9.55
CA ASP A 65 8.67 -9.20 9.23
C ASP A 65 8.92 -9.59 7.77
N ILE A 66 9.45 -8.64 7.00
CA ILE A 66 9.73 -8.86 5.59
C ILE A 66 11.09 -9.54 5.43
N ARG A 67 11.17 -10.54 4.55
CA ARG A 67 12.39 -11.33 4.39
C ARG A 67 13.59 -10.47 3.94
N PRO A 68 13.45 -9.64 2.88
CA PRO A 68 14.45 -8.60 2.59
C PRO A 68 14.70 -7.74 3.83
N LYS A 69 15.91 -7.84 4.37
CA LYS A 69 16.25 -7.22 5.65
C LYS A 69 16.00 -5.70 5.63
N SER A 70 16.02 -5.12 4.42
CA SER A 70 15.75 -3.70 4.23
C SER A 70 16.80 -2.84 4.95
N LEU A 71 17.96 -3.45 5.21
CA LEU A 71 19.03 -2.78 5.95
C LEU A 71 19.72 -1.75 5.06
N ARG A 72 20.15 -0.64 5.67
CA ARG A 72 20.83 0.43 4.95
C ARG A 72 21.90 1.04 5.85
N GLU A 73 22.88 1.71 5.24
CA GLU A 73 23.98 2.33 5.97
C GLU A 73 23.45 3.48 6.85
N LYS A 74 23.02 3.13 8.05
CA LYS A 74 22.52 4.09 9.03
C LYS A 74 22.42 3.41 10.40
N LEU A 75 23.34 3.74 11.29
CA LEU A 75 23.41 3.08 12.59
C LEU A 75 22.30 3.57 13.52
N ALA A 76 21.76 2.64 14.32
CA ALA A 76 20.73 2.95 15.30
C ALA A 76 21.16 2.42 16.67
N SER A 77 20.61 3.01 17.73
CA SER A 77 20.95 2.60 19.08
C SER A 77 19.72 2.61 19.98
N GLY A 78 18.92 3.68 19.88
CA GLY A 78 17.77 3.83 20.74
C GLY A 78 18.18 4.03 22.18
N GLN A 79 19.06 5.00 22.39
CA GLN A 79 19.60 5.28 23.73
C GLN A 79 18.63 6.09 24.55
N GLY A 80 18.67 5.89 25.87
CA GLY A 80 17.82 6.61 26.80
C GLY A 80 17.60 5.82 28.07
N GLY A 1 5.44 6.51 -13.20
CA GLY A 1 6.28 7.63 -13.65
C GLY A 1 6.36 8.72 -12.60
N PRO A 2 7.54 8.95 -11.99
CA PRO A 2 7.72 9.95 -10.93
C PRO A 2 7.11 11.31 -11.29
N GLY A 3 5.90 11.54 -10.81
CA GLY A 3 5.19 12.77 -11.08
C GLY A 3 3.70 12.62 -10.80
N SER A 4 2.95 13.70 -10.99
CA SER A 4 1.51 13.71 -10.76
C SER A 4 1.19 13.47 -9.27
N MET A 5 2.23 13.56 -8.44
CA MET A 5 2.09 13.33 -7.00
C MET A 5 1.81 14.66 -6.30
N LYS A 6 0.94 15.46 -6.92
CA LYS A 6 0.61 16.78 -6.41
C LYS A 6 -0.29 16.66 -5.17
N ILE A 7 0.33 16.37 -4.04
CA ILE A 7 -0.39 16.26 -2.78
C ILE A 7 -0.40 17.61 -2.08
N MET A 8 -1.46 18.38 -2.29
CA MET A 8 -1.63 19.69 -1.66
C MET A 8 -2.15 19.53 -0.24
N SER A 9 -1.50 18.66 0.53
CA SER A 9 -1.96 18.26 1.87
C SER A 9 -3.19 17.34 1.77
N ASP A 10 -4.09 17.66 0.85
CA ASP A 10 -5.20 16.78 0.54
C ASP A 10 -4.68 15.45 0.01
N ASN A 11 -4.91 14.38 0.77
CA ASN A 11 -4.50 13.04 0.37
C ASN A 11 -5.73 12.25 -0.10
N PRO A 12 -5.99 12.24 -1.43
CA PRO A 12 -7.20 11.58 -1.99
C PRO A 12 -7.22 10.09 -1.72
N PHE A 13 -6.04 9.49 -1.66
CA PHE A 13 -5.90 8.05 -1.51
C PHE A 13 -5.86 7.67 -0.03
N ASP A 14 -6.06 8.65 0.83
CA ASP A 14 -6.06 8.45 2.28
C ASP A 14 -7.49 8.55 2.82
N ASP A 15 -8.40 9.02 1.97
CA ASP A 15 -9.81 9.18 2.35
C ASP A 15 -10.42 7.83 2.70
N GLU A 16 -11.32 7.81 3.67
CA GLU A 16 -11.82 6.55 4.23
C GLU A 16 -12.96 5.94 3.42
N ASP A 17 -13.64 6.78 2.63
CA ASP A 17 -14.82 6.32 1.89
C ASP A 17 -14.43 5.59 0.61
N GLY A 18 -13.22 5.86 0.11
CA GLY A 18 -12.75 5.17 -1.07
C GLY A 18 -12.33 3.75 -0.76
N MET A 19 -12.72 2.82 -1.61
CA MET A 19 -12.36 1.42 -1.40
C MET A 19 -11.00 1.14 -2.05
N PHE A 20 -10.07 0.58 -1.28
CA PHE A 20 -8.71 0.32 -1.76
C PHE A 20 -8.35 -1.13 -1.45
N PHE A 21 -7.44 -1.71 -2.24
CA PHE A 21 -7.00 -3.09 -2.03
C PHE A 21 -5.56 -3.13 -1.55
N VAL A 22 -5.21 -4.19 -0.83
CA VAL A 22 -3.86 -4.37 -0.31
C VAL A 22 -3.15 -5.44 -1.13
N LEU A 23 -1.95 -5.10 -1.60
CA LEU A 23 -1.17 -5.97 -2.49
C LEU A 23 0.08 -6.47 -1.77
N ILE A 24 0.81 -7.37 -2.42
CA ILE A 24 2.05 -7.92 -1.87
C ILE A 24 3.02 -8.32 -2.99
N ASN A 25 4.31 -8.14 -2.74
CA ASN A 25 5.35 -8.59 -3.66
C ASN A 25 6.06 -9.82 -3.09
N ASP A 26 6.69 -10.58 -3.99
CA ASP A 26 7.32 -11.88 -3.70
C ASP A 26 8.02 -11.92 -2.34
N GLU A 27 8.77 -10.88 -2.04
CA GLU A 27 9.50 -10.77 -0.78
C GLU A 27 8.55 -10.44 0.38
N GLU A 28 7.29 -10.82 0.22
CA GLU A 28 6.26 -10.54 1.20
C GLU A 28 6.25 -9.05 1.53
N GLN A 29 6.34 -8.23 0.48
CA GLN A 29 6.29 -6.79 0.65
C GLN A 29 4.84 -6.32 0.50
N HIS A 30 4.30 -5.79 1.59
CA HIS A 30 2.90 -5.35 1.62
C HIS A 30 2.78 -3.90 1.16
N SER A 31 1.64 -3.57 0.55
CA SER A 31 1.42 -2.25 -0.03
C SER A 31 -0.07 -2.00 -0.17
N LEU A 32 -0.44 -0.76 -0.49
CA LEU A 32 -1.84 -0.38 -0.58
C LEU A 32 -2.09 0.32 -1.92
N TRP A 33 -3.15 -0.10 -2.61
CA TRP A 33 -3.43 0.40 -3.95
C TRP A 33 -4.92 0.73 -4.10
N PRO A 34 -5.24 1.94 -4.57
CA PRO A 34 -6.64 2.38 -4.72
C PRO A 34 -7.26 1.90 -6.04
N THR A 35 -8.60 1.80 -6.04
CA THR A 35 -9.35 1.35 -7.21
C THR A 35 -9.11 2.24 -8.43
N PHE A 36 -8.73 3.48 -8.15
CA PHE A 36 -8.51 4.50 -9.18
C PHE A 36 -7.26 4.19 -10.01
N ALA A 37 -6.48 3.21 -9.56
CA ALA A 37 -5.25 2.83 -10.25
C ALA A 37 -5.26 1.32 -10.56
N ASP A 38 -4.49 0.92 -11.58
CA ASP A 38 -4.44 -0.47 -12.00
C ASP A 38 -3.37 -1.23 -11.20
N VAL A 39 -3.72 -2.44 -10.75
CA VAL A 39 -2.79 -3.29 -10.01
C VAL A 39 -1.50 -3.52 -10.81
N PRO A 40 -0.34 -3.06 -10.28
CA PRO A 40 0.95 -3.19 -10.97
C PRO A 40 1.48 -4.62 -10.97
N ALA A 41 1.89 -5.10 -12.14
CA ALA A 41 2.43 -6.44 -12.29
C ALA A 41 3.61 -6.64 -11.34
N GLY A 42 3.56 -7.71 -10.57
CA GLY A 42 4.58 -7.97 -9.56
C GLY A 42 4.03 -7.79 -8.16
N TRP A 43 2.90 -7.09 -8.06
CA TRP A 43 2.22 -6.91 -6.78
C TRP A 43 0.85 -7.59 -6.83
N ARG A 44 0.78 -8.78 -6.23
CA ARG A 44 -0.45 -9.58 -6.26
C ARG A 44 -1.40 -9.13 -5.16
N VAL A 45 -2.70 -9.26 -5.43
CA VAL A 45 -3.74 -8.79 -4.52
C VAL A 45 -3.90 -9.75 -3.35
N VAL A 46 -3.91 -9.21 -2.13
CA VAL A 46 -4.11 -10.01 -0.92
C VAL A 46 -5.41 -9.64 -0.24
N PHE A 47 -5.82 -8.38 -0.41
CA PHE A 47 -7.05 -7.87 0.18
C PHE A 47 -7.79 -7.05 -0.86
N GLY A 48 -8.98 -7.51 -1.25
CA GLY A 48 -9.77 -6.80 -2.26
C GLY A 48 -10.18 -5.40 -1.81
N GLU A 49 -10.77 -4.64 -2.73
CA GLU A 49 -11.15 -3.26 -2.45
C GLU A 49 -12.05 -3.16 -1.22
N ALA A 50 -11.56 -2.46 -0.20
CA ALA A 50 -12.27 -2.30 1.06
C ALA A 50 -12.03 -0.89 1.62
N SER A 51 -12.82 -0.49 2.61
CA SER A 51 -12.68 0.83 3.24
C SER A 51 -11.25 1.03 3.77
N ARG A 52 -10.79 2.28 3.72
CA ARG A 52 -9.43 2.65 4.10
C ARG A 52 -9.02 2.03 5.44
N ALA A 53 -9.89 2.18 6.44
CA ALA A 53 -9.60 1.70 7.79
C ALA A 53 -9.27 0.20 7.79
N SER A 54 -10.02 -0.57 7.02
CA SER A 54 -9.82 -2.01 6.94
C SER A 54 -8.47 -2.33 6.30
N CYS A 55 -8.15 -1.60 5.24
CA CYS A 55 -6.90 -1.78 4.52
C CYS A 55 -5.72 -1.43 5.42
N VAL A 56 -5.85 -0.32 6.14
CA VAL A 56 -4.80 0.14 7.05
C VAL A 56 -4.61 -0.87 8.18
N GLU A 57 -5.73 -1.38 8.70
CA GLU A 57 -5.70 -2.41 9.74
C GLU A 57 -4.91 -3.62 9.26
N TYR A 58 -5.23 -4.08 8.06
CA TYR A 58 -4.60 -5.26 7.48
C TYR A 58 -3.09 -5.01 7.28
N VAL A 59 -2.76 -3.92 6.59
CA VAL A 59 -1.36 -3.53 6.37
C VAL A 59 -0.61 -3.36 7.70
N ASP A 60 -1.30 -2.81 8.70
CA ASP A 60 -0.68 -2.54 10.01
C ASP A 60 -0.28 -3.84 10.70
N GLN A 61 -1.22 -4.78 10.79
CA GLN A 61 -0.94 -6.08 11.38
C GLN A 61 0.08 -6.85 10.54
N HIS A 62 0.33 -6.34 9.34
CA HIS A 62 1.32 -6.92 8.43
C HIS A 62 2.69 -6.26 8.59
N TRP A 63 2.89 -5.49 9.65
CA TRP A 63 4.21 -4.90 9.93
C TRP A 63 5.29 -6.00 10.00
N THR A 64 4.93 -7.16 10.54
CA THR A 64 5.83 -8.29 10.64
C THR A 64 5.86 -9.11 9.34
N ASP A 65 4.97 -8.77 8.42
CA ASP A 65 4.87 -9.45 7.13
C ASP A 65 5.97 -8.95 6.19
N ILE A 66 7.17 -9.50 6.37
CA ILE A 66 8.34 -9.17 5.55
C ILE A 66 9.24 -10.40 5.44
N ARG A 67 9.49 -10.87 4.22
CA ARG A 67 10.34 -12.06 4.02
C ARG A 67 11.83 -11.72 4.24
N PRO A 68 12.41 -10.74 3.51
CA PRO A 68 13.82 -10.37 3.68
C PRO A 68 14.01 -9.26 4.72
N LYS A 69 15.18 -8.64 4.70
CA LYS A 69 15.47 -7.49 5.55
C LYS A 69 15.22 -6.21 4.74
N SER A 70 14.04 -6.13 4.13
CA SER A 70 13.72 -5.07 3.21
C SER A 70 13.40 -3.77 3.94
N LEU A 71 12.34 -3.78 4.74
CA LEU A 71 11.87 -2.58 5.42
C LEU A 71 12.79 -2.29 6.60
N ARG A 72 13.77 -1.41 6.35
CA ARG A 72 14.73 -1.00 7.36
C ARG A 72 14.50 0.45 7.78
N GLU A 73 13.29 0.93 7.51
CA GLU A 73 12.91 2.30 7.83
C GLU A 73 12.11 2.32 9.15
N LYS A 74 10.79 2.12 9.03
CA LYS A 74 9.85 2.10 10.16
C LYS A 74 9.87 3.41 10.97
N LEU A 75 8.72 3.75 11.53
CA LEU A 75 8.60 4.89 12.44
C LEU A 75 8.24 4.35 13.82
N ALA A 76 8.93 4.84 14.84
CA ALA A 76 8.71 4.38 16.22
C ALA A 76 7.31 4.77 16.69
N SER A 77 6.33 3.95 16.32
CA SER A 77 4.92 4.18 16.62
C SER A 77 4.06 3.20 15.82
N GLY A 78 4.54 2.86 14.62
CA GLY A 78 3.79 2.00 13.74
C GLY A 78 2.77 2.77 12.92
N GLN A 79 1.52 2.74 13.37
CA GLN A 79 0.45 3.44 12.67
C GLN A 79 0.43 4.93 13.07
N GLY A 80 1.21 5.73 12.35
CA GLY A 80 1.31 7.15 12.65
C GLY A 80 1.93 7.93 11.49
N GLY A 1 -3.21 25.09 -20.56
CA GLY A 1 -2.93 23.66 -20.27
C GLY A 1 -4.19 22.87 -20.02
N PRO A 2 -4.22 21.57 -20.38
CA PRO A 2 -5.39 20.71 -20.18
C PRO A 2 -5.73 20.53 -18.71
N GLY A 3 -6.87 21.07 -18.29
CA GLY A 3 -7.28 20.97 -16.90
C GLY A 3 -8.37 21.98 -16.58
N SER A 4 -9.45 21.52 -15.96
CA SER A 4 -10.55 22.38 -15.56
C SER A 4 -10.13 23.29 -14.41
N MET A 5 -9.12 22.83 -13.67
CA MET A 5 -8.56 23.58 -12.56
C MET A 5 -7.14 24.01 -12.87
N LYS A 6 -6.84 25.29 -12.64
CA LYS A 6 -5.52 25.83 -12.90
C LYS A 6 -4.48 25.19 -11.98
N ILE A 7 -4.87 25.00 -10.72
CA ILE A 7 -4.02 24.36 -9.73
C ILE A 7 -4.43 22.90 -9.57
N MET A 8 -3.46 21.99 -9.63
CA MET A 8 -3.74 20.56 -9.49
C MET A 8 -4.33 20.27 -8.11
N SER A 9 -5.65 20.22 -8.05
CA SER A 9 -6.37 19.94 -6.82
C SER A 9 -6.13 18.50 -6.36
N ASP A 10 -6.48 18.22 -5.11
CA ASP A 10 -6.26 16.90 -4.52
C ASP A 10 -7.05 15.84 -5.28
N ASN A 11 -6.37 14.75 -5.62
CA ASN A 11 -6.94 13.70 -6.45
C ASN A 11 -7.79 12.76 -5.60
N PRO A 12 -8.77 12.06 -6.22
CA PRO A 12 -9.70 11.18 -5.49
C PRO A 12 -9.03 9.99 -4.82
N PHE A 13 -7.77 9.73 -5.18
CA PHE A 13 -7.02 8.60 -4.61
C PHE A 13 -6.08 9.06 -3.51
N ASP A 14 -6.16 10.35 -3.14
CA ASP A 14 -5.35 10.90 -2.06
C ASP A 14 -6.14 10.87 -0.74
N ASP A 15 -7.35 10.33 -0.79
CA ASP A 15 -8.27 10.39 0.34
C ASP A 15 -8.16 9.15 1.23
N GLU A 16 -9.04 9.10 2.23
CA GLU A 16 -9.10 7.99 3.19
C GLU A 16 -10.45 7.27 3.11
N ASP A 17 -11.46 7.98 2.63
CA ASP A 17 -12.81 7.43 2.52
C ASP A 17 -12.94 6.54 1.30
N GLY A 18 -12.04 6.74 0.34
CA GLY A 18 -12.02 5.92 -0.86
C GLY A 18 -11.69 4.48 -0.53
N MET A 19 -12.10 3.56 -1.41
CA MET A 19 -11.85 2.14 -1.20
C MET A 19 -10.63 1.71 -2.00
N PHE A 20 -9.69 1.06 -1.33
CA PHE A 20 -8.44 0.61 -1.96
C PHE A 20 -8.21 -0.86 -1.61
N PHE A 21 -7.40 -1.55 -2.41
CA PHE A 21 -7.08 -2.96 -2.16
C PHE A 21 -5.63 -3.12 -1.69
N VAL A 22 -5.37 -4.13 -0.87
CA VAL A 22 -4.04 -4.35 -0.31
C VAL A 22 -3.31 -5.44 -1.11
N LEU A 23 -2.12 -5.09 -1.59
CA LEU A 23 -1.31 -5.96 -2.44
C LEU A 23 -0.08 -6.45 -1.68
N ILE A 24 0.63 -7.41 -2.27
CA ILE A 24 1.85 -7.94 -1.68
C ILE A 24 2.79 -8.48 -2.78
N ASN A 25 4.07 -8.51 -2.47
CA ASN A 25 5.07 -9.17 -3.31
C ASN A 25 5.87 -10.15 -2.46
N ASP A 26 6.46 -11.17 -3.10
CA ASP A 26 7.03 -12.35 -2.42
C ASP A 26 7.88 -12.00 -1.19
N GLU A 27 8.49 -10.83 -1.19
CA GLU A 27 9.30 -10.39 -0.05
C GLU A 27 8.40 -9.88 1.09
N GLU A 28 7.17 -10.42 1.16
CA GLU A 28 6.13 -9.90 2.04
C GLU A 28 6.01 -8.39 1.91
N GLN A 29 6.35 -7.90 0.73
CA GLN A 29 6.33 -6.49 0.45
C GLN A 29 4.88 -6.03 0.39
N HIS A 30 4.49 -5.17 1.32
CA HIS A 30 3.10 -4.77 1.45
C HIS A 30 2.85 -3.43 0.76
N SER A 31 1.77 -3.37 0.00
CA SER A 31 1.43 -2.18 -0.77
C SER A 31 -0.07 -1.97 -0.74
N LEU A 32 -0.50 -0.77 -1.10
CA LEU A 32 -1.92 -0.41 -1.08
C LEU A 32 -2.26 0.34 -2.37
N TRP A 33 -3.11 -0.25 -3.19
CA TRP A 33 -3.43 0.32 -4.50
C TRP A 33 -4.89 0.78 -4.55
N PRO A 34 -5.15 2.00 -5.06
CA PRO A 34 -6.51 2.56 -5.14
C PRO A 34 -7.31 2.02 -6.32
N THR A 35 -8.63 2.05 -6.19
CA THR A 35 -9.54 1.58 -7.23
C THR A 35 -9.38 2.38 -8.53
N PHE A 36 -8.91 3.61 -8.39
CA PHE A 36 -8.74 4.52 -9.52
C PHE A 36 -7.50 4.20 -10.34
N ALA A 37 -6.81 3.12 -10.00
CA ALA A 37 -5.63 2.67 -10.72
C ALA A 37 -5.63 1.15 -10.85
N ASP A 38 -4.97 0.64 -11.89
CA ASP A 38 -4.91 -0.80 -12.13
C ASP A 38 -3.70 -1.44 -11.45
N VAL A 39 -3.84 -2.72 -11.12
CA VAL A 39 -2.84 -3.46 -10.35
C VAL A 39 -1.49 -3.50 -11.09
N PRO A 40 -0.40 -3.05 -10.43
CA PRO A 40 0.94 -3.10 -11.00
C PRO A 40 1.45 -4.54 -11.16
N ALA A 41 1.82 -4.87 -12.40
CA ALA A 41 2.27 -6.21 -12.75
C ALA A 41 3.37 -6.69 -11.81
N GLY A 42 3.17 -7.88 -11.25
CA GLY A 42 4.12 -8.45 -10.31
C GLY A 42 3.59 -8.45 -8.90
N TRP A 43 2.70 -7.50 -8.59
CA TRP A 43 2.11 -7.41 -7.27
C TRP A 43 0.76 -8.13 -7.24
N ARG A 44 0.55 -8.98 -6.23
CA ARG A 44 -0.68 -9.76 -6.14
C ARG A 44 -1.59 -9.17 -5.06
N VAL A 45 -2.88 -9.06 -5.37
CA VAL A 45 -3.86 -8.48 -4.45
C VAL A 45 -4.26 -9.50 -3.39
N VAL A 46 -4.10 -9.13 -2.12
CA VAL A 46 -4.46 -10.01 -1.00
C VAL A 46 -5.82 -9.62 -0.43
N PHE A 47 -6.08 -8.32 -0.40
CA PHE A 47 -7.32 -7.79 0.16
C PHE A 47 -8.03 -6.97 -0.90
N GLY A 48 -9.26 -7.34 -1.23
CA GLY A 48 -10.03 -6.61 -2.22
C GLY A 48 -10.31 -5.19 -1.79
N GLU A 49 -10.99 -4.43 -2.65
CA GLU A 49 -11.30 -3.04 -2.37
C GLU A 49 -12.05 -2.91 -1.04
N ALA A 50 -11.45 -2.16 -0.12
CA ALA A 50 -12.00 -1.95 1.20
C ALA A 50 -11.73 -0.51 1.65
N SER A 51 -12.40 -0.08 2.70
CA SER A 51 -12.17 1.24 3.26
C SER A 51 -10.72 1.35 3.75
N ARG A 52 -10.10 2.51 3.52
CA ARG A 52 -8.69 2.72 3.81
C ARG A 52 -8.34 2.23 5.23
N ALA A 53 -9.23 2.45 6.18
CA ALA A 53 -9.00 2.06 7.56
C ALA A 53 -8.94 0.53 7.70
N SER A 54 -9.78 -0.17 6.95
CA SER A 54 -9.80 -1.64 6.98
C SER A 54 -8.53 -2.16 6.30
N CYS A 55 -8.17 -1.51 5.21
CA CYS A 55 -6.95 -1.84 4.49
C CYS A 55 -5.74 -1.73 5.42
N VAL A 56 -5.63 -0.59 6.10
CA VAL A 56 -4.56 -0.37 7.06
C VAL A 56 -4.66 -1.35 8.22
N GLU A 57 -5.88 -1.70 8.59
CA GLU A 57 -6.13 -2.67 9.65
C GLU A 57 -5.45 -3.99 9.31
N TYR A 58 -5.59 -4.42 8.06
CA TYR A 58 -4.91 -5.63 7.59
C TYR A 58 -3.40 -5.41 7.52
N VAL A 59 -2.98 -4.37 6.79
CA VAL A 59 -1.56 -4.07 6.59
C VAL A 59 -0.80 -4.00 7.92
N ASP A 60 -1.43 -3.44 8.95
CA ASP A 60 -0.78 -3.26 10.25
C ASP A 60 -0.38 -4.63 10.82
N GLN A 61 -1.28 -5.58 10.72
CA GLN A 61 -1.02 -6.95 11.15
C GLN A 61 0.09 -7.58 10.30
N HIS A 62 -0.04 -7.43 9.00
CA HIS A 62 0.88 -8.05 8.03
C HIS A 62 2.18 -7.24 7.91
N TRP A 63 2.26 -6.14 8.65
CA TRP A 63 3.45 -5.29 8.65
C TRP A 63 4.62 -5.98 9.33
N THR A 64 4.30 -6.92 10.23
CA THR A 64 5.31 -7.60 11.02
C THR A 64 6.01 -8.70 10.19
N ASP A 65 5.50 -8.96 8.99
CA ASP A 65 6.04 -10.00 8.13
C ASP A 65 7.27 -9.50 7.37
N ILE A 66 8.45 -9.91 7.83
CA ILE A 66 9.71 -9.61 7.16
C ILE A 66 10.25 -10.87 6.51
N ARG A 67 10.22 -10.91 5.17
CA ARG A 67 10.66 -12.07 4.40
C ARG A 67 12.15 -11.96 4.05
N PRO A 68 12.62 -10.81 3.51
CA PRO A 68 14.04 -10.63 3.16
C PRO A 68 14.91 -10.54 4.41
N LYS A 69 15.62 -11.62 4.72
CA LYS A 69 16.50 -11.65 5.89
C LYS A 69 17.76 -10.82 5.62
N SER A 70 17.62 -9.52 5.82
CA SER A 70 18.72 -8.57 5.67
C SER A 70 18.27 -7.24 6.25
N LEU A 71 17.80 -7.30 7.49
CA LEU A 71 17.17 -6.14 8.13
C LEU A 71 18.19 -5.05 8.41
N ARG A 72 18.33 -4.11 7.47
CA ARG A 72 19.20 -2.96 7.63
C ARG A 72 18.67 -2.06 8.74
N GLU A 73 17.41 -1.66 8.59
CA GLU A 73 16.74 -0.82 9.58
C GLU A 73 16.56 -1.62 10.87
N LYS A 74 17.51 -1.48 11.78
CA LYS A 74 17.57 -2.31 12.98
C LYS A 74 16.38 -2.01 13.90
N LEU A 75 15.79 -3.07 14.45
CA LEU A 75 14.68 -2.95 15.38
C LEU A 75 15.17 -2.51 16.75
N ALA A 76 14.27 -1.93 17.55
CA ALA A 76 14.60 -1.46 18.88
C ALA A 76 14.52 -2.61 19.89
N SER A 77 15.56 -2.74 20.71
CA SER A 77 15.59 -3.76 21.74
C SER A 77 14.72 -3.34 22.92
N GLY A 78 13.43 -3.57 22.79
CA GLY A 78 12.49 -3.25 23.85
C GLY A 78 11.09 -3.74 23.53
N GLN A 79 10.32 -4.05 24.57
CA GLN A 79 8.94 -4.50 24.41
C GLN A 79 8.13 -4.11 25.65
N GLY A 80 8.65 -4.49 26.81
CA GLY A 80 7.98 -4.20 28.06
C GLY A 80 8.97 -3.76 29.12
N GLY A 1 -20.59 18.36 -7.41
CA GLY A 1 -21.02 17.25 -8.30
C GLY A 1 -22.37 16.69 -7.88
N PRO A 2 -22.54 15.35 -7.91
CA PRO A 2 -23.82 14.71 -7.62
C PRO A 2 -24.20 14.76 -6.14
N GLY A 3 -24.95 15.80 -5.76
CA GLY A 3 -25.50 15.88 -4.42
C GLY A 3 -24.46 16.20 -3.35
N SER A 4 -24.02 17.45 -3.33
CA SER A 4 -23.11 17.96 -2.29
C SER A 4 -21.71 17.32 -2.38
N MET A 5 -21.55 16.36 -3.28
CA MET A 5 -20.27 15.68 -3.45
C MET A 5 -19.45 16.35 -4.54
N LYS A 6 -18.31 16.91 -4.16
CA LYS A 6 -17.39 17.54 -5.11
C LYS A 6 -15.95 17.28 -4.68
N ILE A 7 -15.17 16.67 -5.56
CA ILE A 7 -13.79 16.34 -5.28
C ILE A 7 -12.88 17.49 -5.72
N MET A 8 -12.77 18.50 -4.88
CA MET A 8 -11.97 19.68 -5.16
C MET A 8 -10.71 19.69 -4.30
N SER A 9 -10.52 18.61 -3.55
CA SER A 9 -9.33 18.45 -2.70
C SER A 9 -8.30 17.56 -3.39
N ASP A 10 -7.08 17.57 -2.88
CA ASP A 10 -6.01 16.73 -3.42
C ASP A 10 -5.95 15.41 -2.66
N ASN A 11 -6.86 14.50 -2.99
CA ASN A 11 -6.92 13.21 -2.31
C ASN A 11 -7.28 12.09 -3.30
N PRO A 12 -6.34 11.75 -4.20
CA PRO A 12 -6.54 10.64 -5.15
C PRO A 12 -6.59 9.29 -4.42
N PHE A 13 -5.57 9.05 -3.61
CA PHE A 13 -5.50 7.83 -2.78
C PHE A 13 -5.48 8.20 -1.30
N ASP A 14 -5.47 9.50 -1.02
CA ASP A 14 -5.32 10.00 0.35
C ASP A 14 -6.65 9.99 1.10
N ASP A 15 -7.73 9.71 0.39
CA ASP A 15 -9.08 9.73 0.99
C ASP A 15 -9.28 8.52 1.90
N GLU A 16 -10.37 8.52 2.66
CA GLU A 16 -10.65 7.45 3.63
C GLU A 16 -11.83 6.59 3.18
N ASP A 17 -12.80 7.22 2.55
CA ASP A 17 -14.04 6.55 2.15
C ASP A 17 -13.85 5.78 0.85
N GLY A 18 -12.85 6.18 0.07
CA GLY A 18 -12.53 5.45 -1.14
C GLY A 18 -12.10 4.02 -0.84
N MET A 19 -12.49 3.09 -1.67
CA MET A 19 -12.13 1.69 -1.47
C MET A 19 -10.80 1.40 -2.15
N PHE A 20 -9.85 0.86 -1.40
CA PHE A 20 -8.52 0.54 -1.90
C PHE A 20 -8.16 -0.91 -1.56
N PHE A 21 -7.35 -1.54 -2.39
CA PHE A 21 -6.96 -2.94 -2.16
C PHE A 21 -5.50 -3.03 -1.71
N VAL A 22 -5.20 -4.02 -0.86
CA VAL A 22 -3.86 -4.22 -0.34
C VAL A 22 -3.18 -5.31 -1.16
N LEU A 23 -2.00 -4.98 -1.70
CA LEU A 23 -1.24 -5.88 -2.57
C LEU A 23 -0.01 -6.41 -1.86
N ILE A 24 0.65 -7.39 -2.45
CA ILE A 24 1.91 -7.92 -1.90
C ILE A 24 2.83 -8.41 -3.01
N ASN A 25 4.13 -8.32 -2.75
CA ASN A 25 5.15 -8.96 -3.58
C ASN A 25 5.92 -9.95 -2.70
N ASP A 26 6.49 -10.98 -3.34
CA ASP A 26 7.01 -12.17 -2.65
C ASP A 26 8.00 -11.83 -1.55
N GLU A 27 8.63 -10.66 -1.61
CA GLU A 27 9.50 -10.17 -0.55
C GLU A 27 8.66 -9.66 0.64
N GLU A 28 7.40 -10.10 0.71
CA GLU A 28 6.44 -9.65 1.71
C GLU A 28 6.24 -8.15 1.60
N GLN A 29 6.46 -7.61 0.41
CA GLN A 29 6.29 -6.19 0.18
C GLN A 29 4.81 -5.90 0.08
N HIS A 30 4.29 -5.12 1.03
CA HIS A 30 2.86 -4.88 1.12
C HIS A 30 2.58 -3.38 1.08
N SER A 31 1.49 -3.02 0.42
CA SER A 31 1.16 -1.63 0.15
C SER A 31 -0.31 -1.53 -0.21
N LEU A 32 -0.79 -0.31 -0.35
CA LEU A 32 -2.20 -0.06 -0.59
C LEU A 32 -2.39 0.64 -1.93
N TRP A 33 -3.36 0.16 -2.71
CA TRP A 33 -3.55 0.62 -4.09
C TRP A 33 -5.01 1.01 -4.31
N PRO A 34 -5.26 2.20 -4.88
CA PRO A 34 -6.63 2.72 -5.08
C PRO A 34 -7.31 2.12 -6.32
N THR A 35 -8.63 2.09 -6.30
CA THR A 35 -9.43 1.57 -7.41
C THR A 35 -9.26 2.42 -8.67
N PHE A 36 -8.79 3.64 -8.49
CA PHE A 36 -8.58 4.57 -9.59
C PHE A 36 -7.30 4.22 -10.37
N ALA A 37 -6.58 3.20 -9.92
CA ALA A 37 -5.33 2.78 -10.55
C ALA A 37 -5.39 1.30 -10.90
N ASP A 38 -4.50 0.89 -11.79
CA ASP A 38 -4.42 -0.52 -12.23
C ASP A 38 -3.35 -1.26 -11.44
N VAL A 39 -3.53 -2.56 -11.30
CA VAL A 39 -2.64 -3.39 -10.48
C VAL A 39 -1.32 -3.66 -11.22
N PRO A 40 -0.17 -3.33 -10.60
CA PRO A 40 1.15 -3.57 -11.20
C PRO A 40 1.47 -5.06 -11.32
N ALA A 41 1.82 -5.48 -12.52
CA ALA A 41 2.09 -6.89 -12.80
C ALA A 41 3.18 -7.43 -11.89
N GLY A 42 2.90 -8.54 -11.23
CA GLY A 42 3.82 -9.12 -10.28
C GLY A 42 3.32 -8.97 -8.86
N TRP A 43 2.52 -7.94 -8.61
CA TRP A 43 1.94 -7.71 -7.29
C TRP A 43 0.55 -8.33 -7.23
N ARG A 44 0.30 -9.13 -6.19
CA ARG A 44 -0.96 -9.84 -6.07
C ARG A 44 -1.82 -9.22 -4.97
N VAL A 45 -3.13 -9.17 -5.21
CA VAL A 45 -4.08 -8.58 -4.28
C VAL A 45 -4.29 -9.51 -3.08
N VAL A 46 -3.90 -9.07 -1.91
CA VAL A 46 -4.12 -9.84 -0.68
C VAL A 46 -5.48 -9.50 -0.10
N PHE A 47 -5.85 -8.23 -0.24
CA PHE A 47 -7.11 -7.73 0.29
C PHE A 47 -7.81 -6.90 -0.78
N GLY A 48 -9.05 -7.29 -1.09
CA GLY A 48 -9.82 -6.59 -2.11
C GLY A 48 -10.11 -5.15 -1.72
N GLU A 49 -10.73 -4.42 -2.64
CA GLU A 49 -11.04 -3.01 -2.43
C GLU A 49 -11.89 -2.82 -1.16
N ALA A 50 -11.29 -2.20 -0.16
CA ALA A 50 -11.96 -1.96 1.12
C ALA A 50 -11.66 -0.55 1.61
N SER A 51 -12.43 -0.10 2.59
CA SER A 51 -12.23 1.23 3.19
C SER A 51 -10.83 1.36 3.78
N ARG A 52 -10.36 2.61 3.86
CA ARG A 52 -9.03 2.92 4.39
C ARG A 52 -8.75 2.21 5.72
N ALA A 53 -9.71 2.29 6.64
CA ALA A 53 -9.55 1.72 7.98
C ALA A 53 -9.28 0.22 7.92
N SER A 54 -10.09 -0.50 7.15
CA SER A 54 -9.96 -1.95 7.02
C SER A 54 -8.58 -2.31 6.44
N CYS A 55 -8.20 -1.59 5.39
CA CYS A 55 -6.91 -1.81 4.73
C CYS A 55 -5.75 -1.54 5.68
N VAL A 56 -5.86 -0.44 6.45
CA VAL A 56 -4.82 -0.08 7.41
C VAL A 56 -4.69 -1.15 8.48
N GLU A 57 -5.84 -1.64 8.97
CA GLU A 57 -5.88 -2.68 9.98
C GLU A 57 -5.17 -3.94 9.48
N TYR A 58 -5.49 -4.33 8.24
CA TYR A 58 -4.93 -5.53 7.63
C TYR A 58 -3.41 -5.39 7.48
N VAL A 59 -2.98 -4.32 6.83
CA VAL A 59 -1.55 -4.03 6.66
C VAL A 59 -0.84 -3.96 8.01
N ASP A 60 -1.50 -3.35 9.00
CA ASP A 60 -0.90 -3.12 10.32
C ASP A 60 -0.52 -4.43 11.00
N GLN A 61 -1.39 -5.42 10.89
CA GLN A 61 -1.17 -6.71 11.54
C GLN A 61 -0.14 -7.55 10.78
N HIS A 62 -0.04 -7.33 9.48
CA HIS A 62 0.96 -8.02 8.65
C HIS A 62 2.22 -7.16 8.52
N TRP A 63 2.30 -6.13 9.35
CA TRP A 63 3.45 -5.21 9.35
C TRP A 63 4.67 -5.87 10.03
N THR A 64 4.61 -7.18 10.24
CA THR A 64 5.71 -7.95 10.82
C THR A 64 7.00 -7.74 10.03
N ASP A 65 8.12 -8.19 10.60
CA ASP A 65 9.44 -7.96 10.02
C ASP A 65 9.48 -8.39 8.56
N ILE A 66 9.91 -7.48 7.70
CA ILE A 66 9.91 -7.71 6.26
C ILE A 66 11.32 -8.13 5.84
N ARG A 67 11.43 -8.82 4.70
CA ARG A 67 12.70 -9.39 4.26
C ARG A 67 13.63 -8.32 3.67
N PRO A 68 13.17 -7.52 2.67
CA PRO A 68 13.97 -6.40 2.13
C PRO A 68 14.15 -5.29 3.16
N LYS A 69 15.32 -4.65 3.13
CA LYS A 69 15.67 -3.61 4.11
C LYS A 69 15.51 -2.22 3.50
N SER A 70 14.69 -2.11 2.46
CA SER A 70 14.46 -0.84 1.80
C SER A 70 13.63 0.09 2.68
N LEU A 71 14.31 0.78 3.61
CA LEU A 71 13.66 1.68 4.54
C LEU A 71 13.18 2.94 3.81
N ARG A 72 11.94 2.90 3.34
CA ARG A 72 11.32 4.03 2.66
C ARG A 72 10.58 4.90 3.67
N GLU A 73 10.69 6.22 3.51
CA GLU A 73 10.18 7.16 4.50
C GLU A 73 8.68 7.43 4.30
N LYS A 74 7.95 7.41 5.42
CA LYS A 74 6.52 7.72 5.45
C LYS A 74 6.01 7.73 6.89
N LEU A 75 6.61 6.86 7.71
CA LEU A 75 6.27 6.77 9.14
C LEU A 75 6.63 8.05 9.87
N ALA A 76 7.44 8.88 9.22
CA ALA A 76 7.91 10.13 9.80
C ALA A 76 6.77 11.14 10.00
N SER A 77 6.12 11.06 11.15
CA SER A 77 5.18 12.07 11.63
C SER A 77 3.82 12.04 10.89
N GLY A 78 3.84 12.06 9.56
CA GLY A 78 2.62 12.16 8.77
C GLY A 78 1.60 11.07 9.09
N GLN A 79 2.09 9.87 9.36
CA GLN A 79 1.22 8.74 9.69
C GLN A 79 1.68 8.09 10.99
N GLY A 80 0.93 8.34 12.05
CA GLY A 80 1.28 7.84 13.36
C GLY A 80 0.27 8.28 14.41
N GLY A 1 -5.04 1.44 -17.35
CA GLY A 1 -4.13 2.61 -17.30
C GLY A 1 -2.82 2.27 -16.59
N PRO A 2 -1.71 2.91 -16.98
CA PRO A 2 -0.40 2.69 -16.37
C PRO A 2 -0.11 3.68 -15.24
N GLY A 3 1.19 3.86 -14.94
CA GLY A 3 1.59 4.79 -13.89
C GLY A 3 2.98 5.32 -14.14
N SER A 4 3.18 6.61 -13.90
CA SER A 4 4.47 7.25 -14.09
C SER A 4 5.19 7.43 -12.75
N MET A 5 6.46 7.81 -12.80
CA MET A 5 7.26 8.02 -11.59
C MET A 5 6.80 9.27 -10.85
N LYS A 6 5.75 9.12 -10.05
CA LYS A 6 5.23 10.20 -9.22
C LYS A 6 5.78 10.09 -7.81
N ILE A 7 6.31 11.18 -7.30
CA ILE A 7 6.90 11.21 -5.97
C ILE A 7 5.81 11.21 -4.90
N MET A 8 6.09 10.55 -3.77
CA MET A 8 5.17 10.56 -2.64
C MET A 8 4.75 11.99 -2.29
N SER A 9 3.49 12.30 -2.55
CA SER A 9 2.97 13.65 -2.40
C SER A 9 1.43 13.61 -2.37
N ASP A 10 0.82 14.79 -2.37
CA ASP A 10 -0.64 14.91 -2.37
C ASP A 10 -1.20 14.34 -3.68
N ASN A 11 -2.02 13.30 -3.55
CA ASN A 11 -2.64 12.65 -4.71
C ASN A 11 -4.10 12.30 -4.39
N PRO A 12 -5.03 12.59 -5.31
CA PRO A 12 -6.47 12.41 -5.08
C PRO A 12 -6.85 10.94 -4.89
N PHE A 13 -6.07 10.04 -5.48
CA PHE A 13 -6.39 8.61 -5.45
C PHE A 13 -5.96 7.96 -4.13
N ASP A 14 -5.56 8.78 -3.16
CA ASP A 14 -5.20 8.30 -1.82
C ASP A 14 -6.22 8.80 -0.79
N ASP A 15 -7.34 9.32 -1.30
CA ASP A 15 -8.38 9.90 -0.44
C ASP A 15 -8.95 8.84 0.50
N GLU A 16 -9.17 9.25 1.75
CA GLU A 16 -9.60 8.34 2.82
C GLU A 16 -10.91 7.61 2.49
N ASP A 17 -11.79 8.25 1.73
CA ASP A 17 -13.10 7.66 1.41
C ASP A 17 -12.99 6.67 0.25
N GLY A 18 -11.85 6.66 -0.43
CA GLY A 18 -11.66 5.76 -1.55
C GLY A 18 -11.39 4.34 -1.09
N MET A 19 -12.15 3.38 -1.62
CA MET A 19 -11.90 1.99 -1.32
C MET A 19 -10.65 1.52 -2.05
N PHE A 20 -9.72 0.93 -1.32
CA PHE A 20 -8.45 0.48 -1.88
C PHE A 20 -8.22 -0.98 -1.51
N PHE A 21 -7.32 -1.66 -2.22
CA PHE A 21 -6.97 -3.05 -1.93
C PHE A 21 -5.55 -3.14 -1.38
N VAL A 22 -5.31 -4.14 -0.54
CA VAL A 22 -3.99 -4.35 0.04
C VAL A 22 -3.27 -5.44 -0.74
N LEU A 23 -2.06 -5.13 -1.22
CA LEU A 23 -1.31 -6.05 -2.07
C LEU A 23 -0.02 -6.50 -1.39
N ILE A 24 0.62 -7.49 -1.99
CA ILE A 24 1.94 -7.93 -1.56
C ILE A 24 2.77 -8.34 -2.77
N ASN A 25 4.03 -7.93 -2.78
CA ASN A 25 4.99 -8.39 -3.76
C ASN A 25 5.74 -9.58 -3.17
N ASP A 26 6.23 -10.45 -4.05
CA ASP A 26 6.83 -11.72 -3.65
C ASP A 26 8.09 -11.52 -2.82
N GLU A 27 8.52 -10.27 -2.77
CA GLU A 27 9.57 -9.84 -1.85
C GLU A 27 8.97 -9.61 -0.45
N GLU A 28 7.78 -10.18 -0.23
CA GLU A 28 7.04 -10.04 1.02
C GLU A 28 6.75 -8.58 1.30
N GLN A 29 6.59 -7.81 0.24
CA GLN A 29 6.39 -6.37 0.36
C GLN A 29 4.89 -6.05 0.42
N HIS A 30 4.45 -5.51 1.53
CA HIS A 30 3.05 -5.20 1.74
C HIS A 30 2.79 -3.72 1.41
N SER A 31 1.69 -3.45 0.71
CA SER A 31 1.38 -2.09 0.26
C SER A 31 -0.12 -1.96 -0.01
N LEU A 32 -0.52 -0.78 -0.47
CA LEU A 32 -1.92 -0.44 -0.67
C LEU A 32 -2.11 0.24 -2.03
N TRP A 33 -3.00 -0.30 -2.85
CA TRP A 33 -3.21 0.22 -4.20
C TRP A 33 -4.67 0.69 -4.36
N PRO A 34 -4.88 1.86 -4.98
CA PRO A 34 -6.21 2.45 -5.16
C PRO A 34 -7.00 1.82 -6.31
N THR A 35 -8.33 1.88 -6.20
CA THR A 35 -9.25 1.39 -7.21
C THR A 35 -9.06 2.13 -8.54
N PHE A 36 -8.69 3.40 -8.43
CA PHE A 36 -8.55 4.28 -9.58
C PHE A 36 -7.37 3.87 -10.48
N ALA A 37 -6.50 3.02 -9.97
CA ALA A 37 -5.31 2.59 -10.71
C ALA A 37 -5.33 1.09 -10.96
N ASP A 38 -4.59 0.65 -11.97
CA ASP A 38 -4.51 -0.78 -12.32
C ASP A 38 -3.42 -1.47 -11.50
N VAL A 39 -3.64 -2.75 -11.21
CA VAL A 39 -2.73 -3.53 -10.38
C VAL A 39 -1.34 -3.64 -11.04
N PRO A 40 -0.28 -3.24 -10.32
CA PRO A 40 1.09 -3.30 -10.83
C PRO A 40 1.62 -4.74 -10.87
N ALA A 41 2.20 -5.12 -12.01
CA ALA A 41 2.73 -6.47 -12.20
C ALA A 41 3.74 -6.83 -11.10
N GLY A 42 3.51 -7.98 -10.47
CA GLY A 42 4.37 -8.41 -9.38
C GLY A 42 3.68 -8.28 -8.04
N TRP A 43 2.76 -7.32 -7.97
CA TRP A 43 2.02 -7.09 -6.73
C TRP A 43 0.67 -7.80 -6.80
N ARG A 44 0.49 -8.79 -5.93
CA ARG A 44 -0.74 -9.58 -5.90
C ARG A 44 -1.66 -9.08 -4.79
N VAL A 45 -2.95 -8.99 -5.09
CA VAL A 45 -3.94 -8.49 -4.14
C VAL A 45 -4.21 -9.52 -3.04
N VAL A 46 -4.06 -9.10 -1.78
CA VAL A 46 -4.31 -9.96 -0.62
C VAL A 46 -5.65 -9.61 0.01
N PHE A 47 -6.00 -8.33 -0.07
CA PHE A 47 -7.26 -7.83 0.47
C PHE A 47 -7.94 -7.01 -0.63
N GLY A 48 -9.17 -7.36 -0.96
CA GLY A 48 -9.88 -6.70 -2.05
C GLY A 48 -10.27 -5.27 -1.72
N GLU A 49 -11.06 -4.66 -2.61
CA GLU A 49 -11.49 -3.28 -2.43
C GLU A 49 -12.19 -3.10 -1.09
N ALA A 50 -11.56 -2.34 -0.19
CA ALA A 50 -12.11 -2.09 1.15
C ALA A 50 -11.89 -0.65 1.57
N SER A 51 -12.59 -0.23 2.62
CA SER A 51 -12.45 1.12 3.14
C SER A 51 -11.05 1.33 3.74
N ARG A 52 -10.58 2.58 3.70
CA ARG A 52 -9.22 2.93 4.14
C ARG A 52 -8.90 2.31 5.50
N ALA A 53 -9.79 2.50 6.47
CA ALA A 53 -9.57 1.99 7.83
C ALA A 53 -9.27 0.49 7.83
N SER A 54 -10.06 -0.27 7.08
CA SER A 54 -9.91 -1.72 7.01
C SER A 54 -8.50 -2.08 6.50
N CYS A 55 -8.13 -1.44 5.39
CA CYS A 55 -6.85 -1.66 4.76
C CYS A 55 -5.70 -1.37 5.73
N VAL A 56 -5.84 -0.24 6.44
CA VAL A 56 -4.84 0.20 7.40
C VAL A 56 -4.65 -0.84 8.49
N GLU A 57 -5.77 -1.33 9.05
CA GLU A 57 -5.72 -2.32 10.11
C GLU A 57 -5.03 -3.60 9.63
N TYR A 58 -5.39 -4.07 8.43
CA TYR A 58 -4.83 -5.30 7.90
C TYR A 58 -3.31 -5.18 7.80
N VAL A 59 -2.85 -4.15 7.09
CA VAL A 59 -1.41 -3.89 6.96
C VAL A 59 -0.75 -3.75 8.34
N ASP A 60 -1.40 -3.00 9.24
CA ASP A 60 -0.85 -2.71 10.58
C ASP A 60 -0.45 -3.98 11.32
N GLN A 61 -1.22 -5.04 11.10
CA GLN A 61 -0.95 -6.33 11.73
C GLN A 61 0.16 -7.08 10.99
N HIS A 62 0.18 -6.94 9.66
CA HIS A 62 1.02 -7.76 8.78
C HIS A 62 2.37 -7.11 8.41
N TRP A 63 2.77 -6.05 9.11
CA TRP A 63 4.07 -5.39 8.85
C TRP A 63 5.24 -6.37 9.02
N THR A 64 4.99 -7.46 9.74
CA THR A 64 6.00 -8.46 10.09
C THR A 64 7.03 -8.73 8.97
N ASP A 65 6.59 -9.38 7.89
CA ASP A 65 7.54 -9.93 6.91
C ASP A 65 7.79 -8.95 5.75
N ILE A 66 9.07 -8.68 5.51
CA ILE A 66 9.54 -7.92 4.34
C ILE A 66 10.93 -8.46 3.98
N ARG A 67 10.98 -9.31 2.96
CA ARG A 67 12.20 -10.08 2.66
C ARG A 67 13.44 -9.19 2.47
N PRO A 68 13.39 -8.18 1.56
CA PRO A 68 14.51 -7.24 1.37
C PRO A 68 14.98 -6.59 2.68
N LYS A 69 14.06 -6.47 3.64
CA LYS A 69 14.32 -5.79 4.91
C LYS A 69 14.61 -4.31 4.64
N SER A 70 13.63 -3.46 4.92
CA SER A 70 13.73 -2.03 4.60
C SER A 70 13.17 -1.19 5.74
N LEU A 71 12.90 0.09 5.47
CA LEU A 71 12.34 1.00 6.45
C LEU A 71 11.16 1.76 5.86
N ARG A 72 10.25 2.21 6.72
CA ARG A 72 9.05 2.93 6.29
C ARG A 72 8.37 3.53 7.52
N GLU A 73 7.36 4.37 7.30
CA GLU A 73 6.58 4.94 8.41
C GLU A 73 6.04 3.81 9.28
N LYS A 74 6.61 3.66 10.46
CA LYS A 74 6.20 2.60 11.38
C LYS A 74 4.81 2.91 11.94
N LEU A 75 3.82 2.18 11.44
CA LEU A 75 2.44 2.32 11.87
C LEU A 75 2.18 1.52 13.14
N ALA A 76 1.35 2.06 14.03
CA ALA A 76 1.03 1.39 15.30
C ALA A 76 -0.47 1.48 15.59
N SER A 77 -1.26 1.68 14.52
CA SER A 77 -2.69 1.93 14.65
C SER A 77 -2.94 3.22 15.44
N GLY A 78 -3.17 4.32 14.72
CA GLY A 78 -3.39 5.61 15.36
C GLY A 78 -4.79 5.74 15.95
N GLN A 79 -5.08 4.92 16.95
CA GLN A 79 -6.38 4.91 17.61
C GLN A 79 -6.21 5.10 19.11
N GLY A 80 -6.89 6.10 19.65
CA GLY A 80 -6.83 6.38 21.07
C GLY A 80 -7.54 7.67 21.43
N GLY A 1 10.60 9.29 -21.56
CA GLY A 1 10.54 9.68 -20.12
C GLY A 1 9.72 8.69 -19.30
N PRO A 2 9.43 9.03 -18.03
CA PRO A 2 8.67 8.16 -17.12
C PRO A 2 7.15 8.37 -17.24
N GLY A 3 6.74 9.06 -18.29
CA GLY A 3 5.33 9.34 -18.50
C GLY A 3 5.13 10.61 -19.31
N SER A 4 4.09 11.37 -18.98
CA SER A 4 3.77 12.61 -19.67
C SER A 4 3.50 13.74 -18.67
N MET A 5 3.61 14.97 -19.14
CA MET A 5 3.36 16.15 -18.31
C MET A 5 1.87 16.52 -18.37
N LYS A 6 1.26 16.71 -17.21
CA LYS A 6 -0.15 17.08 -17.11
C LYS A 6 -0.44 17.76 -15.78
N ILE A 7 -1.47 18.59 -15.75
CA ILE A 7 -1.86 19.29 -14.52
C ILE A 7 -2.80 18.42 -13.70
N MET A 8 -2.28 17.89 -12.60
CA MET A 8 -3.05 17.00 -11.73
C MET A 8 -2.48 17.05 -10.31
N SER A 9 -3.30 16.72 -9.32
CA SER A 9 -2.88 16.79 -7.92
C SER A 9 -1.85 15.68 -7.62
N ASP A 10 -0.97 15.97 -6.66
CA ASP A 10 0.05 15.01 -6.23
C ASP A 10 -0.60 13.77 -5.61
N ASN A 11 -1.53 14.02 -4.68
CA ASN A 11 -2.24 12.94 -3.97
C ASN A 11 -3.74 13.10 -4.13
N PRO A 12 -4.32 12.55 -5.22
CA PRO A 12 -5.76 12.54 -5.45
C PRO A 12 -6.42 11.23 -5.00
N PHE A 13 -5.61 10.30 -4.49
CA PHE A 13 -6.11 8.97 -4.12
C PHE A 13 -5.94 8.71 -2.62
N ASP A 14 -5.69 9.75 -1.85
CA ASP A 14 -5.37 9.60 -0.42
C ASP A 14 -6.62 9.81 0.45
N ASP A 15 -7.79 9.85 -0.17
CA ASP A 15 -9.04 10.04 0.57
C ASP A 15 -9.50 8.73 1.21
N GLU A 16 -9.86 8.79 2.49
CA GLU A 16 -10.20 7.59 3.26
C GLU A 16 -11.48 6.94 2.73
N ASP A 17 -12.35 7.75 2.12
CA ASP A 17 -13.63 7.25 1.61
C ASP A 17 -13.41 6.38 0.38
N GLY A 18 -12.25 6.55 -0.25
CA GLY A 18 -11.90 5.73 -1.38
C GLY A 18 -11.56 4.31 -0.95
N MET A 19 -12.23 3.33 -1.55
CA MET A 19 -11.96 1.93 -1.25
C MET A 19 -10.69 1.48 -1.96
N PHE A 20 -9.76 0.90 -1.23
CA PHE A 20 -8.48 0.47 -1.78
C PHE A 20 -8.26 -1.01 -1.50
N PHE A 21 -7.35 -1.64 -2.24
CA PHE A 21 -6.99 -3.04 -2.01
C PHE A 21 -5.53 -3.15 -1.55
N VAL A 22 -5.24 -4.15 -0.74
CA VAL A 22 -3.90 -4.34 -0.18
C VAL A 22 -3.18 -5.44 -0.97
N LEU A 23 -1.95 -5.15 -1.37
CA LEU A 23 -1.17 -6.05 -2.23
C LEU A 23 0.10 -6.51 -1.51
N ILE A 24 0.72 -7.55 -2.05
CA ILE A 24 2.00 -8.05 -1.56
C ILE A 24 2.88 -8.50 -2.72
N ASN A 25 4.19 -8.44 -2.52
CA ASN A 25 5.14 -8.99 -3.47
C ASN A 25 6.03 -9.99 -2.72
N ASP A 26 6.47 -11.02 -3.44
CA ASP A 26 7.12 -12.22 -2.87
C ASP A 26 8.14 -11.90 -1.77
N GLU A 27 8.82 -10.77 -1.88
CA GLU A 27 9.77 -10.33 -0.87
C GLU A 27 9.06 -9.69 0.32
N GLU A 28 7.87 -10.21 0.64
CA GLU A 28 7.04 -9.72 1.74
C GLU A 28 6.79 -8.22 1.65
N GLN A 29 6.80 -7.68 0.44
CA GLN A 29 6.52 -6.27 0.26
C GLN A 29 5.02 -6.04 0.22
N HIS A 30 4.52 -5.32 1.20
CA HIS A 30 3.09 -5.06 1.33
C HIS A 30 2.79 -3.61 1.01
N SER A 31 1.73 -3.39 0.24
CA SER A 31 1.40 -2.07 -0.26
C SER A 31 -0.11 -1.90 -0.33
N LEU A 32 -0.56 -0.75 -0.81
CA LEU A 32 -1.96 -0.40 -0.83
C LEU A 32 -2.28 0.35 -2.12
N TRP A 33 -3.11 -0.25 -2.97
CA TRP A 33 -3.39 0.30 -4.28
C TRP A 33 -4.86 0.74 -4.38
N PRO A 34 -5.13 1.94 -4.92
CA PRO A 34 -6.50 2.46 -5.03
C PRO A 34 -7.27 1.85 -6.19
N THR A 35 -8.60 1.82 -6.05
CA THR A 35 -9.50 1.31 -7.08
C THR A 35 -9.38 2.12 -8.37
N PHE A 36 -8.89 3.34 -8.23
CA PHE A 36 -8.79 4.30 -9.33
C PHE A 36 -7.55 4.04 -10.17
N ALA A 37 -6.78 3.01 -9.79
CA ALA A 37 -5.56 2.65 -10.51
C ALA A 37 -5.52 1.14 -10.75
N ASP A 38 -4.79 0.72 -11.77
CA ASP A 38 -4.69 -0.69 -12.13
C ASP A 38 -3.50 -1.34 -11.43
N VAL A 39 -3.63 -2.63 -11.15
CA VAL A 39 -2.65 -3.38 -10.35
C VAL A 39 -1.28 -3.43 -11.05
N PRO A 40 -0.20 -3.07 -10.32
CA PRO A 40 1.17 -3.15 -10.84
C PRO A 40 1.64 -4.60 -11.03
N ALA A 41 2.15 -4.89 -12.23
CA ALA A 41 2.59 -6.24 -12.58
C ALA A 41 3.53 -6.82 -11.52
N GLY A 42 3.20 -8.03 -11.06
CA GLY A 42 4.02 -8.70 -10.08
C GLY A 42 3.42 -8.62 -8.68
N TRP A 43 2.68 -7.56 -8.42
CA TRP A 43 2.07 -7.36 -7.10
C TRP A 43 0.71 -8.04 -7.05
N ARG A 44 0.51 -8.93 -6.07
CA ARG A 44 -0.73 -9.69 -5.98
C ARG A 44 -1.64 -9.09 -4.90
N VAL A 45 -2.91 -8.92 -5.25
CA VAL A 45 -3.90 -8.36 -4.34
C VAL A 45 -4.29 -9.37 -3.26
N VAL A 46 -3.92 -9.07 -2.02
CA VAL A 46 -4.22 -9.95 -0.90
C VAL A 46 -5.59 -9.63 -0.31
N PHE A 47 -5.91 -8.33 -0.29
CA PHE A 47 -7.17 -7.84 0.28
C PHE A 47 -7.90 -7.02 -0.78
N GLY A 48 -9.09 -7.49 -1.17
CA GLY A 48 -9.87 -6.80 -2.18
C GLY A 48 -10.27 -5.39 -1.75
N GLU A 49 -10.90 -4.65 -2.67
CA GLU A 49 -11.26 -3.26 -2.40
C GLU A 49 -12.09 -3.13 -1.12
N ALA A 50 -11.58 -2.33 -0.19
CA ALA A 50 -12.16 -2.19 1.14
C ALA A 50 -11.96 -0.78 1.67
N SER A 51 -12.68 -0.46 2.75
CA SER A 51 -12.54 0.85 3.40
C SER A 51 -11.10 1.10 3.84
N ARG A 52 -10.64 2.32 3.62
CA ARG A 52 -9.24 2.71 3.85
C ARG A 52 -8.74 2.24 5.22
N ALA A 53 -9.51 2.51 6.27
CA ALA A 53 -9.11 2.16 7.64
C ALA A 53 -8.91 0.65 7.80
N SER A 54 -9.87 -0.11 7.29
CA SER A 54 -9.80 -1.56 7.34
C SER A 54 -8.56 -2.07 6.59
N CYS A 55 -8.27 -1.44 5.45
CA CYS A 55 -7.10 -1.77 4.65
C CYS A 55 -5.81 -1.53 5.44
N VAL A 56 -5.71 -0.35 6.04
CA VAL A 56 -4.53 0.03 6.81
C VAL A 56 -4.35 -0.91 8.01
N GLU A 57 -5.45 -1.23 8.67
CA GLU A 57 -5.42 -2.13 9.82
C GLU A 57 -5.03 -3.54 9.38
N TYR A 58 -5.41 -3.91 8.16
CA TYR A 58 -5.02 -5.20 7.59
C TYR A 58 -3.49 -5.23 7.41
N VAL A 59 -2.95 -4.18 6.79
CA VAL A 59 -1.50 -4.01 6.63
C VAL A 59 -0.82 -4.01 8.01
N ASP A 60 -1.44 -3.32 8.96
CA ASP A 60 -0.91 -3.19 10.33
C ASP A 60 -0.56 -4.56 10.94
N GLN A 61 -1.43 -5.53 10.73
CA GLN A 61 -1.22 -6.88 11.26
C GLN A 61 -0.10 -7.60 10.48
N HIS A 62 -0.03 -7.31 9.19
CA HIS A 62 0.96 -7.91 8.29
C HIS A 62 2.19 -7.02 8.14
N TRP A 63 2.31 -6.05 9.04
CA TRP A 63 3.33 -5.01 8.99
C TRP A 63 4.75 -5.57 8.81
N THR A 64 4.97 -6.79 9.26
CA THR A 64 6.30 -7.40 9.19
C THR A 64 6.68 -7.77 7.76
N ASP A 65 7.97 -7.69 7.46
CA ASP A 65 8.51 -8.12 6.16
C ASP A 65 9.90 -8.73 6.36
N ILE A 66 10.32 -9.56 5.42
CA ILE A 66 11.62 -10.24 5.50
C ILE A 66 12.68 -9.46 4.75
N ARG A 67 12.23 -8.73 3.75
CA ARG A 67 13.09 -7.87 2.93
C ARG A 67 14.23 -8.66 2.27
N PRO A 68 13.95 -9.84 1.67
CA PRO A 68 14.99 -10.71 1.11
C PRO A 68 15.29 -10.41 -0.36
N LYS A 69 14.59 -9.44 -0.92
CA LYS A 69 14.72 -9.10 -2.33
C LYS A 69 14.06 -7.75 -2.61
N SER A 70 14.67 -6.97 -3.53
CA SER A 70 14.05 -5.76 -4.07
C SER A 70 15.12 -4.92 -4.77
N LEU A 71 14.68 -4.12 -5.75
CA LEU A 71 15.55 -3.17 -6.42
C LEU A 71 15.26 -1.75 -5.93
N ARG A 72 14.17 -1.60 -5.18
CA ARG A 72 13.74 -0.30 -4.68
C ARG A 72 12.72 -0.45 -3.55
N GLU A 73 13.19 -0.35 -2.32
CA GLU A 73 12.29 -0.37 -1.16
C GLU A 73 11.74 1.04 -0.90
N LYS A 74 10.77 1.43 -1.70
CA LYS A 74 10.14 2.75 -1.57
C LYS A 74 9.39 2.82 -0.24
N LEU A 75 8.70 1.75 0.09
CA LEU A 75 7.93 1.67 1.33
C LEU A 75 8.77 1.03 2.44
N ALA A 76 8.79 1.66 3.60
CA ALA A 76 9.54 1.17 4.74
C ALA A 76 8.60 0.91 5.91
N SER A 77 8.45 -0.35 6.28
CA SER A 77 7.58 -0.73 7.37
C SER A 77 8.10 -0.18 8.70
N GLY A 78 7.57 0.96 9.10
CA GLY A 78 7.90 1.57 10.37
C GLY A 78 6.79 2.48 10.83
N GLN A 79 6.17 2.14 11.97
CA GLN A 79 5.05 2.92 12.48
C GLN A 79 5.55 4.28 12.98
N GLY A 80 5.62 5.23 12.06
CA GLY A 80 6.11 6.55 12.38
C GLY A 80 6.02 7.48 11.18
N GLY A 1 11.33 4.86 -21.55
CA GLY A 1 11.31 4.25 -20.20
C GLY A 1 10.28 4.90 -19.30
N PRO A 2 9.25 4.14 -18.85
CA PRO A 2 8.18 4.67 -17.99
C PRO A 2 8.74 5.39 -16.76
N GLY A 3 8.64 6.72 -16.77
CA GLY A 3 9.16 7.53 -15.68
C GLY A 3 8.54 7.17 -14.34
N SER A 4 9.22 6.31 -13.59
CA SER A 4 8.74 5.88 -12.28
C SER A 4 9.02 6.97 -11.25
N MET A 5 8.04 7.86 -11.08
CA MET A 5 8.17 9.01 -10.19
C MET A 5 7.02 9.05 -9.18
N LYS A 6 7.35 9.08 -7.90
CA LYS A 6 6.35 9.19 -6.83
C LYS A 6 6.82 10.21 -5.79
N ILE A 7 5.87 11.00 -5.27
CA ILE A 7 6.20 12.11 -4.37
C ILE A 7 5.54 11.91 -3.00
N MET A 8 6.34 12.08 -1.95
CA MET A 8 5.83 12.04 -0.58
C MET A 8 5.09 13.34 -0.26
N SER A 9 3.80 13.35 -0.56
CA SER A 9 2.97 14.54 -0.38
C SER A 9 1.56 14.15 0.02
N ASP A 10 0.80 15.11 0.56
CA ASP A 10 -0.60 14.88 0.90
C ASP A 10 -1.41 14.65 -0.37
N ASN A 11 -1.37 13.41 -0.84
CA ASN A 11 -2.05 13.02 -2.08
C ASN A 11 -3.50 12.64 -1.81
N PRO A 12 -4.38 12.73 -2.84
CA PRO A 12 -5.80 12.41 -2.68
C PRO A 12 -6.03 10.94 -2.37
N PHE A 13 -5.01 10.12 -2.62
CA PHE A 13 -5.10 8.69 -2.38
C PHE A 13 -5.02 8.39 -0.88
N ASP A 14 -4.93 9.45 -0.06
CA ASP A 14 -5.02 9.33 1.40
C ASP A 14 -6.48 9.34 1.85
N ASP A 15 -7.39 9.28 0.88
CA ASP A 15 -8.83 9.36 1.15
C ASP A 15 -9.26 8.28 2.15
N GLU A 16 -10.35 8.55 2.85
CA GLU A 16 -10.82 7.67 3.92
C GLU A 16 -11.99 6.81 3.46
N ASP A 17 -12.84 7.39 2.61
CA ASP A 17 -14.09 6.75 2.22
C ASP A 17 -13.92 5.92 0.96
N GLY A 18 -12.89 6.23 0.17
CA GLY A 18 -12.63 5.47 -1.03
C GLY A 18 -12.22 4.04 -0.70
N MET A 19 -12.64 3.11 -1.54
CA MET A 19 -12.31 1.70 -1.35
C MET A 19 -10.98 1.39 -2.05
N PHE A 20 -10.05 0.80 -1.32
CA PHE A 20 -8.73 0.48 -1.85
C PHE A 20 -8.39 -0.97 -1.49
N PHE A 21 -7.53 -1.61 -2.26
CA PHE A 21 -7.14 -3.01 -2.00
C PHE A 21 -5.72 -3.09 -1.46
N VAL A 22 -5.43 -4.19 -0.76
CA VAL A 22 -4.11 -4.41 -0.18
C VAL A 22 -3.39 -5.46 -1.00
N LEU A 23 -2.17 -5.13 -1.42
CA LEU A 23 -1.37 -5.99 -2.29
C LEU A 23 -0.18 -6.56 -1.53
N ILE A 24 0.55 -7.48 -2.18
CA ILE A 24 1.79 -8.01 -1.63
C ILE A 24 2.76 -8.34 -2.76
N ASN A 25 4.05 -8.17 -2.47
CA ASN A 25 5.10 -8.71 -3.33
C ASN A 25 5.86 -9.78 -2.58
N ASP A 26 6.48 -10.69 -3.33
CA ASP A 26 7.15 -11.88 -2.77
C ASP A 26 8.17 -11.48 -1.68
N GLU A 27 8.52 -10.20 -1.67
CA GLU A 27 9.38 -9.65 -0.62
C GLU A 27 8.60 -9.46 0.68
N GLU A 28 7.46 -10.17 0.82
CA GLU A 28 6.51 -9.97 1.91
C GLU A 28 6.11 -8.50 1.99
N GLN A 29 6.20 -7.82 0.84
CA GLN A 29 5.99 -6.38 0.81
C GLN A 29 4.51 -6.05 0.90
N HIS A 30 4.15 -5.37 1.98
CA HIS A 30 2.78 -4.90 2.18
C HIS A 30 2.59 -3.55 1.48
N SER A 31 1.45 -3.37 0.83
CA SER A 31 1.18 -2.15 0.09
C SER A 31 -0.32 -1.93 -0.04
N LEU A 32 -0.69 -0.70 -0.37
CA LEU A 32 -2.08 -0.31 -0.46
C LEU A 32 -2.30 0.39 -1.81
N TRP A 33 -3.30 -0.06 -2.56
CA TRP A 33 -3.50 0.42 -3.92
C TRP A 33 -4.95 0.85 -4.13
N PRO A 34 -5.19 2.06 -4.67
CA PRO A 34 -6.53 2.58 -4.89
C PRO A 34 -7.18 2.02 -6.15
N THR A 35 -8.51 2.00 -6.16
CA THR A 35 -9.28 1.50 -7.31
C THR A 35 -9.07 2.35 -8.56
N PHE A 36 -8.44 3.51 -8.39
CA PHE A 36 -8.22 4.46 -9.47
C PHE A 36 -7.03 4.04 -10.34
N ALA A 37 -6.34 2.97 -9.96
CA ALA A 37 -5.16 2.50 -10.68
C ALA A 37 -5.18 0.98 -10.83
N ASP A 38 -4.31 0.48 -11.72
CA ASP A 38 -4.22 -0.96 -11.99
C ASP A 38 -3.18 -1.61 -11.09
N VAL A 39 -3.36 -2.90 -10.81
CA VAL A 39 -2.43 -3.65 -9.98
C VAL A 39 -1.12 -3.91 -10.73
N PRO A 40 0.02 -3.41 -10.20
CA PRO A 40 1.32 -3.55 -10.86
C PRO A 40 1.80 -5.01 -10.93
N ALA A 41 2.25 -5.42 -12.12
CA ALA A 41 2.74 -6.77 -12.35
C ALA A 41 3.86 -7.12 -11.36
N GLY A 42 3.71 -8.26 -10.70
CA GLY A 42 4.66 -8.65 -9.67
C GLY A 42 4.03 -8.58 -8.30
N TRP A 43 3.05 -7.70 -8.16
CA TRP A 43 2.28 -7.58 -6.93
C TRP A 43 0.93 -8.26 -7.13
N ARG A 44 0.43 -8.91 -6.08
CA ARG A 44 -0.90 -9.54 -6.15
C ARG A 44 -1.80 -8.96 -5.09
N VAL A 45 -3.10 -8.99 -5.35
CA VAL A 45 -4.09 -8.52 -4.41
C VAL A 45 -4.28 -9.56 -3.31
N VAL A 46 -4.16 -9.14 -2.06
CA VAL A 46 -4.40 -10.02 -0.92
C VAL A 46 -5.74 -9.68 -0.28
N PHE A 47 -6.08 -8.40 -0.31
CA PHE A 47 -7.33 -7.91 0.26
C PHE A 47 -8.05 -7.09 -0.78
N GLY A 48 -9.32 -7.40 -1.02
CA GLY A 48 -10.10 -6.71 -2.04
C GLY A 48 -10.35 -5.26 -1.69
N GLU A 49 -10.94 -4.53 -2.63
CA GLU A 49 -11.23 -3.10 -2.43
C GLU A 49 -12.13 -2.91 -1.20
N ALA A 50 -11.54 -2.31 -0.17
CA ALA A 50 -12.22 -2.10 1.10
C ALA A 50 -11.88 -0.72 1.68
N SER A 51 -12.63 -0.30 2.69
CA SER A 51 -12.43 1.00 3.32
C SER A 51 -10.97 1.19 3.78
N ARG A 52 -10.57 2.46 3.87
CA ARG A 52 -9.20 2.85 4.24
C ARG A 52 -8.73 2.14 5.51
N ALA A 53 -9.53 2.25 6.57
CA ALA A 53 -9.13 1.76 7.89
C ALA A 53 -8.84 0.26 7.88
N SER A 54 -9.76 -0.52 7.32
CA SER A 54 -9.61 -1.97 7.26
C SER A 54 -8.31 -2.33 6.52
N CYS A 55 -8.13 -1.68 5.38
CA CYS A 55 -6.95 -1.90 4.55
C CYS A 55 -5.67 -1.56 5.31
N VAL A 56 -5.65 -0.39 5.94
CA VAL A 56 -4.48 0.06 6.70
C VAL A 56 -4.14 -0.93 7.81
N GLU A 57 -5.18 -1.43 8.46
CA GLU A 57 -5.03 -2.40 9.54
C GLU A 57 -4.41 -3.69 9.01
N TYR A 58 -4.89 -4.18 7.87
CA TYR A 58 -4.38 -5.42 7.30
C TYR A 58 -2.94 -5.23 6.83
N VAL A 59 -2.65 -4.06 6.25
CA VAL A 59 -1.28 -3.72 5.84
C VAL A 59 -0.36 -3.71 7.05
N ASP A 60 -0.87 -3.22 8.17
CA ASP A 60 -0.10 -3.13 9.41
C ASP A 60 0.33 -4.52 9.89
N GLN A 61 -0.66 -5.35 10.20
CA GLN A 61 -0.42 -6.67 10.81
C GLN A 61 0.54 -7.53 9.98
N HIS A 62 0.63 -7.24 8.68
CA HIS A 62 1.47 -8.03 7.78
C HIS A 62 2.95 -7.60 7.88
N TRP A 63 3.28 -6.83 8.92
CA TRP A 63 4.67 -6.40 9.15
C TRP A 63 5.51 -7.56 9.68
N THR A 64 4.82 -8.61 10.16
CA THR A 64 5.42 -9.76 10.86
C THR A 64 6.93 -9.92 10.59
N ASP A 65 7.28 -10.31 9.36
CA ASP A 65 8.68 -10.45 8.98
C ASP A 65 8.81 -10.43 7.45
N ILE A 66 9.70 -9.59 6.97
CA ILE A 66 9.94 -9.45 5.54
C ILE A 66 11.05 -10.39 5.09
N ARG A 67 10.88 -10.95 3.88
CA ARG A 67 11.87 -11.85 3.30
C ARG A 67 13.20 -11.13 3.01
N PRO A 68 13.17 -9.88 2.48
CA PRO A 68 14.39 -9.06 2.39
C PRO A 68 14.83 -8.57 3.77
N LYS A 69 16.04 -8.06 3.86
CA LYS A 69 16.58 -7.58 5.14
C LYS A 69 15.91 -6.25 5.53
N SER A 70 15.62 -6.10 6.82
CA SER A 70 14.83 -4.99 7.32
C SER A 70 15.63 -3.68 7.34
N LEU A 71 14.91 -2.55 7.26
CA LEU A 71 15.49 -1.23 7.37
C LEU A 71 15.23 -0.68 8.77
N ARG A 72 16.20 0.07 9.31
CA ARG A 72 16.12 0.52 10.69
C ARG A 72 15.37 1.84 10.79
N GLU A 73 14.06 1.74 11.04
CA GLU A 73 13.18 2.89 11.21
C GLU A 73 12.15 2.58 12.28
N LYS A 74 11.70 3.60 13.02
CA LYS A 74 10.74 3.39 14.11
C LYS A 74 9.55 4.33 13.98
N LEU A 75 9.67 5.34 13.10
CA LEU A 75 8.54 6.21 12.76
C LEU A 75 8.21 6.06 11.28
N ALA A 76 8.97 6.80 10.47
CA ALA A 76 8.79 6.88 9.02
C ALA A 76 9.61 8.07 8.53
N SER A 77 9.56 9.14 9.32
CA SER A 77 10.34 10.34 9.10
C SER A 77 10.43 11.10 10.42
N GLY A 78 10.90 12.33 10.38
CA GLY A 78 10.86 13.19 11.55
C GLY A 78 9.87 14.31 11.35
N GLN A 79 10.08 15.04 10.27
CA GLN A 79 9.16 16.06 9.78
C GLN A 79 9.25 16.10 8.25
N GLY A 80 10.47 15.97 7.76
CA GLY A 80 10.72 15.90 6.34
C GLY A 80 12.09 15.28 6.05
N GLY A 1 3.93 11.91 -17.53
CA GLY A 1 5.05 12.82 -17.89
C GLY A 1 6.40 12.13 -17.79
N PRO A 2 6.97 11.65 -18.92
CA PRO A 2 8.26 10.95 -18.93
C PRO A 2 9.42 11.88 -18.58
N GLY A 3 9.75 11.92 -17.29
CA GLY A 3 10.84 12.76 -16.82
C GLY A 3 10.78 12.94 -15.32
N SER A 4 11.39 14.01 -14.81
CA SER A 4 11.39 14.31 -13.39
C SER A 4 10.26 15.27 -13.05
N MET A 5 9.15 14.73 -12.55
CA MET A 5 8.01 15.53 -12.12
C MET A 5 8.05 15.69 -10.60
N LYS A 6 7.33 16.68 -10.08
CA LYS A 6 7.29 16.92 -8.65
C LYS A 6 6.30 15.96 -8.01
N ILE A 7 6.65 15.47 -6.82
CA ILE A 7 5.83 14.47 -6.12
C ILE A 7 4.38 14.94 -5.98
N MET A 8 3.45 14.03 -6.27
CA MET A 8 2.03 14.32 -6.12
C MET A 8 1.57 13.89 -4.72
N SER A 9 1.92 14.72 -3.74
CA SER A 9 1.54 14.45 -2.36
C SER A 9 0.06 14.75 -2.16
N ASP A 10 -0.44 15.76 -2.88
CA ASP A 10 -1.86 16.09 -2.88
C ASP A 10 -2.64 15.01 -3.62
N ASN A 11 -3.11 14.00 -2.90
CA ASN A 11 -3.79 12.87 -3.51
C ASN A 11 -4.98 12.43 -2.66
N PRO A 12 -6.05 11.91 -3.29
CA PRO A 12 -7.21 11.35 -2.58
C PRO A 12 -7.03 9.87 -2.27
N PHE A 13 -5.83 9.34 -2.53
CA PHE A 13 -5.54 7.92 -2.36
C PHE A 13 -5.20 7.62 -0.89
N ASP A 14 -4.80 8.66 -0.17
CA ASP A 14 -4.53 8.56 1.26
C ASP A 14 -5.73 9.11 2.04
N ASP A 15 -6.85 9.25 1.35
CA ASP A 15 -8.07 9.82 1.94
C ASP A 15 -8.91 8.73 2.59
N GLU A 16 -9.85 9.15 3.43
CA GLU A 16 -10.68 8.23 4.22
C GLU A 16 -11.88 7.71 3.42
N ASP A 17 -12.33 8.45 2.42
CA ASP A 17 -13.57 8.13 1.69
C ASP A 17 -13.32 7.08 0.60
N GLY A 18 -12.09 6.99 0.14
CA GLY A 18 -11.77 6.07 -0.94
C GLY A 18 -11.64 4.64 -0.47
N MET A 19 -12.03 3.71 -1.33
CA MET A 19 -11.85 2.28 -1.06
C MET A 19 -10.65 1.77 -1.85
N PHE A 20 -9.73 1.11 -1.18
CA PHE A 20 -8.50 0.65 -1.81
C PHE A 20 -8.24 -0.81 -1.44
N PHE A 21 -7.44 -1.50 -2.25
CA PHE A 21 -7.08 -2.89 -1.98
C PHE A 21 -5.63 -3.01 -1.52
N VAL A 22 -5.35 -4.03 -0.72
CA VAL A 22 -4.01 -4.24 -0.17
C VAL A 22 -3.31 -5.31 -0.99
N LEU A 23 -2.11 -4.98 -1.48
CA LEU A 23 -1.34 -5.89 -2.34
C LEU A 23 -0.07 -6.34 -1.63
N ILE A 24 0.60 -7.35 -2.19
CA ILE A 24 1.89 -7.79 -1.67
C ILE A 24 2.80 -8.20 -2.84
N ASN A 25 4.04 -7.70 -2.80
CA ASN A 25 5.06 -8.10 -3.76
C ASN A 25 5.86 -9.26 -3.18
N ASP A 26 6.44 -10.06 -4.05
CA ASP A 26 7.01 -11.37 -3.69
C ASP A 26 8.00 -11.29 -2.53
N GLU A 27 8.64 -10.13 -2.37
CA GLU A 27 9.53 -9.90 -1.22
C GLU A 27 8.72 -9.60 0.04
N GLU A 28 7.51 -10.16 0.13
CA GLU A 28 6.59 -9.90 1.23
C GLU A 28 6.34 -8.41 1.43
N GLN A 29 6.43 -7.64 0.35
CA GLN A 29 6.25 -6.20 0.44
C GLN A 29 4.76 -5.88 0.42
N HIS A 30 4.28 -5.34 1.52
CA HIS A 30 2.85 -5.07 1.68
C HIS A 30 2.58 -3.58 1.49
N SER A 31 1.58 -3.27 0.69
CA SER A 31 1.31 -1.91 0.27
C SER A 31 -0.16 -1.78 -0.10
N LEU A 32 -0.55 -0.61 -0.54
CA LEU A 32 -1.94 -0.27 -0.71
C LEU A 32 -2.17 0.39 -2.07
N TRP A 33 -3.22 -0.03 -2.77
CA TRP A 33 -3.45 0.39 -4.14
C TRP A 33 -4.91 0.83 -4.33
N PRO A 34 -5.15 2.01 -4.94
CA PRO A 34 -6.49 2.55 -5.12
C PRO A 34 -7.25 1.90 -6.28
N THR A 35 -8.58 1.95 -6.20
CA THR A 35 -9.46 1.38 -7.22
C THR A 35 -9.23 2.02 -8.60
N PHE A 36 -8.74 3.25 -8.57
CA PHE A 36 -8.56 4.06 -9.78
C PHE A 36 -7.39 3.56 -10.63
N ALA A 37 -6.58 2.67 -10.06
CA ALA A 37 -5.37 2.19 -10.74
C ALA A 37 -5.44 0.68 -10.97
N ASP A 38 -4.69 0.20 -11.95
CA ASP A 38 -4.64 -1.22 -12.29
C ASP A 38 -3.54 -1.92 -11.49
N VAL A 39 -3.73 -3.21 -11.25
CA VAL A 39 -2.82 -3.99 -10.42
C VAL A 39 -1.48 -4.22 -11.12
N PRO A 40 -0.37 -3.70 -10.56
CA PRO A 40 0.97 -3.86 -11.15
C PRO A 40 1.46 -5.32 -11.04
N ALA A 41 1.96 -5.84 -12.15
CA ALA A 41 2.43 -7.22 -12.21
C ALA A 41 3.50 -7.48 -11.15
N GLY A 42 3.30 -8.52 -10.37
CA GLY A 42 4.19 -8.85 -9.28
C GLY A 42 3.57 -8.54 -7.92
N TRP A 43 2.67 -7.57 -7.91
CA TRP A 43 1.96 -7.19 -6.69
C TRP A 43 0.60 -7.87 -6.65
N ARG A 44 0.53 -8.97 -5.93
CA ARG A 44 -0.68 -9.79 -5.89
C ARG A 44 -1.62 -9.29 -4.79
N VAL A 45 -2.92 -9.35 -5.07
CA VAL A 45 -3.93 -8.83 -4.14
C VAL A 45 -4.06 -9.74 -2.92
N VAL A 46 -3.99 -9.14 -1.74
CA VAL A 46 -4.22 -9.87 -0.50
C VAL A 46 -5.57 -9.50 0.09
N PHE A 47 -5.95 -8.24 -0.09
CA PHE A 47 -7.22 -7.73 0.41
C PHE A 47 -7.89 -6.91 -0.70
N GLY A 48 -9.17 -7.16 -0.94
CA GLY A 48 -9.89 -6.45 -1.99
C GLY A 48 -10.19 -5.02 -1.61
N GLU A 49 -10.81 -4.29 -2.54
CA GLU A 49 -11.18 -2.89 -2.32
C GLU A 49 -12.05 -2.75 -1.07
N ALA A 50 -11.54 -2.01 -0.09
CA ALA A 50 -12.22 -1.81 1.19
C ALA A 50 -11.92 -0.43 1.75
N SER A 51 -12.68 -0.01 2.76
CA SER A 51 -12.46 1.26 3.42
C SER A 51 -11.01 1.38 3.92
N ARG A 52 -10.42 2.55 3.73
CA ARG A 52 -9.00 2.80 3.97
C ARG A 52 -8.57 2.31 5.36
N ALA A 53 -9.38 2.57 6.38
CA ALA A 53 -9.05 2.18 7.75
C ALA A 53 -8.91 0.66 7.89
N SER A 54 -9.80 -0.07 7.22
CA SER A 54 -9.76 -1.53 7.25
C SER A 54 -8.49 -2.01 6.55
N CYS A 55 -8.18 -1.38 5.43
CA CYS A 55 -6.97 -1.67 4.66
C CYS A 55 -5.73 -1.51 5.54
N VAL A 56 -5.62 -0.36 6.20
CA VAL A 56 -4.49 -0.07 7.07
C VAL A 56 -4.41 -1.07 8.22
N GLU A 57 -5.57 -1.43 8.75
CA GLU A 57 -5.67 -2.41 9.83
C GLU A 57 -5.04 -3.72 9.39
N TYR A 58 -5.40 -4.18 8.20
CA TYR A 58 -4.87 -5.44 7.68
C TYR A 58 -3.37 -5.33 7.40
N VAL A 59 -2.97 -4.23 6.76
CA VAL A 59 -1.55 -3.95 6.50
C VAL A 59 -0.74 -4.01 7.80
N ASP A 60 -1.31 -3.47 8.88
CA ASP A 60 -0.65 -3.45 10.18
C ASP A 60 -0.36 -4.87 10.67
N GLN A 61 -1.37 -5.74 10.57
CA GLN A 61 -1.22 -7.13 11.01
C GLN A 61 -0.17 -7.85 10.17
N HIS A 62 -0.16 -7.56 8.87
CA HIS A 62 0.78 -8.18 7.94
C HIS A 62 2.03 -7.31 7.76
N TRP A 63 2.19 -6.32 8.64
CA TRP A 63 3.40 -5.49 8.65
C TRP A 63 4.56 -6.31 9.19
N THR A 64 4.25 -7.20 10.14
CA THR A 64 5.23 -8.06 10.76
C THR A 64 5.74 -9.12 9.79
N ASP A 65 7.03 -9.43 9.89
CA ASP A 65 7.67 -10.50 9.10
C ASP A 65 7.77 -10.13 7.62
N ILE A 66 8.99 -9.81 7.18
CA ILE A 66 9.27 -9.45 5.79
C ILE A 66 10.39 -10.34 5.25
N ARG A 67 10.32 -10.67 3.95
CA ARG A 67 11.25 -11.64 3.37
C ARG A 67 12.71 -11.14 3.40
N PRO A 68 13.03 -9.99 2.75
CA PRO A 68 14.41 -9.47 2.73
C PRO A 68 14.78 -8.76 4.03
N LYS A 69 15.99 -8.22 4.08
CA LYS A 69 16.48 -7.53 5.28
C LYS A 69 16.17 -6.03 5.18
N SER A 70 15.25 -5.68 4.27
CA SER A 70 14.91 -4.29 4.00
C SER A 70 14.07 -3.69 5.13
N LEU A 71 14.68 -2.80 5.90
CA LEU A 71 13.98 -2.11 6.99
C LEU A 71 13.78 -0.64 6.63
N ARG A 72 12.62 -0.09 6.98
CA ARG A 72 12.28 1.30 6.69
C ARG A 72 12.00 2.07 7.98
N GLU A 73 12.59 3.26 8.10
CA GLU A 73 12.37 4.12 9.26
C GLU A 73 10.90 4.57 9.29
N LYS A 74 10.22 4.20 10.36
CA LYS A 74 8.81 4.56 10.53
C LYS A 74 8.72 5.99 11.05
N LEU A 75 8.98 6.94 10.16
CA LEU A 75 8.91 8.36 10.50
C LEU A 75 7.46 8.83 10.33
N ALA A 76 7.00 8.88 9.09
CA ALA A 76 5.63 9.26 8.78
C ALA A 76 4.69 8.09 9.03
N SER A 77 3.60 8.34 9.74
CA SER A 77 2.63 7.30 10.04
C SER A 77 1.74 7.04 8.82
N GLY A 78 0.82 7.96 8.56
CA GLY A 78 -0.09 7.82 7.43
C GLY A 78 -1.25 8.80 7.52
N GLN A 79 -0.99 10.05 7.13
CA GLN A 79 -1.99 11.11 7.19
C GLN A 79 -1.50 12.34 6.43
N GLY A 80 -2.40 13.29 6.21
CA GLY A 80 -2.06 14.50 5.50
C GLY A 80 -3.00 15.64 5.86
N GLY A 1 11.08 18.64 -15.25
CA GLY A 1 12.18 18.15 -14.39
C GLY A 1 12.56 16.71 -14.72
N PRO A 2 13.83 16.44 -15.11
CA PRO A 2 14.29 15.09 -15.44
C PRO A 2 14.16 14.14 -14.24
N GLY A 3 13.28 13.15 -14.36
CA GLY A 3 13.04 12.23 -13.26
C GLY A 3 12.11 12.81 -12.22
N SER A 4 12.46 14.00 -11.73
CA SER A 4 11.66 14.72 -10.73
C SER A 4 10.26 15.07 -11.26
N MET A 5 10.04 14.80 -12.54
CA MET A 5 8.72 14.98 -13.15
C MET A 5 7.66 14.12 -12.44
N LYS A 6 8.10 13.00 -11.88
CA LYS A 6 7.20 12.09 -11.18
C LYS A 6 6.94 12.61 -9.77
N ILE A 7 5.97 13.50 -9.65
CA ILE A 7 5.60 14.09 -8.36
C ILE A 7 4.29 13.52 -7.86
N MET A 8 3.88 13.96 -6.67
CA MET A 8 2.61 13.53 -6.10
C MET A 8 1.48 14.35 -6.71
N SER A 9 1.10 14.00 -7.94
CA SER A 9 0.02 14.69 -8.64
C SER A 9 -1.27 14.60 -7.84
N ASP A 10 -1.59 13.39 -7.39
CA ASP A 10 -2.80 13.11 -6.62
C ASP A 10 -2.55 11.97 -5.65
N ASN A 11 -2.89 12.18 -4.38
CA ASN A 11 -2.82 11.12 -3.37
C ASN A 11 -4.23 10.72 -2.94
N PRO A 12 -4.88 9.82 -3.70
CA PRO A 12 -6.27 9.42 -3.44
C PRO A 12 -6.37 8.31 -2.39
N PHE A 13 -5.24 7.65 -2.14
CA PHE A 13 -5.19 6.52 -1.21
C PHE A 13 -5.18 7.02 0.24
N ASP A 14 -5.19 8.35 0.40
CA ASP A 14 -5.26 8.97 1.73
C ASP A 14 -6.73 9.12 2.15
N ASP A 15 -7.62 9.04 1.17
CA ASP A 15 -9.06 9.21 1.41
C ASP A 15 -9.59 8.02 2.22
N GLU A 16 -10.73 8.23 2.89
CA GLU A 16 -11.29 7.21 3.78
C GLU A 16 -12.61 6.66 3.25
N ASP A 17 -13.23 7.41 2.35
CA ASP A 17 -14.55 7.04 1.81
C ASP A 17 -14.43 6.14 0.59
N GLY A 18 -13.24 6.11 -0.01
CA GLY A 18 -12.99 5.23 -1.14
C GLY A 18 -12.65 3.82 -0.70
N MET A 19 -12.76 2.87 -1.62
CA MET A 19 -12.42 1.48 -1.34
C MET A 19 -11.10 1.14 -2.00
N PHE A 20 -10.16 0.60 -1.24
CA PHE A 20 -8.82 0.32 -1.76
C PHE A 20 -8.45 -1.13 -1.43
N PHE A 21 -7.52 -1.69 -2.20
CA PHE A 21 -7.09 -3.08 -2.00
C PHE A 21 -5.66 -3.14 -1.46
N VAL A 22 -5.34 -4.22 -0.75
CA VAL A 22 -4.01 -4.42 -0.22
C VAL A 22 -3.32 -5.52 -1.03
N LEU A 23 -2.18 -5.16 -1.60
CA LEU A 23 -1.42 -6.06 -2.47
C LEU A 23 -0.26 -6.68 -1.70
N ILE A 24 0.45 -7.60 -2.35
CA ILE A 24 1.66 -8.17 -1.77
C ILE A 24 2.60 -8.64 -2.87
N ASN A 25 3.90 -8.49 -2.63
CA ASN A 25 4.91 -9.15 -3.43
C ASN A 25 5.42 -10.33 -2.61
N ASP A 26 5.79 -11.40 -3.31
CA ASP A 26 6.03 -12.71 -2.70
C ASP A 26 7.16 -12.67 -1.67
N GLU A 27 7.85 -11.53 -1.61
CA GLU A 27 8.80 -11.24 -0.56
C GLU A 27 8.09 -10.61 0.64
N GLU A 28 6.80 -10.92 0.76
CA GLU A 28 5.96 -10.48 1.87
C GLU A 28 5.84 -8.96 1.90
N GLN A 29 6.03 -8.32 0.75
CA GLN A 29 5.95 -6.86 0.70
C GLN A 29 4.51 -6.42 0.49
N HIS A 30 3.95 -5.72 1.46
CA HIS A 30 2.56 -5.30 1.41
C HIS A 30 2.48 -3.84 0.94
N SER A 31 1.35 -3.47 0.36
CA SER A 31 1.17 -2.15 -0.22
C SER A 31 -0.32 -1.85 -0.33
N LEU A 32 -0.68 -0.59 -0.21
CA LEU A 32 -2.09 -0.19 -0.28
C LEU A 32 -2.34 0.55 -1.59
N TRP A 33 -3.20 -0.01 -2.43
CA TRP A 33 -3.43 0.52 -3.78
C TRP A 33 -4.90 0.91 -3.95
N PRO A 34 -5.19 2.08 -4.55
CA PRO A 34 -6.56 2.56 -4.73
C PRO A 34 -7.19 2.06 -6.04
N THR A 35 -8.52 2.00 -6.05
CA THR A 35 -9.28 1.59 -7.23
C THR A 35 -8.99 2.48 -8.45
N PHE A 36 -8.56 3.71 -8.17
CA PHE A 36 -8.27 4.69 -9.20
C PHE A 36 -7.04 4.31 -10.04
N ALA A 37 -6.15 3.51 -9.46
CA ALA A 37 -4.88 3.17 -10.11
C ALA A 37 -4.84 1.70 -10.52
N ASP A 38 -3.94 1.37 -11.45
CA ASP A 38 -3.78 0.00 -11.92
C ASP A 38 -2.74 -0.74 -11.07
N VAL A 39 -2.96 -2.03 -10.87
CA VAL A 39 -2.08 -2.87 -10.04
C VAL A 39 -0.73 -3.11 -10.73
N PRO A 40 0.39 -2.92 -10.00
CA PRO A 40 1.73 -3.19 -10.53
C PRO A 40 1.97 -4.70 -10.73
N ALA A 41 2.33 -5.06 -11.96
CA ALA A 41 2.61 -6.45 -12.31
C ALA A 41 3.62 -7.07 -11.34
N GLY A 42 3.26 -8.22 -10.78
CA GLY A 42 4.10 -8.89 -9.82
C GLY A 42 3.52 -8.84 -8.42
N TRP A 43 2.70 -7.83 -8.17
CA TRP A 43 2.03 -7.68 -6.88
C TRP A 43 0.61 -8.24 -6.98
N ARG A 44 0.27 -9.16 -6.08
CA ARG A 44 -1.04 -9.81 -6.09
C ARG A 44 -1.95 -9.18 -5.05
N VAL A 45 -3.24 -9.06 -5.38
CA VAL A 45 -4.23 -8.54 -4.44
C VAL A 45 -4.50 -9.57 -3.34
N VAL A 46 -4.17 -9.23 -2.10
CA VAL A 46 -4.48 -10.12 -0.97
C VAL A 46 -5.83 -9.74 -0.38
N PHE A 47 -6.08 -8.44 -0.34
CA PHE A 47 -7.32 -7.92 0.23
C PHE A 47 -8.03 -7.09 -0.84
N GLY A 48 -9.23 -7.51 -1.21
CA GLY A 48 -9.98 -6.81 -2.25
C GLY A 48 -10.29 -5.38 -1.87
N GLU A 49 -10.81 -4.60 -2.83
CA GLU A 49 -11.19 -3.22 -2.56
C GLU A 49 -12.16 -3.16 -1.39
N ALA A 50 -11.69 -2.60 -0.29
CA ALA A 50 -12.44 -2.55 0.96
C ALA A 50 -12.28 -1.19 1.62
N SER A 51 -13.11 -0.94 2.64
CA SER A 51 -13.07 0.31 3.38
C SER A 51 -11.65 0.62 3.86
N ARG A 52 -11.27 1.89 3.73
CA ARG A 52 -9.91 2.35 4.02
C ARG A 52 -9.39 1.82 5.36
N ALA A 53 -10.23 1.86 6.39
CA ALA A 53 -9.83 1.42 7.74
C ALA A 53 -9.35 -0.04 7.74
N SER A 54 -10.12 -0.91 7.10
CA SER A 54 -9.80 -2.33 7.03
C SER A 54 -8.43 -2.54 6.37
N CYS A 55 -8.23 -1.84 5.25
CA CYS A 55 -7.00 -1.92 4.49
C CYS A 55 -5.82 -1.47 5.34
N VAL A 56 -5.99 -0.33 6.03
CA VAL A 56 -4.94 0.21 6.90
C VAL A 56 -4.57 -0.80 7.99
N GLU A 57 -5.59 -1.43 8.55
CA GLU A 57 -5.40 -2.43 9.59
C GLU A 57 -4.55 -3.60 9.07
N TYR A 58 -4.91 -4.09 7.88
CA TYR A 58 -4.20 -5.24 7.29
C TYR A 58 -2.77 -4.85 6.91
N VAL A 59 -2.60 -3.66 6.38
CA VAL A 59 -1.28 -3.12 6.08
C VAL A 59 -0.46 -2.89 7.35
N ASP A 60 -1.10 -2.41 8.40
CA ASP A 60 -0.40 -2.02 9.63
C ASP A 60 0.29 -3.21 10.29
N GLN A 61 -0.34 -4.38 10.21
CA GLN A 61 0.22 -5.61 10.81
C GLN A 61 1.50 -6.05 10.10
N HIS A 62 1.89 -5.32 9.05
CA HIS A 62 3.09 -5.65 8.28
C HIS A 62 4.36 -5.58 9.14
N TRP A 63 4.19 -5.24 10.42
CA TRP A 63 5.29 -5.28 11.39
C TRP A 63 5.89 -6.69 11.44
N THR A 64 5.11 -7.66 10.98
CA THR A 64 5.58 -9.03 10.79
C THR A 64 6.92 -9.02 10.05
N ASP A 65 7.84 -9.88 10.49
CA ASP A 65 9.19 -9.92 9.94
C ASP A 65 9.17 -10.19 8.43
N ILE A 66 9.44 -9.15 7.65
CA ILE A 66 9.49 -9.26 6.19
C ILE A 66 10.89 -9.73 5.76
N ARG A 67 10.96 -10.73 4.88
CA ARG A 67 12.22 -11.40 4.59
C ARG A 67 13.27 -10.49 3.92
N PRO A 68 12.90 -9.74 2.85
CA PRO A 68 13.85 -8.83 2.16
C PRO A 68 14.30 -7.67 3.05
N LYS A 69 13.71 -7.57 4.23
CA LYS A 69 14.03 -6.54 5.22
C LYS A 69 13.57 -5.15 4.74
N SER A 70 14.23 -4.63 3.72
CA SER A 70 13.93 -3.30 3.20
C SER A 70 12.64 -3.31 2.37
N LEU A 71 11.51 -3.11 3.05
CA LEU A 71 10.22 -3.02 2.38
C LEU A 71 10.02 -1.59 1.87
N ARG A 72 10.11 -1.40 0.56
CA ARG A 72 9.89 -0.09 -0.04
C ARG A 72 8.70 -0.10 -0.98
N GLU A 73 7.79 0.84 -0.78
CA GLU A 73 6.52 0.89 -1.48
C GLU A 73 6.58 1.88 -2.64
N LYS A 74 5.59 1.82 -3.52
CA LYS A 74 5.49 2.71 -4.67
C LYS A 74 4.44 3.79 -4.41
N LEU A 75 4.29 4.73 -5.34
CA LEU A 75 3.21 5.71 -5.24
C LEU A 75 1.91 5.08 -5.71
N ALA A 76 0.92 5.15 -4.85
CA ALA A 76 -0.37 4.53 -5.09
C ALA A 76 -1.32 5.50 -5.79
N SER A 77 -1.05 5.75 -7.06
CA SER A 77 -1.86 6.65 -7.86
C SER A 77 -1.50 6.53 -9.33
N GLY A 78 -2.36 7.08 -10.19
CA GLY A 78 -2.16 7.01 -11.63
C GLY A 78 -2.98 8.05 -12.35
N GLN A 79 -3.10 7.92 -13.66
CA GLN A 79 -3.89 8.85 -14.47
C GLN A 79 -4.96 8.09 -15.24
N GLY A 80 -6.10 8.74 -15.44
CA GLY A 80 -7.21 8.13 -16.15
C GLY A 80 -8.06 9.17 -16.85
N GLY A 1 -8.00 16.76 -28.78
CA GLY A 1 -7.15 17.79 -28.12
C GLY A 1 -5.68 17.48 -28.29
N PRO A 2 -4.99 18.14 -29.24
CA PRO A 2 -3.58 17.88 -29.52
C PRO A 2 -2.67 18.40 -28.41
N GLY A 3 -2.17 17.48 -27.58
CA GLY A 3 -1.28 17.84 -26.50
C GLY A 3 -1.29 16.82 -25.39
N SER A 4 -0.19 16.73 -24.66
CA SER A 4 -0.08 15.81 -23.53
C SER A 4 -0.76 16.40 -22.30
N MET A 5 -1.77 15.71 -21.78
CA MET A 5 -2.47 16.17 -20.59
C MET A 5 -1.60 15.94 -19.35
N LYS A 6 -0.66 16.86 -19.12
CA LYS A 6 0.28 16.74 -18.01
C LYS A 6 0.04 17.88 -17.02
N ILE A 7 -0.51 17.53 -15.85
CA ILE A 7 -0.80 18.49 -14.79
C ILE A 7 -0.40 17.91 -13.43
N MET A 8 -0.51 18.72 -12.39
CA MET A 8 -0.22 18.26 -11.04
C MET A 8 -1.42 17.52 -10.46
N SER A 9 -1.35 16.18 -10.48
CA SER A 9 -2.40 15.34 -9.93
C SER A 9 -2.26 15.25 -8.41
N ASP A 10 -3.28 15.71 -7.70
CA ASP A 10 -3.31 15.62 -6.22
C ASP A 10 -3.56 14.18 -5.80
N ASN A 11 -3.13 13.83 -4.60
CA ASN A 11 -3.21 12.45 -4.12
C ASN A 11 -4.66 11.98 -4.03
N PRO A 12 -5.10 11.08 -4.94
CA PRO A 12 -6.46 10.57 -4.95
C PRO A 12 -6.65 9.47 -3.90
N PHE A 13 -5.55 8.83 -3.52
CA PHE A 13 -5.57 7.73 -2.57
C PHE A 13 -5.40 8.23 -1.14
N ASP A 14 -5.44 9.55 -0.96
CA ASP A 14 -5.27 10.15 0.36
C ASP A 14 -6.62 10.18 1.09
N ASP A 15 -7.68 9.93 0.35
CA ASP A 15 -9.04 9.91 0.90
C ASP A 15 -9.27 8.62 1.70
N GLU A 16 -10.34 8.60 2.51
CA GLU A 16 -10.66 7.44 3.34
C GLU A 16 -12.03 6.85 2.96
N ASP A 17 -12.84 7.62 2.23
CA ASP A 17 -14.17 7.16 1.82
C ASP A 17 -14.05 6.26 0.59
N GLY A 18 -12.97 6.42 -0.15
CA GLY A 18 -12.72 5.56 -1.29
C GLY A 18 -12.27 4.17 -0.87
N MET A 19 -12.66 3.17 -1.64
CA MET A 19 -12.31 1.79 -1.33
C MET A 19 -11.00 1.44 -2.03
N PHE A 20 -10.03 0.93 -1.27
CA PHE A 20 -8.71 0.61 -1.81
C PHE A 20 -8.35 -0.84 -1.48
N PHE A 21 -7.57 -1.50 -2.33
CA PHE A 21 -7.19 -2.89 -2.12
C PHE A 21 -5.78 -3.01 -1.58
N VAL A 22 -5.53 -4.10 -0.86
CA VAL A 22 -4.22 -4.34 -0.27
C VAL A 22 -3.49 -5.40 -1.09
N LEU A 23 -2.27 -5.06 -1.49
CA LEU A 23 -1.46 -5.93 -2.34
C LEU A 23 -0.23 -6.42 -1.58
N ILE A 24 0.49 -7.37 -2.16
CA ILE A 24 1.73 -7.87 -1.57
C ILE A 24 2.68 -8.36 -2.65
N ASN A 25 3.97 -8.15 -2.42
CA ASN A 25 5.00 -8.81 -3.21
C ASN A 25 5.49 -10.02 -2.44
N ASP A 26 5.97 -11.01 -3.17
CA ASP A 26 6.27 -12.33 -2.60
C ASP A 26 7.38 -12.23 -1.55
N GLU A 27 8.06 -11.09 -1.57
CA GLU A 27 9.05 -10.74 -0.56
C GLU A 27 8.37 -10.26 0.73
N GLU A 28 7.12 -10.71 0.93
CA GLU A 28 6.30 -10.29 2.07
C GLU A 28 6.22 -8.77 2.16
N GLN A 29 6.12 -8.12 1.01
CA GLN A 29 6.06 -6.65 0.97
C GLN A 29 4.61 -6.21 0.83
N HIS A 30 4.09 -5.52 1.85
CA HIS A 30 2.71 -5.07 1.85
C HIS A 30 2.57 -3.70 1.19
N SER A 31 1.44 -3.47 0.52
CA SER A 31 1.19 -2.21 -0.16
C SER A 31 -0.32 -1.95 -0.25
N LEU A 32 -0.67 -0.74 -0.65
CA LEU A 32 -2.06 -0.31 -0.73
C LEU A 32 -2.29 0.43 -2.04
N TRP A 33 -3.34 0.06 -2.77
CA TRP A 33 -3.57 0.59 -4.12
C TRP A 33 -5.03 1.00 -4.28
N PRO A 34 -5.29 2.18 -4.90
CA PRO A 34 -6.65 2.69 -5.09
C PRO A 34 -7.33 2.11 -6.34
N THR A 35 -8.66 2.09 -6.32
CA THR A 35 -9.47 1.60 -7.43
C THR A 35 -9.23 2.41 -8.70
N PHE A 36 -8.72 3.63 -8.53
CA PHE A 36 -8.50 4.55 -9.64
C PHE A 36 -7.25 4.17 -10.46
N ALA A 37 -6.63 3.04 -10.12
CA ALA A 37 -5.43 2.59 -10.82
C ALA A 37 -5.44 1.07 -11.02
N ASP A 38 -4.52 0.57 -11.84
CA ASP A 38 -4.40 -0.87 -12.09
C ASP A 38 -3.35 -1.48 -11.19
N VAL A 39 -3.55 -2.73 -10.79
CA VAL A 39 -2.62 -3.45 -9.93
C VAL A 39 -1.26 -3.62 -10.63
N PRO A 40 -0.17 -3.12 -10.01
CA PRO A 40 1.18 -3.19 -10.60
C PRO A 40 1.69 -4.62 -10.76
N ALA A 41 2.24 -4.91 -11.94
CA ALA A 41 2.76 -6.24 -12.25
C ALA A 41 3.74 -6.71 -11.19
N GLY A 42 3.52 -7.91 -10.67
CA GLY A 42 4.37 -8.47 -9.64
C GLY A 42 3.70 -8.43 -8.28
N TRP A 43 2.81 -7.46 -8.08
CA TRP A 43 2.10 -7.31 -6.82
C TRP A 43 0.75 -8.02 -6.91
N ARG A 44 0.49 -8.92 -5.97
CA ARG A 44 -0.75 -9.71 -5.98
C ARG A 44 -1.72 -9.17 -4.94
N VAL A 45 -3.01 -9.23 -5.25
CA VAL A 45 -4.06 -8.71 -4.39
C VAL A 45 -4.32 -9.66 -3.21
N VAL A 46 -4.17 -9.16 -1.99
CA VAL A 46 -4.43 -9.94 -0.80
C VAL A 46 -5.80 -9.58 -0.23
N PHE A 47 -6.19 -8.33 -0.42
CA PHE A 47 -7.47 -7.82 0.06
C PHE A 47 -8.11 -6.98 -1.04
N GLY A 48 -9.38 -7.23 -1.32
CA GLY A 48 -10.09 -6.46 -2.33
C GLY A 48 -10.29 -5.01 -1.93
N GLU A 49 -10.92 -4.22 -2.80
CA GLU A 49 -11.17 -2.81 -2.50
C GLU A 49 -12.04 -2.69 -1.23
N ALA A 50 -11.43 -2.19 -0.16
CA ALA A 50 -12.06 -2.15 1.15
C ALA A 50 -11.85 -0.78 1.81
N SER A 51 -12.62 -0.54 2.88
CA SER A 51 -12.54 0.70 3.64
C SER A 51 -11.09 0.98 4.09
N ARG A 52 -10.78 2.27 4.22
CA ARG A 52 -9.43 2.72 4.57
C ARG A 52 -8.91 2.03 5.82
N ALA A 53 -9.69 2.07 6.89
CA ALA A 53 -9.25 1.55 8.19
C ALA A 53 -8.89 0.07 8.12
N SER A 54 -9.79 -0.73 7.54
CA SER A 54 -9.56 -2.16 7.42
C SER A 54 -8.27 -2.44 6.64
N CYS A 55 -8.14 -1.75 5.51
CA CYS A 55 -6.98 -1.89 4.64
C CYS A 55 -5.70 -1.50 5.38
N VAL A 56 -5.71 -0.34 6.06
CA VAL A 56 -4.55 0.15 6.78
C VAL A 56 -4.07 -0.86 7.82
N GLU A 57 -5.01 -1.37 8.61
CA GLU A 57 -4.70 -2.35 9.65
C GLU A 57 -4.10 -3.61 9.02
N TYR A 58 -4.75 -4.09 7.97
CA TYR A 58 -4.33 -5.33 7.33
C TYR A 58 -2.93 -5.18 6.73
N VAL A 59 -2.69 -4.04 6.08
CA VAL A 59 -1.38 -3.72 5.52
C VAL A 59 -0.31 -3.81 6.61
N ASP A 60 -0.55 -3.15 7.74
CA ASP A 60 0.42 -3.09 8.82
C ASP A 60 0.80 -4.48 9.30
N GLN A 61 -0.20 -5.22 9.77
CA GLN A 61 0.01 -6.50 10.46
C GLN A 61 0.90 -7.49 9.68
N HIS A 62 1.19 -7.18 8.42
CA HIS A 62 2.04 -8.04 7.59
C HIS A 62 3.51 -7.61 7.63
N TRP A 63 3.90 -6.73 8.56
CA TRP A 63 5.32 -6.37 8.70
C TRP A 63 6.04 -7.32 9.65
N THR A 64 5.28 -8.21 10.29
CA THR A 64 5.83 -9.12 11.30
C THR A 64 7.00 -9.95 10.76
N ASP A 65 7.00 -10.21 9.46
CA ASP A 65 8.07 -10.99 8.83
C ASP A 65 8.19 -10.64 7.35
N ILE A 66 9.10 -9.73 7.05
CA ILE A 66 9.41 -9.35 5.66
C ILE A 66 10.65 -10.11 5.20
N ARG A 67 10.62 -10.59 3.95
CA ARG A 67 11.66 -11.50 3.47
C ARG A 67 13.03 -10.80 3.31
N PRO A 68 13.11 -9.68 2.53
CA PRO A 68 14.37 -8.93 2.37
C PRO A 68 14.92 -8.43 3.72
N LYS A 69 16.24 -8.36 3.81
CA LYS A 69 16.90 -7.83 5.01
C LYS A 69 16.53 -6.35 5.15
N SER A 70 15.41 -6.09 5.80
CA SER A 70 14.85 -4.75 5.89
C SER A 70 15.62 -3.90 6.90
N LEU A 71 16.52 -3.05 6.38
CA LEU A 71 17.25 -2.10 7.22
C LEU A 71 16.36 -0.88 7.49
N ARG A 72 15.36 -0.70 6.62
CA ARG A 72 14.36 0.35 6.78
C ARG A 72 13.31 -0.07 7.84
N GLU A 73 13.80 -0.58 8.96
CA GLU A 73 12.92 -1.09 10.02
C GLU A 73 12.31 0.07 10.81
N LYS A 74 11.04 -0.10 11.20
CA LYS A 74 10.32 0.86 12.03
C LYS A 74 9.27 0.12 12.86
N LEU A 75 8.49 0.87 13.64
CA LEU A 75 7.49 0.27 14.52
C LEU A 75 6.34 1.24 14.76
N ALA A 76 5.13 0.69 14.78
CA ALA A 76 3.92 1.48 14.99
C ALA A 76 3.43 1.33 16.43
N SER A 77 3.70 2.34 17.26
CA SER A 77 3.35 2.30 18.68
C SER A 77 1.86 2.06 18.86
N GLY A 78 1.51 1.25 19.85
CA GLY A 78 0.12 0.95 20.13
C GLY A 78 -0.33 -0.34 19.46
N GLN A 79 0.20 -0.62 18.27
CA GLN A 79 -0.19 -1.80 17.49
C GLN A 79 -1.69 -1.75 17.18
N GLY A 80 -2.23 -0.54 17.19
CA GLY A 80 -3.63 -0.32 16.93
C GLY A 80 -3.93 1.16 16.77
#